data_6FUW
#
_entry.id   6FUW
#
_cell.length_a   1.00
_cell.length_b   1.00
_cell.length_c   1.00
_cell.angle_alpha   90.00
_cell.angle_beta   90.00
_cell.angle_gamma   90.00
#
_symmetry.space_group_name_H-M   'P 1'
#
loop_
_entity.id
_entity.type
_entity.pdbx_description
1 polymer 'Cleavage and polyadenylation specificity factor subunit 1'
2 polymer "pre-mRNA 3' end processing protein WDR33"
3 polymer 'Cleavage and polyadenylation specificity factor subunit 4'
4 polymer "RNA (5'-R(P*AP*AP*UP*AP*AP*AP*GP*G)-3')"
5 non-polymer 'ZINC ION'
#
loop_
_entity_poly.entity_id
_entity_poly.type
_entity_poly.pdbx_seq_one_letter_code
_entity_poly.pdbx_strand_id
1 'polypeptide(L)'
;SNAMYAVYKQAHPPTGLEFSMYCNFFNNSERNLVVAGTSQLYVYRLNRDAEALTKNDRSTEGKAHREKLELAASFSFFGN
VMSMASVQLAGAKRDALLLSFKDAKLSVVEYDPGTHDLKTLSLHYFEEPELRDGFVQNVHTPRVRVDPDGRCAAMLVYGT
RLVVLPFRRESLAEEHEGLVGEGQRSSFLPSYIIDVRALDEKLLNIIDLQFLHGYYEPTLLILFEPNQTWPGRVAVRQDT
CSIVAISLNITQKVHPVIWSLTSLPFDCTQALAVPKPIGGVVVFAVNSLLYLNQSVPPYGVALNSLTTGTTAFPLRTQEG
VRITLDCAQATFISYDKMVISLKGGEIYVLTLITDGMRSVRAFHFDKAAASVLTTSMVTMEPGYLFLGSRLGNSLLLKYT
EKLQEPPASAVREAADKEEPPSKKKRVDATAGWSAAGKSVPQDEVDEIEVYGSEAQSGTQLATYSFEVCDSILNIGPCAN
AAVGEPAFLSEEFQNSPEPDLEIVVCSGHGKNGALSVLQKSIRPQVVTTFELPGCYDMWTVIAPVRKEEEDNPKGEGTEQ
EPSTTPEADDDGRRHGFLILSREDSTMILQTGQEIMELDTSGFATQGPTVFAGNIGDNRYIVQVSPLGIRLLEGVNQLHF
IPVDLGAPIVQCAVADPYVVIMSAEGHVTMFLLKSDSYGGRHHRLALHKPPLHHQSKVITLCLYRDLSGMFTTESRLGGA
RDELGGRSGPEAEGLGSETSPTVDDEEEMLYGDSGSLFSPSKEEARRSSQPPADRDPAPFRAEPTHWCLLVRENGTMEIY
QLPDWRLVFLVKNFPVGQRVLVDSSFGQPTTQGEARREEATRQGELPLVKEVLLVALGSRQSRPYLLVHVDQELLIYEAF
PHDSQLGQGNLKVRFKKVPHNINFREKKPKPSKKKAEGGGAEEGAGARGRVARFRYFEDIYGYSGVFICGPSPHWLLVTG
RGALRLHPMAIDGPVDSFAPFHNVNCPRGFLYFNRQGELRISVLPAYLSYDAPWPVRKIPLRCTAHYVAYHVESKVYAVA
TSTNTPCARIPRMTGEEKEFETIERDERYIHPQQEAFSIQLISPVSWEAIPNARIELQEWEHVTCMKTVSLRSEETVSGL
KGYVAAGTCLMQGEEVTCRGRILIMDVIEVVPEPGQPLTKNKFKVLYEKEQKGPVTALCHCNGHLVSAIGQKIFLWSLRA
SELTGMAFIDTQLYIHQMISVKNFILAADVMKSISLLRYQEESKTLSLVSRDAKPLEVYSVDFMVDNAQLGFLVSDRDRN
LMVYMYLPEAKESFGGMRLLRRADFHVGAHVNTFWRTPCRGATEGLSKKSVVWENKHITWFATLDGGIGLLLPMQEKTYR
RLLMLQNALTTMLPHHAGLNPRAFRMLHVDRRTLQNAVRNVLDGELLNRYLYLSTMERSELAKKIGTTPDIILDDLLETD
RVTAHF
;
A
2 'polypeptide(L)'
;SNAMATEIGSPPRFFHMPRFQHQAPRQLFYKRPDFAQQQAMQQLTFDGKRMRKAVNRKTIDYNPSVIKYLENRIWQRDQR
DMRAIQPDAGYYNDLVPPIGMLNNPMNAVTTKFVRTSTNKVKCPVFVVRWTPEGRRLVTGASSGEFTLWNGLTFNFETIL
QAHDSPVRAMTWSHNDMWMLTADHGGYVKYWQSNMNNVKMFQAHKEAIREASFSPTDNKFATCSDDGTVRIWDFLRCHEE
RILRGHGADVKCVDWHPTKGLVVSGSKDSQQPIKFWDPKTGQSLATLHAHKNTVMEVKLNLNGNWLLTASRDHLCKLFDI
RNLKEELQVFRGHKKEATAVAWHPVHEGLFASGGSDGSLLFWHVGVEKEVGGMEMAHEGMIWSLAWHPLGHILCSGSNDH
TSKFWTRNRPGDK
;
B
3 'polypeptide(L)'
;MQEIIASVDHIKFDLEIAVEQQLGAQPLPFPGMDKSGAAVCEFFLKAACGKGGMCPFRHISGEKTVVCKHWLRGLCKKGD
QCEFLHEYDMTKMPECYFYSKFGECSNKECPFLHIDPESKIKDCPWYDRGFCKHGPLCRHRHTRRVICVNYLVGFCPEGP
SCKFMHPRFELPMGTTEQ
;
C
4 'polyribonucleotide' ACAAUAAAGG D
#
loop_
_chem_comp.id
_chem_comp.type
_chem_comp.name
_chem_comp.formula
A RNA linking ADENOSINE-5'-MONOPHOSPHATE 'C10 H14 N5 O7 P'
C RNA linking CYTIDINE-5'-MONOPHOSPHATE 'C9 H14 N3 O8 P'
G RNA linking GUANOSINE-5'-MONOPHOSPHATE 'C10 H14 N5 O8 P'
U RNA linking URIDINE-5'-MONOPHOSPHATE 'C9 H13 N2 O9 P'
ZN non-polymer 'ZINC ION' 'Zn 2'
#
# COMPACT_ATOMS: atom_id res chain seq x y z
N ASN A 2 24.38 7.75 15.17
CA ASN A 2 24.50 6.41 14.63
C ASN A 2 23.24 6.06 13.86
N ALA A 3 23.27 6.25 12.55
CA ALA A 3 22.10 6.12 11.70
C ALA A 3 22.36 5.09 10.61
N MET A 4 21.34 4.86 9.80
CA MET A 4 21.41 3.91 8.70
C MET A 4 20.89 4.57 7.45
N TYR A 5 21.70 4.55 6.40
CA TYR A 5 21.39 5.22 5.15
C TYR A 5 20.97 4.16 4.14
N ALA A 6 20.17 4.59 3.15
CA ALA A 6 19.58 3.64 2.23
C ALA A 6 19.08 4.37 0.99
N VAL A 7 19.14 3.69 -0.14
CA VAL A 7 18.45 4.13 -1.36
C VAL A 7 17.15 3.37 -1.51
N TYR A 8 16.17 4.06 -2.05
CA TYR A 8 14.93 3.44 -2.50
C TYR A 8 14.95 3.30 -4.02
N LYS A 9 14.39 2.20 -4.52
CA LYS A 9 14.27 2.00 -5.96
C LYS A 9 12.95 1.34 -6.29
N GLN A 10 12.41 1.70 -7.45
CA GLN A 10 11.13 1.20 -7.94
C GLN A 10 11.44 0.05 -8.89
N ALA A 11 11.42 -1.17 -8.36
CA ALA A 11 11.80 -2.32 -9.16
C ALA A 11 10.75 -2.72 -10.18
N HIS A 12 9.56 -2.15 -10.10
CA HIS A 12 8.42 -2.52 -10.92
C HIS A 12 7.37 -1.43 -10.76
N PRO A 13 6.92 -0.78 -11.83
CA PRO A 13 5.92 0.26 -11.66
C PRO A 13 4.60 -0.33 -11.24
N PRO A 14 3.76 0.45 -10.56
CA PRO A 14 2.46 -0.08 -10.13
C PRO A 14 1.52 -0.23 -11.32
N THR A 15 0.52 -1.10 -11.14
CA THR A 15 -0.30 -1.59 -12.23
C THR A 15 -1.77 -1.22 -12.16
N GLY A 16 -2.36 -1.07 -10.97
CA GLY A 16 -3.79 -0.88 -10.88
C GLY A 16 -4.22 0.51 -11.34
N LEU A 17 -5.20 0.56 -12.23
CA LEU A 17 -5.75 1.82 -12.72
C LEU A 17 -6.94 2.27 -11.87
N GLU A 18 -7.10 3.58 -11.76
CA GLU A 18 -8.15 4.10 -10.88
C GLU A 18 -9.07 5.08 -11.56
N PHE A 19 -8.58 5.80 -12.55
CA PHE A 19 -9.39 6.78 -13.24
C PHE A 19 -9.29 6.50 -14.72
N SER A 20 -10.36 6.80 -15.43
CA SER A 20 -10.33 6.70 -16.87
C SER A 20 -11.10 7.88 -17.43
N MET A 21 -10.72 8.28 -18.63
CA MET A 21 -11.33 9.43 -19.27
C MET A 21 -11.06 9.31 -20.75
N TYR A 22 -11.89 9.97 -21.55
CA TYR A 22 -11.83 9.85 -22.99
C TYR A 22 -11.86 11.25 -23.57
N CYS A 23 -10.71 11.73 -24.08
CA CYS A 23 -10.58 13.14 -24.43
C CYS A 23 -9.59 13.32 -25.57
N ASN A 24 -9.55 14.56 -26.09
CA ASN A 24 -8.67 14.94 -27.18
C ASN A 24 -7.30 15.28 -26.63
N PHE A 25 -6.53 14.25 -26.29
CA PHE A 25 -5.28 14.50 -25.59
C PHE A 25 -4.24 15.08 -26.53
N PHE A 26 -4.00 14.44 -27.67
CA PHE A 26 -2.96 14.87 -28.58
C PHE A 26 -3.42 16.03 -29.45
N ASN A 27 -4.61 15.94 -30.03
CA ASN A 27 -5.12 17.01 -30.86
C ASN A 27 -6.62 16.83 -31.04
N ASN A 28 -7.23 17.75 -31.78
CA ASN A 28 -8.68 17.77 -32.00
C ASN A 28 -9.11 16.92 -33.17
N SER A 29 -8.27 16.02 -33.64
CA SER A 29 -8.68 15.11 -34.69
C SER A 29 -9.29 13.85 -34.10
N GLU A 30 -8.51 13.07 -33.38
CA GLU A 30 -9.00 11.87 -32.74
C GLU A 30 -9.09 12.10 -31.24
N ARG A 31 -9.94 11.31 -30.61
CA ARG A 31 -10.06 11.25 -29.17
C ARG A 31 -9.41 9.97 -28.68
N ASN A 32 -8.88 9.97 -27.47
CA ASN A 32 -8.27 8.74 -26.98
C ASN A 32 -8.28 8.71 -25.47
N LEU A 33 -7.83 7.58 -24.93
CA LEU A 33 -8.14 7.14 -23.59
C LEU A 33 -7.02 7.53 -22.64
N VAL A 34 -7.33 8.42 -21.70
CA VAL A 34 -6.39 8.85 -20.67
C VAL A 34 -6.76 8.10 -19.41
N VAL A 35 -5.90 7.19 -18.96
CA VAL A 35 -6.15 6.47 -17.73
C VAL A 35 -5.02 6.79 -16.76
N ALA A 36 -5.31 6.64 -15.49
CA ALA A 36 -4.41 7.06 -14.43
C ALA A 36 -4.28 5.96 -13.42
N GLY A 37 -3.38 6.14 -12.47
CA GLY A 37 -3.15 5.12 -11.48
C GLY A 37 -2.97 5.76 -10.13
N THR A 38 -1.90 5.41 -9.44
CA THR A 38 -1.49 6.24 -8.32
C THR A 38 -0.70 7.42 -8.83
N SER A 39 0.50 7.17 -9.34
CA SER A 39 1.40 8.20 -9.83
C SER A 39 1.82 7.89 -11.24
N GLN A 40 0.84 7.71 -12.13
CA GLN A 40 1.14 7.22 -13.46
C GLN A 40 0.04 7.70 -14.37
N LEU A 41 0.34 7.86 -15.64
CA LEU A 41 -0.66 8.34 -16.59
C LEU A 41 -0.37 7.68 -17.92
N TYR A 42 -1.41 7.17 -18.58
CA TYR A 42 -1.27 6.38 -19.78
C TYR A 42 -2.27 6.88 -20.79
N VAL A 43 -1.81 7.31 -21.95
CA VAL A 43 -2.69 7.69 -23.04
C VAL A 43 -2.62 6.58 -24.06
N TYR A 44 -3.74 5.88 -24.25
CA TYR A 44 -3.87 4.78 -25.18
C TYR A 44 -4.65 5.23 -26.40
N ARG A 45 -4.28 4.63 -27.52
CA ARG A 45 -4.89 4.87 -28.82
C ARG A 45 -5.63 3.60 -29.25
N LEU A 46 -6.92 3.73 -29.53
CA LEU A 46 -7.73 2.58 -29.91
C LEU A 46 -7.49 2.23 -31.36
N ASN A 47 -7.03 1.01 -31.59
CA ASN A 47 -6.85 0.48 -32.92
C ASN A 47 -8.08 -0.33 -33.32
N ARG A 48 -8.16 -0.65 -34.60
CA ARG A 48 -9.28 -1.43 -35.11
C ARG A 48 -8.81 -2.51 -36.07
N ASP A 49 -7.50 -2.75 -36.15
CA ASP A 49 -6.92 -3.77 -37.02
C ASP A 49 -5.86 -4.54 -36.24
N ALA A 50 -5.17 -5.42 -36.96
CA ALA A 50 -4.11 -6.26 -36.41
C ALA A 50 -4.64 -7.12 -35.27
N ARG A 66 -10.09 -7.32 -34.91
CA ARG A 66 -9.16 -7.51 -33.81
C ARG A 66 -8.72 -6.19 -33.23
N GLU A 67 -9.42 -5.75 -32.20
CA GLU A 67 -9.13 -4.50 -31.55
C GLU A 67 -8.12 -4.68 -30.43
N LYS A 68 -7.15 -3.79 -30.38
CA LYS A 68 -6.23 -3.70 -29.27
C LYS A 68 -5.96 -2.22 -29.03
N LEU A 69 -5.44 -1.91 -27.85
CA LEU A 69 -5.15 -0.56 -27.42
C LEU A 69 -3.65 -0.34 -27.50
N GLU A 70 -3.22 0.68 -28.24
CA GLU A 70 -1.81 0.99 -28.39
C GLU A 70 -1.43 2.10 -27.42
N LEU A 71 -0.46 1.82 -26.55
CA LEU A 71 0.05 2.82 -25.62
C LEU A 71 0.71 3.96 -26.36
N ALA A 72 0.05 5.13 -26.42
CA ALA A 72 0.58 6.28 -27.15
C ALA A 72 1.53 7.12 -26.32
N ALA A 73 1.27 7.30 -25.03
CA ALA A 73 2.16 8.08 -24.18
C ALA A 73 2.05 7.60 -22.74
N SER A 74 3.10 7.82 -21.95
CA SER A 74 3.07 7.43 -20.54
C SER A 74 3.98 8.33 -19.71
N PHE A 75 3.43 8.83 -18.61
CA PHE A 75 4.08 9.82 -17.76
C PHE A 75 4.01 9.35 -16.32
N SER A 76 4.94 9.81 -15.49
CA SER A 76 4.89 9.53 -14.07
C SER A 76 5.12 10.81 -13.28
N PHE A 77 4.58 10.85 -12.07
CA PHE A 77 4.53 12.05 -11.26
C PHE A 77 5.19 11.82 -9.91
N PHE A 78 5.61 12.91 -9.29
CA PHE A 78 5.95 12.91 -7.88
C PHE A 78 4.72 13.31 -7.06
N GLY A 79 3.68 12.51 -7.18
CA GLY A 79 2.44 12.72 -6.47
C GLY A 79 1.36 11.74 -6.84
N ASN A 80 0.68 11.19 -5.84
CA ASN A 80 -0.44 10.29 -6.08
C ASN A 80 -1.62 11.09 -6.59
N VAL A 81 -2.12 10.73 -7.77
CA VAL A 81 -3.26 11.45 -8.33
C VAL A 81 -4.49 11.09 -7.52
N MET A 82 -5.21 12.11 -7.06
CA MET A 82 -6.44 11.88 -6.31
C MET A 82 -7.68 12.21 -7.10
N SER A 83 -7.56 12.91 -8.22
CA SER A 83 -8.70 12.99 -9.14
C SER A 83 -8.22 13.52 -10.48
N MET A 84 -9.09 13.46 -11.47
CA MET A 84 -8.71 13.82 -12.83
C MET A 84 -9.93 14.32 -13.59
N ALA A 85 -9.75 15.36 -14.40
CA ALA A 85 -10.82 15.86 -15.25
C ALA A 85 -10.22 16.48 -16.50
N SER A 86 -11.06 16.74 -17.51
CA SER A 86 -10.61 17.30 -18.77
C SER A 86 -11.39 18.53 -19.13
N VAL A 87 -10.79 19.43 -19.90
CA VAL A 87 -11.51 20.61 -20.36
C VAL A 87 -10.97 21.06 -21.71
N GLN A 88 -11.85 21.69 -22.49
CA GLN A 88 -11.51 22.27 -23.78
C GLN A 88 -11.53 23.78 -23.60
N LEU A 89 -10.35 24.38 -23.51
CA LEU A 89 -10.23 25.79 -23.19
C LEU A 89 -10.64 26.63 -24.39
N ALA A 90 -10.34 27.92 -24.34
CA ALA A 90 -10.88 28.87 -25.33
C ALA A 90 -10.21 28.75 -26.68
N GLY A 91 -8.94 29.12 -26.76
CA GLY A 91 -8.19 29.08 -28.00
C GLY A 91 -7.26 27.89 -28.14
N ALA A 92 -7.43 26.85 -27.33
CA ALA A 92 -6.55 25.69 -27.34
C ALA A 92 -6.93 24.73 -28.45
N LYS A 93 -5.96 23.92 -28.85
CA LYS A 93 -6.10 22.95 -29.92
C LYS A 93 -5.99 21.52 -29.40
N ARG A 94 -6.44 21.30 -28.17
CA ARG A 94 -6.38 20.04 -27.45
C ARG A 94 -7.01 20.29 -26.09
N ASP A 95 -7.35 19.23 -25.40
CA ASP A 95 -7.91 19.35 -24.06
C ASP A 95 -6.81 19.39 -23.02
N ALA A 96 -7.02 20.18 -21.98
CA ALA A 96 -6.14 20.24 -20.83
C ALA A 96 -6.65 19.33 -19.72
N LEU A 97 -5.72 18.72 -19.00
CA LEU A 97 -6.06 17.83 -17.90
C LEU A 97 -5.91 18.56 -16.58
N LEU A 98 -6.99 18.57 -15.79
CA LEU A 98 -7.01 19.13 -14.44
C LEU A 98 -6.81 17.97 -13.47
N LEU A 99 -5.64 17.87 -12.87
CA LEU A 99 -5.31 16.77 -11.97
C LEU A 99 -5.34 17.27 -10.55
N SER A 100 -5.60 16.35 -9.61
CA SER A 100 -5.74 16.68 -8.21
C SER A 100 -4.89 15.75 -7.37
N PHE A 101 -4.06 16.36 -6.52
CA PHE A 101 -3.06 15.76 -5.66
C PHE A 101 -3.36 16.11 -4.19
N LYS A 102 -2.42 15.80 -3.32
CA LYS A 102 -2.65 15.62 -1.89
C LYS A 102 -3.07 16.91 -1.18
N ASP A 103 -4.26 16.87 -0.58
CA ASP A 103 -4.85 17.80 0.39
C ASP A 103 -5.29 19.14 -0.15
N ALA A 104 -4.57 19.67 -1.13
CA ALA A 104 -5.04 20.71 -2.02
C ALA A 104 -3.93 20.96 -3.00
N LYS A 105 -4.11 20.55 -4.24
CA LYS A 105 -3.17 20.87 -5.31
C LYS A 105 -3.97 20.65 -6.58
N LEU A 106 -4.28 21.70 -7.29
CA LEU A 106 -4.94 21.57 -8.58
C LEU A 106 -3.96 21.99 -9.66
N SER A 107 -3.55 21.04 -10.48
CA SER A 107 -2.51 21.27 -11.46
C SER A 107 -3.09 21.04 -12.84
N VAL A 108 -3.06 22.05 -13.69
CA VAL A 108 -3.61 21.97 -15.04
C VAL A 108 -2.46 21.84 -16.02
N VAL A 109 -2.40 20.70 -16.72
CA VAL A 109 -1.30 20.35 -17.61
C VAL A 109 -1.85 20.03 -18.99
N GLU A 110 -0.93 19.88 -19.96
CA GLU A 110 -1.29 19.80 -21.36
C GLU A 110 -0.23 19.00 -22.12
N TYR A 111 -0.49 18.72 -23.39
CA TYR A 111 0.48 18.06 -24.25
C TYR A 111 1.32 19.07 -25.02
N ASP A 112 2.64 18.83 -25.07
CA ASP A 112 3.60 19.69 -25.71
C ASP A 112 3.97 19.09 -27.07
N PRO A 113 3.37 19.54 -28.17
CA PRO A 113 3.54 18.82 -29.43
C PRO A 113 4.91 18.98 -30.06
N GLY A 114 5.64 20.03 -29.71
CA GLY A 114 6.97 20.24 -30.26
C GLY A 114 8.06 19.50 -29.56
N THR A 115 7.79 18.96 -28.39
CA THR A 115 8.75 18.14 -27.68
C THR A 115 8.18 16.81 -27.25
N HIS A 116 6.91 16.53 -27.55
CA HIS A 116 6.30 15.24 -27.24
C HIS A 116 6.41 14.94 -25.74
N ASP A 117 5.92 15.88 -24.94
CA ASP A 117 5.97 15.71 -23.50
C ASP A 117 4.77 16.45 -22.92
N LEU A 118 4.78 16.66 -21.61
CA LEU A 118 3.62 17.18 -20.89
C LEU A 118 4.01 18.48 -20.21
N LYS A 119 3.41 19.58 -20.67
CA LYS A 119 3.67 20.92 -20.16
C LYS A 119 2.68 21.28 -19.05
N THR A 120 3.17 22.04 -18.07
CA THR A 120 2.35 22.48 -16.94
C THR A 120 1.80 23.87 -17.22
N LEU A 121 0.48 23.98 -17.34
CA LEU A 121 -0.12 25.28 -17.60
C LEU A 121 -0.26 26.11 -16.33
N SER A 122 -0.69 25.50 -15.23
CA SER A 122 -0.81 26.26 -13.98
C SER A 122 -0.86 25.33 -12.79
N LEU A 123 -0.54 25.88 -11.62
CA LEU A 123 -0.49 25.11 -10.38
C LEU A 123 -1.10 25.92 -9.25
N HIS A 124 -2.03 25.31 -8.50
CA HIS A 124 -2.78 26.01 -7.47
C HIS A 124 -2.64 25.26 -6.16
N TYR A 125 -2.10 25.93 -5.15
CA TYR A 125 -1.99 25.43 -3.80
C TYR A 125 -3.09 26.04 -2.95
N PHE A 126 -3.93 25.22 -2.35
CA PHE A 126 -4.95 25.75 -1.45
C PHE A 126 -4.75 25.17 -0.07
N GLU A 127 -3.52 25.16 0.40
CA GLU A 127 -3.13 24.52 1.64
C GLU A 127 -2.70 25.61 2.62
N GLU A 128 -3.66 26.13 3.37
CA GLU A 128 -3.39 27.08 4.44
C GLU A 128 -4.18 26.66 5.67
N PRO A 129 -3.56 26.64 6.86
CA PRO A 129 -4.23 26.10 8.05
C PRO A 129 -5.50 26.83 8.42
N GLU A 130 -5.76 28.00 7.83
CA GLU A 130 -7.03 28.67 8.02
C GLU A 130 -8.17 27.89 7.40
N LEU A 131 -7.88 26.99 6.47
CA LEU A 131 -8.90 26.29 5.72
C LEU A 131 -9.30 24.97 6.36
N ARG A 132 -8.51 24.46 7.29
CA ARG A 132 -8.85 23.20 7.94
C ARG A 132 -9.80 23.35 9.11
N ASP A 133 -9.98 24.55 9.64
CA ASP A 133 -10.93 24.83 10.72
C ASP A 133 -10.56 24.14 12.02
N GLY A 134 -9.34 23.68 12.18
CA GLY A 134 -8.94 23.09 13.44
C GLY A 134 -8.45 21.66 13.33
N PHE A 135 -9.09 20.86 12.50
CA PHE A 135 -8.78 19.43 12.41
C PHE A 135 -7.42 19.23 11.75
N VAL A 136 -6.56 18.45 12.38
CA VAL A 136 -5.25 18.20 11.77
C VAL A 136 -5.31 17.06 10.76
N GLN A 137 -6.09 16.03 11.01
CA GLN A 137 -6.12 14.89 10.09
C GLN A 137 -7.15 15.14 8.99
N ASN A 138 -6.78 14.75 7.77
CA ASN A 138 -7.59 14.97 6.60
C ASN A 138 -8.14 13.62 6.15
N VAL A 139 -9.46 13.52 6.04
CA VAL A 139 -10.12 12.34 5.53
C VAL A 139 -10.96 12.62 4.30
N HIS A 140 -10.96 13.86 3.83
CA HIS A 140 -11.84 14.31 2.75
C HIS A 140 -10.99 14.61 1.52
N THR A 141 -11.01 13.69 0.54
CA THR A 141 -10.13 13.81 -0.61
C THR A 141 -10.61 14.90 -1.55
N PRO A 142 -9.72 15.50 -2.31
CA PRO A 142 -10.14 16.49 -3.30
C PRO A 142 -11.01 15.87 -4.37
N ARG A 143 -11.96 16.65 -4.87
CA ARG A 143 -12.89 16.17 -5.88
C ARG A 143 -13.13 17.30 -6.86
N VAL A 144 -12.75 17.08 -8.12
CA VAL A 144 -12.75 18.10 -9.16
C VAL A 144 -13.82 17.77 -10.18
N ARG A 145 -14.71 18.73 -10.40
CA ARG A 145 -15.79 18.61 -11.35
C ARG A 145 -15.68 19.73 -12.37
N VAL A 146 -16.21 19.50 -13.57
CA VAL A 146 -16.14 20.47 -14.64
C VAL A 146 -17.52 20.65 -15.23
N ASP A 147 -17.89 21.89 -15.52
CA ASP A 147 -19.13 22.17 -16.20
C ASP A 147 -19.12 21.53 -17.59
N PRO A 148 -20.27 21.03 -18.06
CA PRO A 148 -20.30 20.45 -19.41
C PRO A 148 -19.90 21.43 -20.50
N ASP A 149 -20.25 22.70 -20.35
CA ASP A 149 -19.93 23.71 -21.34
C ASP A 149 -18.59 24.39 -21.06
N GLY A 150 -17.72 23.74 -20.31
CA GLY A 150 -16.35 24.23 -20.14
C GLY A 150 -16.26 25.68 -19.69
N ARG A 151 -17.15 26.09 -18.81
CA ARG A 151 -17.22 27.47 -18.37
C ARG A 151 -16.71 27.70 -16.96
N CYS A 152 -16.44 26.63 -16.21
CA CYS A 152 -15.77 26.75 -14.91
C CYS A 152 -15.45 25.35 -14.41
N ALA A 153 -14.72 25.29 -13.31
CA ALA A 153 -14.43 24.03 -12.65
C ALA A 153 -14.54 24.25 -11.15
N ALA A 154 -14.74 23.17 -10.42
CA ALA A 154 -14.93 23.21 -8.98
C ALA A 154 -14.10 22.12 -8.34
N MET A 155 -13.62 22.40 -7.13
CA MET A 155 -12.79 21.44 -6.39
C MET A 155 -13.17 21.51 -4.93
N LEU A 156 -13.65 20.41 -4.37
CA LEU A 156 -14.11 20.39 -3.00
C LEU A 156 -12.95 19.99 -2.10
N VAL A 157 -12.36 20.95 -1.42
CA VAL A 157 -11.16 20.74 -0.63
C VAL A 157 -11.54 20.73 0.84
N TYR A 158 -10.94 19.82 1.60
CA TYR A 158 -11.12 19.72 3.04
C TYR A 158 -12.55 19.44 3.46
N GLY A 159 -13.39 18.97 2.54
CA GLY A 159 -14.73 18.64 2.91
C GLY A 159 -15.58 19.84 3.24
N THR A 160 -15.00 21.03 3.16
CA THR A 160 -15.75 22.26 3.45
C THR A 160 -15.60 23.32 2.38
N ARG A 161 -14.40 23.55 1.86
CA ARG A 161 -14.10 24.72 1.06
C ARG A 161 -14.26 24.39 -0.41
N LEU A 162 -15.22 25.01 -1.07
CA LEU A 162 -15.47 24.76 -2.48
C LEU A 162 -14.72 25.79 -3.30
N VAL A 163 -13.64 25.36 -3.95
CA VAL A 163 -12.82 26.25 -4.76
C VAL A 163 -13.43 26.33 -6.15
N VAL A 164 -13.60 27.55 -6.66
CA VAL A 164 -14.19 27.77 -7.97
C VAL A 164 -13.12 28.39 -8.85
N LEU A 165 -12.95 27.83 -10.05
CA LEU A 165 -11.97 28.29 -11.02
C LEU A 165 -12.67 28.59 -12.34
N PRO A 166 -12.89 29.85 -12.67
CA PRO A 166 -13.44 30.18 -13.98
C PRO A 166 -12.41 29.93 -15.08
N PHE A 167 -12.89 29.90 -16.32
CA PHE A 167 -12.03 29.88 -17.48
C PHE A 167 -12.41 31.03 -18.38
N ARG A 168 -11.42 31.65 -19.00
CA ARG A 168 -11.69 32.79 -19.86
C ARG A 168 -12.49 32.36 -21.08
N ARG A 169 -13.32 33.27 -21.57
CA ARG A 169 -14.16 33.03 -22.73
C ARG A 169 -13.37 32.66 -23.96
N SER A 186 -4.30 34.28 -21.66
CA SER A 186 -4.55 33.41 -20.52
C SER A 186 -6.03 33.05 -20.35
N SER A 187 -6.32 31.76 -20.44
CA SER A 187 -7.69 31.27 -20.30
C SER A 187 -8.09 31.01 -18.86
N PHE A 188 -7.42 31.64 -17.90
CA PHE A 188 -7.70 31.40 -16.49
C PHE A 188 -7.98 32.73 -15.80
N LEU A 189 -8.65 32.64 -14.68
CA LEU A 189 -9.03 33.79 -13.86
C LEU A 189 -8.68 33.49 -12.42
N PRO A 190 -8.72 34.49 -11.55
CA PRO A 190 -8.43 34.23 -10.13
C PRO A 190 -9.49 33.32 -9.51
N SER A 191 -9.06 32.17 -9.03
CA SER A 191 -9.95 31.27 -8.33
C SER A 191 -10.45 31.95 -7.06
N TYR A 192 -11.54 31.42 -6.52
CA TYR A 192 -11.99 31.92 -5.22
C TYR A 192 -12.64 30.80 -4.42
N ILE A 193 -12.49 30.87 -3.13
CA ILE A 193 -12.99 29.85 -2.22
C ILE A 193 -14.40 30.21 -1.78
N ILE A 194 -15.19 29.19 -1.47
CA ILE A 194 -16.52 29.36 -0.90
C ILE A 194 -16.58 28.52 0.36
N ASP A 195 -17.10 29.10 1.44
CA ASP A 195 -17.54 28.32 2.59
C ASP A 195 -18.89 27.70 2.24
N VAL A 196 -18.90 26.38 2.07
CA VAL A 196 -20.12 25.72 1.64
C VAL A 196 -21.12 25.68 2.78
N ARG A 197 -20.63 25.83 4.02
CA ARG A 197 -21.46 25.82 5.21
C ARG A 197 -21.84 27.21 5.67
N ALA A 198 -21.33 28.25 5.02
CA ALA A 198 -21.83 29.60 5.23
C ALA A 198 -23.08 29.88 4.43
N LEU A 199 -23.36 29.07 3.41
CA LEU A 199 -24.55 29.28 2.61
C LEU A 199 -25.80 29.03 3.44
N ASP A 200 -26.89 29.65 3.02
CA ASP A 200 -28.19 29.29 3.55
C ASP A 200 -28.40 27.79 3.37
N GLU A 201 -29.08 27.18 4.33
CA GLU A 201 -29.14 25.72 4.45
C GLU A 201 -27.73 25.14 4.60
N LYS A 202 -27.10 25.52 5.70
CA LYS A 202 -25.76 25.07 6.09
C LYS A 202 -25.54 23.60 5.75
N LEU A 203 -24.51 23.35 4.95
CA LEU A 203 -24.15 22.00 4.55
C LEU A 203 -23.23 21.36 5.56
N LEU A 204 -23.38 20.05 5.72
CA LEU A 204 -22.48 19.26 6.53
C LEU A 204 -22.46 17.87 5.95
N ASN A 205 -21.31 17.20 6.02
CA ASN A 205 -21.18 15.82 5.57
C ASN A 205 -21.63 15.68 4.11
N ILE A 206 -20.83 16.22 3.22
CA ILE A 206 -21.13 16.18 1.80
C ILE A 206 -20.79 14.80 1.26
N ILE A 207 -21.74 14.21 0.52
CA ILE A 207 -21.62 12.88 -0.07
C ILE A 207 -20.93 12.98 -1.43
N ASP A 208 -21.57 13.63 -2.38
CA ASP A 208 -21.01 13.78 -3.71
C ASP A 208 -21.64 14.97 -4.39
N LEU A 209 -20.92 15.55 -5.34
CA LEU A 209 -21.32 16.77 -6.03
C LEU A 209 -21.16 16.60 -7.52
N GLN A 210 -22.01 17.30 -8.28
CA GLN A 210 -22.01 17.21 -9.73
C GLN A 210 -22.51 18.52 -10.31
N PHE A 211 -22.23 18.74 -11.57
CA PHE A 211 -22.86 19.79 -12.36
C PHE A 211 -24.01 19.20 -13.14
N LEU A 212 -25.05 19.99 -13.36
CA LEU A 212 -26.18 19.52 -14.11
C LEU A 212 -26.00 19.86 -15.59
N HIS A 213 -26.93 19.42 -16.41
CA HIS A 213 -26.95 19.72 -17.83
C HIS A 213 -28.16 20.58 -18.15
N GLY A 214 -27.94 21.70 -18.84
CA GLY A 214 -29.03 22.49 -19.37
C GLY A 214 -29.39 23.73 -18.59
N TYR A 215 -28.39 24.45 -18.10
CA TYR A 215 -28.60 25.68 -17.35
C TYR A 215 -27.87 26.84 -17.98
N TYR A 216 -28.46 28.03 -17.89
CA TYR A 216 -27.85 29.21 -18.47
C TYR A 216 -26.62 29.65 -17.71
N GLU A 217 -26.49 29.25 -16.45
CA GLU A 217 -25.34 29.50 -15.60
C GLU A 217 -24.87 28.16 -15.07
N PRO A 218 -23.61 28.05 -14.67
CA PRO A 218 -23.15 26.78 -14.10
C PRO A 218 -23.85 26.53 -12.77
N THR A 219 -24.13 25.26 -12.52
CA THR A 219 -24.94 24.84 -11.38
C THR A 219 -24.35 23.59 -10.77
N LEU A 220 -23.99 23.67 -9.50
CA LEU A 220 -23.43 22.55 -8.78
C LEU A 220 -24.54 21.92 -7.98
N LEU A 221 -24.83 20.64 -8.24
CA LEU A 221 -25.76 19.91 -7.41
C LEU A 221 -24.97 19.20 -6.32
N ILE A 222 -25.27 19.53 -5.08
CA ILE A 222 -24.56 18.97 -3.94
C ILE A 222 -25.51 18.05 -3.21
N LEU A 223 -25.07 16.82 -2.97
CA LEU A 223 -25.77 15.82 -2.19
C LEU A 223 -25.07 15.69 -0.84
N PHE A 224 -25.80 15.85 0.25
CA PHE A 224 -25.18 15.83 1.56
C PHE A 224 -26.16 15.26 2.57
N GLU A 225 -25.73 15.17 3.82
CA GLU A 225 -26.67 14.85 4.87
C GLU A 225 -26.36 15.62 6.15
N PRO A 226 -27.19 16.59 6.52
CA PRO A 226 -26.84 17.44 7.68
C PRO A 226 -26.72 16.66 8.96
N ASN A 227 -27.71 15.83 9.23
CA ASN A 227 -27.78 15.06 10.46
C ASN A 227 -27.37 13.64 10.12
N GLN A 228 -26.14 13.28 10.47
CA GLN A 228 -25.58 12.00 10.09
C GLN A 228 -26.00 10.91 11.06
N THR A 229 -26.07 9.68 10.57
CA THR A 229 -26.53 8.55 11.38
C THR A 229 -25.71 7.33 11.02
N TRP A 230 -26.16 6.16 11.47
CA TRP A 230 -25.44 4.91 11.29
C TRP A 230 -26.43 3.79 11.07
N PRO A 231 -26.09 2.81 10.23
CA PRO A 231 -26.91 1.59 10.13
C PRO A 231 -27.20 0.85 11.44
N GLY A 232 -26.66 1.30 12.56
CA GLY A 232 -27.10 0.76 13.84
C GLY A 232 -28.10 1.67 14.50
N ARG A 233 -28.29 2.85 13.94
CA ARG A 233 -29.15 3.87 14.54
C ARG A 233 -30.22 4.35 13.58
N VAL A 234 -30.59 3.53 12.59
CA VAL A 234 -31.64 3.93 11.67
C VAL A 234 -33.00 3.80 12.33
N ALA A 235 -33.08 3.06 13.44
CA ALA A 235 -34.30 3.05 14.22
C ALA A 235 -34.49 4.36 14.98
N VAL A 236 -33.40 5.06 15.27
CA VAL A 236 -33.45 6.31 16.03
C VAL A 236 -33.61 7.52 15.11
N ARG A 237 -32.94 7.54 13.95
CA ARG A 237 -33.10 8.63 13.00
C ARG A 237 -32.87 8.11 11.58
N GLN A 238 -33.70 8.54 10.64
CA GLN A 238 -33.44 8.26 9.24
C GLN A 238 -33.97 9.41 8.38
N ASP A 239 -33.95 9.22 7.07
CA ASP A 239 -34.26 10.25 6.09
C ASP A 239 -33.39 11.49 6.31
N THR A 240 -32.08 11.26 6.28
CA THR A 240 -31.10 12.28 6.61
C THR A 240 -30.62 13.06 5.39
N CYS A 241 -30.58 12.45 4.23
CA CYS A 241 -29.87 13.03 3.09
C CYS A 241 -30.72 14.08 2.37
N SER A 242 -30.03 15.06 1.80
CA SER A 242 -30.66 16.18 1.13
C SER A 242 -29.82 16.55 -0.08
N ILE A 243 -30.41 17.37 -0.94
CA ILE A 243 -29.75 17.90 -2.13
C ILE A 243 -30.02 19.39 -2.23
N VAL A 244 -29.08 20.09 -2.86
CA VAL A 244 -29.12 21.54 -3.09
C VAL A 244 -28.58 21.82 -4.48
N ALA A 245 -29.22 22.73 -5.21
CA ALA A 245 -28.67 23.23 -6.48
C ALA A 245 -28.12 24.65 -6.29
N ILE A 246 -26.80 24.75 -6.21
CA ILE A 246 -26.10 26.03 -6.05
C ILE A 246 -25.80 26.57 -7.44
N SER A 247 -26.46 27.66 -7.81
CA SER A 247 -26.26 28.26 -9.13
C SER A 247 -25.12 29.27 -9.04
N LEU A 248 -23.93 28.87 -9.48
CA LEU A 248 -22.73 29.66 -9.30
C LEU A 248 -22.67 30.76 -10.35
N ASN A 249 -22.72 32.02 -9.92
CA ASN A 249 -22.47 33.15 -10.80
C ASN A 249 -21.01 33.54 -10.61
N ILE A 250 -20.21 33.32 -11.66
CA ILE A 250 -18.77 33.55 -11.58
C ILE A 250 -18.39 34.98 -11.90
N THR A 251 -19.32 35.79 -12.42
CA THR A 251 -18.97 37.13 -12.86
C THR A 251 -18.93 38.11 -11.70
N GLN A 252 -19.80 37.94 -10.71
CA GLN A 252 -19.88 38.84 -9.58
C GLN A 252 -19.90 38.11 -8.24
N LYS A 253 -19.38 36.88 -8.22
CA LYS A 253 -19.19 36.09 -7.01
C LYS A 253 -20.47 36.04 -6.15
N VAL A 254 -21.58 35.67 -6.80
CA VAL A 254 -22.84 35.37 -6.13
C VAL A 254 -23.22 33.95 -6.48
N HIS A 255 -23.87 33.26 -5.55
CA HIS A 255 -24.26 31.88 -5.75
C HIS A 255 -25.42 31.47 -4.86
N PRO A 256 -26.65 31.69 -5.29
CA PRO A 256 -27.81 31.37 -4.47
C PRO A 256 -28.18 29.89 -4.59
N VAL A 257 -29.19 29.49 -3.81
CA VAL A 257 -29.79 28.17 -3.91
C VAL A 257 -31.05 28.30 -4.75
N ILE A 258 -31.30 27.32 -5.63
CA ILE A 258 -32.45 27.36 -6.52
C ILE A 258 -33.50 26.33 -6.13
N TRP A 259 -33.08 25.15 -5.68
CA TRP A 259 -34.02 24.16 -5.19
C TRP A 259 -33.29 23.15 -4.32
N SER A 260 -33.97 22.73 -3.26
CA SER A 260 -33.44 21.76 -2.32
C SER A 260 -34.49 20.72 -1.99
N LEU A 261 -34.03 19.55 -1.57
CA LEU A 261 -34.91 18.49 -1.09
C LEU A 261 -34.29 17.79 0.09
N THR A 262 -35.14 17.37 1.02
CA THR A 262 -34.71 16.75 2.27
C THR A 262 -35.41 15.40 2.45
N SER A 263 -35.09 14.73 3.56
CA SER A 263 -35.70 13.48 3.98
C SER A 263 -35.46 12.33 3.01
N LEU A 264 -34.49 12.48 2.11
CA LEU A 264 -34.17 11.40 1.21
C LEU A 264 -33.52 10.25 1.98
N PRO A 265 -33.61 9.02 1.48
CA PRO A 265 -33.16 7.86 2.28
C PRO A 265 -31.75 8.02 2.82
N PHE A 266 -31.52 7.45 4.00
CA PHE A 266 -30.36 7.81 4.80
C PHE A 266 -29.05 7.40 4.16
N ASP A 267 -29.07 6.48 3.22
CA ASP A 267 -27.84 5.89 2.70
C ASP A 267 -27.68 6.17 1.22
N CYS A 268 -27.99 7.39 0.79
CA CYS A 268 -27.68 7.82 -0.57
C CYS A 268 -26.18 7.75 -0.77
N THR A 269 -25.78 7.22 -1.91
CA THR A 269 -24.39 6.90 -2.16
C THR A 269 -23.79 7.69 -3.31
N GLN A 270 -24.57 7.99 -4.35
CA GLN A 270 -23.94 8.56 -5.53
C GLN A 270 -24.94 9.38 -6.33
N ALA A 271 -24.44 10.35 -7.07
CA ALA A 271 -25.26 11.18 -7.93
C ALA A 271 -24.76 11.09 -9.36
N LEU A 272 -25.69 11.04 -10.31
CA LEU A 272 -25.39 10.94 -11.73
C LEU A 272 -26.15 12.02 -12.46
N ALA A 273 -25.45 12.94 -13.09
CA ALA A 273 -26.12 13.96 -13.88
C ALA A 273 -26.64 13.36 -15.18
N VAL A 274 -27.89 13.65 -15.51
CA VAL A 274 -28.58 13.05 -16.65
C VAL A 274 -28.48 14.00 -17.82
N PRO A 275 -27.86 13.62 -18.94
CA PRO A 275 -27.73 14.55 -20.06
C PRO A 275 -29.08 14.92 -20.64
N LYS A 276 -29.06 15.92 -21.50
CA LYS A 276 -30.28 16.33 -22.17
C LYS A 276 -30.75 15.23 -23.12
N PRO A 277 -32.02 15.29 -23.56
CA PRO A 277 -33.06 16.19 -23.06
C PRO A 277 -33.86 15.65 -21.87
N ILE A 278 -33.45 14.55 -21.26
CA ILE A 278 -34.10 14.11 -20.04
C ILE A 278 -33.84 15.13 -18.93
N GLY A 279 -32.58 15.32 -18.57
CA GLY A 279 -32.20 16.46 -17.75
C GLY A 279 -32.61 16.44 -16.29
N GLY A 280 -31.87 15.72 -15.45
CA GLY A 280 -32.06 15.81 -14.01
C GLY A 280 -30.91 15.20 -13.26
N VAL A 281 -31.17 14.52 -12.16
CA VAL A 281 -30.17 13.63 -11.58
C VAL A 281 -30.80 12.28 -11.27
N VAL A 282 -29.94 11.27 -11.27
CA VAL A 282 -30.26 9.92 -10.84
C VAL A 282 -29.37 9.63 -9.64
N VAL A 283 -30.00 9.37 -8.50
CA VAL A 283 -29.32 9.22 -7.23
C VAL A 283 -29.37 7.75 -6.83
N PHE A 284 -28.20 7.16 -6.60
CA PHE A 284 -28.10 5.78 -6.14
C PHE A 284 -28.06 5.76 -4.62
N ALA A 285 -28.91 4.94 -4.01
CA ALA A 285 -28.78 4.55 -2.63
C ALA A 285 -28.75 3.03 -2.54
N VAL A 286 -28.11 2.52 -1.48
CA VAL A 286 -27.78 1.11 -1.31
C VAL A 286 -28.97 0.19 -1.58
N ASN A 287 -30.19 0.72 -1.48
CA ASN A 287 -31.38 -0.10 -1.62
C ASN A 287 -32.42 0.54 -2.52
N SER A 288 -32.13 1.67 -3.19
CA SER A 288 -33.15 2.34 -3.98
C SER A 288 -32.53 3.18 -5.08
N LEU A 289 -33.36 3.52 -6.06
CA LEU A 289 -32.97 4.30 -7.23
C LEU A 289 -33.89 5.51 -7.33
N LEU A 290 -33.32 6.71 -7.37
CA LEU A 290 -34.13 7.92 -7.33
C LEU A 290 -33.86 8.77 -8.56
N TYR A 291 -34.91 9.42 -9.08
CA TYR A 291 -34.76 10.38 -10.16
C TYR A 291 -35.41 11.70 -9.75
N LEU A 292 -34.69 12.79 -9.98
CA LEU A 292 -35.06 14.10 -9.45
C LEU A 292 -34.86 15.16 -10.52
N ASN A 293 -35.66 16.22 -10.44
CA ASN A 293 -35.67 17.28 -11.45
C ASN A 293 -36.46 18.45 -10.89
N GLN A 294 -36.70 19.45 -11.73
CA GLN A 294 -37.56 20.57 -11.37
C GLN A 294 -39.01 20.22 -11.59
N SER A 295 -39.88 20.68 -10.68
CA SER A 295 -41.33 20.50 -10.82
C SER A 295 -41.71 19.03 -10.94
N VAL A 296 -40.96 18.14 -10.30
CA VAL A 296 -41.20 16.72 -10.40
C VAL A 296 -41.07 16.10 -9.01
N PRO A 297 -42.10 15.44 -8.50
CA PRO A 297 -41.94 14.68 -7.27
C PRO A 297 -40.88 13.60 -7.44
N PRO A 298 -40.09 13.33 -6.41
CA PRO A 298 -39.00 12.36 -6.53
C PRO A 298 -39.51 10.99 -6.92
N TYR A 299 -39.09 10.53 -8.10
CA TYR A 299 -39.51 9.20 -8.56
C TYR A 299 -38.51 8.19 -8.03
N GLY A 300 -38.90 7.47 -6.99
CA GLY A 300 -38.02 6.54 -6.33
C GLY A 300 -38.54 5.12 -6.48
N VAL A 301 -37.63 4.16 -6.48
CA VAL A 301 -37.99 2.76 -6.69
C VAL A 301 -37.08 1.88 -5.85
N ALA A 302 -37.67 1.03 -5.02
CA ALA A 302 -36.93 0.18 -4.10
C ALA A 302 -36.55 -1.13 -4.79
N LEU A 303 -35.26 -1.49 -4.73
CA LEU A 303 -34.76 -2.59 -5.55
C LEU A 303 -34.82 -3.93 -4.83
N ASN A 304 -34.12 -4.07 -3.72
CA ASN A 304 -34.36 -5.22 -2.87
C ASN A 304 -35.44 -4.85 -1.87
N SER A 305 -35.59 -5.63 -0.81
CA SER A 305 -36.62 -5.37 0.17
C SER A 305 -36.06 -5.28 1.58
N LEU A 306 -34.91 -4.65 1.72
CA LEU A 306 -34.43 -4.22 3.03
C LEU A 306 -34.78 -2.77 3.29
N THR A 307 -35.81 -2.25 2.63
CA THR A 307 -36.31 -0.90 2.89
C THR A 307 -37.52 -0.93 3.80
N THR A 308 -37.52 -1.84 4.78
CA THR A 308 -38.64 -2.05 5.69
C THR A 308 -38.24 -1.53 7.05
N GLY A 309 -38.83 -0.40 7.45
CA GLY A 309 -38.49 0.19 8.73
C GLY A 309 -37.20 0.95 8.75
N THR A 310 -36.66 1.30 7.58
CA THR A 310 -35.43 2.08 7.50
C THR A 310 -35.55 3.33 6.65
N THR A 311 -36.64 3.51 5.91
CA THR A 311 -36.93 4.76 5.25
C THR A 311 -38.42 5.04 5.31
N ALA A 312 -38.78 6.29 5.55
CA ALA A 312 -40.16 6.73 5.43
C ALA A 312 -40.41 7.43 4.10
N PHE A 313 -39.53 7.22 3.14
CA PHE A 313 -39.64 7.77 1.80
C PHE A 313 -40.60 6.90 0.99
N PRO A 314 -41.44 7.48 0.14
CA PRO A 314 -42.32 6.66 -0.71
C PRO A 314 -41.57 5.95 -1.82
N LEU A 315 -41.29 4.66 -1.63
CA LEU A 315 -40.51 3.87 -2.58
C LEU A 315 -41.40 2.79 -3.17
N ARG A 316 -41.54 2.78 -4.50
CA ARG A 316 -42.33 1.78 -5.19
C ARG A 316 -41.45 0.63 -5.66
N THR A 317 -41.84 -0.60 -5.34
CA THR A 317 -40.98 -1.76 -5.57
C THR A 317 -40.69 -1.96 -7.05
N GLN A 318 -39.47 -2.43 -7.33
CA GLN A 318 -39.04 -2.79 -8.67
C GLN A 318 -39.14 -4.30 -8.80
N GLU A 319 -39.96 -4.77 -9.75
CA GLU A 319 -40.51 -6.10 -9.62
C GLU A 319 -39.50 -7.22 -9.83
N GLY A 320 -39.02 -7.39 -11.06
CA GLY A 320 -38.14 -8.49 -11.35
C GLY A 320 -36.68 -8.19 -11.08
N VAL A 321 -36.39 -7.54 -9.97
CA VAL A 321 -35.04 -7.06 -9.66
C VAL A 321 -34.77 -7.23 -8.17
N ARG A 322 -33.58 -7.73 -7.84
CA ARG A 322 -33.19 -7.92 -6.45
C ARG A 322 -31.68 -7.72 -6.38
N ILE A 323 -31.26 -6.48 -6.12
CA ILE A 323 -29.86 -6.10 -6.14
C ILE A 323 -29.58 -5.02 -5.09
N THR A 324 -28.32 -4.60 -4.98
CA THR A 324 -27.92 -3.45 -4.17
C THR A 324 -27.01 -2.56 -5.01
N LEU A 325 -27.14 -1.25 -4.84
CA LEU A 325 -26.38 -0.29 -5.62
C LEU A 325 -25.31 0.44 -4.84
N ASP A 326 -24.60 -0.24 -3.96
CA ASP A 326 -23.44 0.38 -3.36
C ASP A 326 -22.19 -0.07 -4.11
N CYS A 327 -21.17 0.79 -4.11
CA CYS A 327 -19.90 0.52 -4.76
C CYS A 327 -20.06 0.25 -6.24
N ALA A 328 -21.15 0.71 -6.84
CA ALA A 328 -21.44 0.47 -8.24
C ALA A 328 -21.00 1.66 -9.08
N GLN A 329 -20.51 1.36 -10.29
CA GLN A 329 -20.10 2.37 -11.25
C GLN A 329 -21.20 2.52 -12.29
N ALA A 330 -21.27 3.70 -12.90
CA ALA A 330 -22.35 3.94 -13.85
C ALA A 330 -21.91 4.95 -14.89
N THR A 331 -22.37 4.73 -16.13
CA THR A 331 -22.14 5.69 -17.21
C THR A 331 -23.29 5.65 -18.19
N PHE A 332 -23.66 6.82 -18.70
CA PHE A 332 -24.66 6.91 -19.75
C PHE A 332 -24.07 6.55 -21.11
N ILE A 333 -24.67 5.57 -21.79
CA ILE A 333 -24.31 5.26 -23.16
C ILE A 333 -25.31 5.81 -24.18
N SER A 334 -26.36 6.47 -23.72
CA SER A 334 -27.14 7.36 -24.57
C SER A 334 -27.90 8.30 -23.65
N TYR A 335 -28.72 9.16 -24.24
CA TYR A 335 -29.48 10.08 -23.40
C TYR A 335 -30.50 9.36 -22.55
N ASP A 336 -30.90 8.16 -22.96
CA ASP A 336 -31.98 7.40 -22.37
C ASP A 336 -31.50 6.26 -21.48
N LYS A 337 -30.49 5.54 -21.90
CA LYS A 337 -30.00 4.35 -21.23
C LYS A 337 -28.75 4.67 -20.45
N MET A 338 -28.39 3.77 -19.53
CA MET A 338 -27.05 3.80 -18.98
C MET A 338 -26.66 2.40 -18.55
N VAL A 339 -25.38 2.22 -18.30
CA VAL A 339 -24.80 0.94 -17.93
C VAL A 339 -24.32 1.06 -16.49
N ILE A 340 -24.44 -0.04 -15.74
CA ILE A 340 -24.13 -0.06 -14.32
C ILE A 340 -23.32 -1.32 -14.04
N SER A 341 -22.16 -1.15 -13.42
CA SER A 341 -21.37 -2.27 -12.94
C SER A 341 -21.53 -2.36 -11.43
N LEU A 342 -22.09 -3.47 -10.96
CA LEU A 342 -22.47 -3.59 -9.57
C LEU A 342 -21.25 -3.82 -8.69
N LYS A 343 -21.51 -4.06 -7.41
CA LYS A 343 -20.46 -4.31 -6.43
C LYS A 343 -19.80 -5.65 -6.63
N GLY A 344 -20.41 -6.55 -7.38
CA GLY A 344 -19.92 -7.90 -7.53
C GLY A 344 -19.48 -8.24 -8.93
N GLY A 345 -19.89 -7.42 -9.90
CA GLY A 345 -19.42 -7.59 -11.25
C GLY A 345 -20.51 -7.50 -12.30
N GLU A 346 -21.74 -7.81 -11.92
CA GLU A 346 -22.79 -7.96 -12.91
C GLU A 346 -23.11 -6.63 -13.57
N ILE A 347 -23.20 -6.63 -14.88
CA ILE A 347 -23.42 -5.42 -15.67
C ILE A 347 -24.88 -5.38 -16.11
N TYR A 348 -25.58 -4.34 -15.68
CA TYR A 348 -26.97 -4.12 -16.07
C TYR A 348 -27.08 -2.90 -16.96
N VAL A 349 -28.20 -2.84 -17.68
CA VAL A 349 -28.49 -1.80 -18.64
C VAL A 349 -29.83 -1.19 -18.25
N LEU A 350 -29.78 -0.06 -17.56
CA LEU A 350 -30.98 0.63 -17.12
C LEU A 350 -31.51 1.53 -18.23
N THR A 351 -32.83 1.57 -18.37
CA THR A 351 -33.50 2.40 -19.38
C THR A 351 -34.51 3.28 -18.69
N LEU A 352 -34.53 4.55 -19.04
CA LEU A 352 -35.40 5.54 -18.40
C LEU A 352 -36.63 5.70 -19.27
N ILE A 353 -37.65 4.89 -19.01
CA ILE A 353 -38.89 4.99 -19.76
C ILE A 353 -39.54 6.34 -19.49
N THR A 354 -39.92 7.04 -20.56
CA THR A 354 -40.40 8.41 -20.46
C THR A 354 -41.84 8.53 -20.95
N ASP A 355 -42.37 9.73 -20.76
CA ASP A 355 -43.67 10.11 -21.30
C ASP A 355 -43.47 10.77 -22.66
N GLY A 356 -44.50 11.47 -23.15
CA GLY A 356 -44.37 12.23 -24.38
C GLY A 356 -43.54 13.49 -24.26
N MET A 357 -43.22 13.93 -23.04
CA MET A 357 -42.39 15.11 -22.84
C MET A 357 -41.17 14.78 -21.99
N ARG A 358 -40.72 13.54 -22.04
CA ARG A 358 -39.45 13.14 -21.45
C ARG A 358 -39.41 13.40 -19.94
N SER A 359 -40.53 13.15 -19.29
CA SER A 359 -40.60 13.12 -17.83
C SER A 359 -40.59 11.66 -17.40
N VAL A 360 -39.51 11.26 -16.73
CA VAL A 360 -39.23 9.85 -16.52
C VAL A 360 -40.39 9.21 -15.78
N ARG A 361 -41.07 8.26 -16.43
CA ARG A 361 -42.25 7.61 -15.87
C ARG A 361 -41.91 6.39 -15.04
N ALA A 362 -41.08 5.49 -15.56
CA ALA A 362 -40.73 4.25 -14.87
C ALA A 362 -39.37 3.80 -15.36
N PHE A 363 -38.79 2.84 -14.64
CA PHE A 363 -37.48 2.33 -14.99
C PHE A 363 -37.59 0.92 -15.54
N HIS A 364 -36.45 0.41 -16.01
CA HIS A 364 -36.35 -0.94 -16.54
C HIS A 364 -34.95 -1.46 -16.32
N PHE A 365 -34.81 -2.53 -15.56
CA PHE A 365 -33.52 -3.21 -15.52
C PHE A 365 -33.44 -4.33 -16.53
N ASP A 366 -32.21 -4.79 -16.76
CA ASP A 366 -31.92 -5.80 -17.76
C ASP A 366 -30.52 -6.30 -17.50
N LYS A 367 -30.39 -7.53 -17.01
CA LYS A 367 -29.07 -8.04 -16.66
C LYS A 367 -28.34 -8.44 -17.93
N ALA A 368 -27.44 -7.56 -18.37
CA ALA A 368 -26.75 -7.78 -19.65
C ALA A 368 -25.69 -8.86 -19.51
N ALA A 369 -24.70 -8.67 -18.64
CA ALA A 369 -23.58 -9.60 -18.64
C ALA A 369 -22.91 -9.65 -17.26
N ALA A 370 -21.75 -10.27 -17.20
CA ALA A 370 -20.89 -10.24 -16.04
C ALA A 370 -19.47 -9.88 -16.48
N SER A 371 -18.71 -9.29 -15.58
CA SER A 371 -17.37 -8.82 -15.95
C SER A 371 -16.50 -8.76 -14.70
N VAL A 372 -15.49 -7.89 -14.72
CA VAL A 372 -14.53 -7.73 -13.63
C VAL A 372 -15.05 -6.80 -12.56
N LEU A 373 -14.35 -6.76 -11.43
CA LEU A 373 -14.62 -5.83 -10.33
C LEU A 373 -14.09 -4.46 -10.72
N THR A 374 -14.94 -3.65 -11.35
CA THR A 374 -14.46 -2.36 -11.84
C THR A 374 -14.09 -1.45 -10.68
N THR A 375 -13.30 -0.43 -11.02
CA THR A 375 -13.08 0.71 -10.17
C THR A 375 -13.24 2.00 -10.96
N SER A 376 -13.58 1.91 -12.24
CA SER A 376 -13.94 3.06 -13.06
C SER A 376 -14.53 2.53 -14.35
N MET A 377 -15.00 3.44 -15.18
CA MET A 377 -15.83 3.01 -16.29
C MET A 377 -16.10 4.17 -17.24
N VAL A 378 -15.81 4.01 -18.53
CA VAL A 378 -15.96 5.11 -19.47
C VAL A 378 -16.44 4.57 -20.81
N THR A 379 -17.17 5.40 -21.53
CA THR A 379 -17.70 5.01 -22.83
C THR A 379 -16.81 5.60 -23.92
N MET A 380 -16.25 4.74 -24.74
CA MET A 380 -15.37 5.10 -25.85
C MET A 380 -16.23 5.31 -27.09
N GLU A 381 -15.64 5.22 -28.27
CA GLU A 381 -16.39 5.29 -29.53
C GLU A 381 -17.67 4.49 -29.42
N PRO A 382 -18.73 4.90 -30.09
CA PRO A 382 -19.99 4.16 -30.00
C PRO A 382 -19.79 2.68 -30.30
N GLY A 383 -20.04 1.85 -29.31
CA GLY A 383 -19.85 0.41 -29.41
C GLY A 383 -18.87 -0.16 -28.43
N TYR A 384 -17.95 0.64 -27.89
CA TYR A 384 -16.88 0.18 -27.02
C TYR A 384 -17.09 0.73 -25.62
N LEU A 385 -16.44 0.10 -24.65
CA LEU A 385 -16.59 0.50 -23.27
C LEU A 385 -15.36 0.06 -22.50
N PHE A 386 -14.72 0.95 -21.77
CA PHE A 386 -13.55 0.57 -20.98
C PHE A 386 -13.98 0.44 -19.52
N LEU A 387 -13.72 -0.71 -18.93
CA LEU A 387 -13.98 -0.96 -17.52
C LEU A 387 -12.62 -0.99 -16.84
N GLY A 388 -12.32 0.06 -16.08
CA GLY A 388 -11.05 0.16 -15.39
C GLY A 388 -11.13 -0.50 -14.04
N SER A 389 -10.03 -1.13 -13.64
CA SER A 389 -10.05 -2.02 -12.50
C SER A 389 -8.70 -1.99 -11.80
N ARG A 390 -8.72 -1.83 -10.49
CA ARG A 390 -7.51 -2.01 -9.71
C ARG A 390 -7.52 -3.33 -8.97
N LEU A 391 -8.57 -4.12 -9.16
CA LEU A 391 -8.74 -5.42 -8.54
C LEU A 391 -8.50 -6.58 -9.50
N GLY A 392 -8.55 -6.33 -10.82
CA GLY A 392 -8.17 -7.31 -11.81
C GLY A 392 -7.66 -6.67 -13.08
N ASN A 393 -7.76 -7.38 -14.20
CA ASN A 393 -7.30 -6.85 -15.48
C ASN A 393 -8.34 -5.90 -16.06
N SER A 394 -7.90 -4.72 -16.48
CA SER A 394 -8.83 -3.77 -17.06
C SER A 394 -9.32 -4.29 -18.42
N LEU A 395 -10.55 -3.98 -18.78
CA LEU A 395 -11.15 -4.64 -19.93
C LEU A 395 -11.78 -3.65 -20.89
N LEU A 396 -11.42 -3.76 -22.16
CA LEU A 396 -12.17 -3.12 -23.22
C LEU A 396 -13.18 -4.11 -23.74
N LEU A 397 -14.46 -3.73 -23.69
CA LEU A 397 -15.62 -4.51 -24.09
C LEU A 397 -16.30 -3.88 -25.29
N LYS A 398 -17.12 -4.67 -25.98
CA LYS A 398 -17.92 -4.17 -27.08
C LYS A 398 -19.36 -4.61 -26.88
N TYR A 399 -20.31 -3.73 -27.21
CA TYR A 399 -21.73 -4.02 -27.04
C TYR A 399 -22.49 -3.79 -28.33
N THR A 400 -23.29 -4.76 -28.73
CA THR A 400 -24.16 -4.62 -29.89
C THR A 400 -25.59 -4.84 -29.45
N GLU A 401 -26.50 -4.23 -30.20
CA GLU A 401 -27.92 -4.29 -29.87
C GLU A 401 -28.48 -5.68 -30.11
N LYS A 402 -29.52 -6.04 -29.35
CA LYS A 402 -30.20 -7.31 -29.46
C LYS A 402 -29.24 -8.47 -29.22
N LEU A 461 -36.58 -0.84 -24.53
CA LEU A 461 -36.70 -2.11 -25.24
C LEU A 461 -35.47 -2.35 -26.10
N ALA A 462 -34.46 -2.98 -25.51
CA ALA A 462 -33.25 -3.39 -26.20
C ALA A 462 -32.42 -4.20 -25.23
N THR A 463 -31.78 -5.25 -25.74
CA THR A 463 -30.82 -6.01 -24.96
C THR A 463 -29.45 -5.89 -25.61
N TYR A 464 -28.42 -5.81 -24.78
CA TYR A 464 -27.05 -5.62 -25.22
C TYR A 464 -26.22 -6.79 -24.75
N SER A 465 -25.52 -7.44 -25.67
CA SER A 465 -24.55 -8.45 -25.32
C SER A 465 -23.16 -7.86 -25.34
N PHE A 466 -22.29 -8.38 -24.49
CA PHE A 466 -20.97 -7.80 -24.29
C PHE A 466 -19.89 -8.82 -24.65
N GLU A 467 -18.76 -8.32 -25.11
CA GLU A 467 -17.65 -9.16 -25.54
C GLU A 467 -16.34 -8.55 -25.13
N VAL A 468 -15.50 -9.33 -24.45
CA VAL A 468 -14.20 -8.84 -24.02
C VAL A 468 -13.30 -8.69 -25.26
N CYS A 469 -13.00 -7.46 -25.63
CA CYS A 469 -12.10 -7.22 -26.75
C CYS A 469 -10.64 -7.25 -26.33
N ASP A 470 -10.31 -6.66 -25.19
CA ASP A 470 -8.90 -6.67 -24.78
C ASP A 470 -8.81 -6.49 -23.28
N SER A 471 -7.62 -6.76 -22.74
CA SER A 471 -7.37 -6.67 -21.30
C SER A 471 -5.97 -6.13 -21.04
N ILE A 472 -5.88 -5.24 -20.05
CA ILE A 472 -4.61 -4.71 -19.55
C ILE A 472 -4.27 -5.46 -18.28
N LEU A 473 -3.03 -5.95 -18.19
CA LEU A 473 -2.65 -6.80 -17.08
C LEU A 473 -2.50 -6.00 -15.80
N ASN A 474 -2.99 -6.58 -14.71
CA ASN A 474 -2.87 -6.01 -13.39
C ASN A 474 -2.49 -7.13 -12.44
N ILE A 475 -1.70 -6.79 -11.42
CA ILE A 475 -1.19 -7.81 -10.51
C ILE A 475 -1.38 -7.37 -9.06
N GLY A 476 -2.24 -6.40 -8.82
CA GLY A 476 -2.47 -5.91 -7.49
C GLY A 476 -3.90 -6.13 -7.04
N PRO A 477 -4.15 -5.95 -5.73
CA PRO A 477 -3.15 -5.65 -4.71
C PRO A 477 -2.30 -6.84 -4.33
N CYS A 478 -1.00 -6.61 -4.15
CA CYS A 478 -0.07 -7.69 -3.84
C CYS A 478 -0.16 -7.98 -2.35
N ALA A 479 -1.18 -8.77 -1.98
CA ALA A 479 -1.49 -9.00 -0.58
C ALA A 479 -0.40 -9.78 0.11
N ASN A 480 0.23 -10.71 -0.59
CA ASN A 480 1.27 -11.53 0.02
C ASN A 480 2.14 -12.08 -1.10
N ALA A 481 3.37 -12.46 -0.75
CA ALA A 481 4.34 -12.89 -1.74
C ALA A 481 5.25 -13.95 -1.15
N ALA A 482 5.35 -15.07 -1.85
CA ALA A 482 6.30 -16.13 -1.55
C ALA A 482 7.42 -16.10 -2.57
N VAL A 483 8.59 -16.60 -2.18
CA VAL A 483 9.77 -16.55 -3.04
C VAL A 483 10.19 -17.99 -3.29
N GLY A 484 9.84 -18.52 -4.46
CA GLY A 484 10.18 -19.88 -4.80
C GLY A 484 11.02 -19.99 -6.04
N GLU A 485 11.70 -21.10 -6.21
CA GLU A 485 12.63 -21.38 -7.27
C GLU A 485 11.92 -22.01 -8.47
N PRO A 486 12.29 -21.67 -9.70
CA PRO A 486 11.64 -22.26 -10.87
C PRO A 486 11.95 -23.74 -11.00
N ALA A 487 11.13 -24.41 -11.82
CA ALA A 487 11.17 -25.86 -11.88
C ALA A 487 12.31 -26.37 -12.74
N PHE A 488 12.38 -25.91 -13.99
CA PHE A 488 13.39 -26.41 -14.92
C PHE A 488 14.39 -25.32 -15.26
N LEU A 489 15.66 -25.68 -15.21
CA LEU A 489 16.76 -24.82 -15.64
C LEU A 489 17.66 -25.66 -16.53
N SER A 490 17.94 -25.17 -17.73
CA SER A 490 18.77 -25.93 -18.66
C SER A 490 20.09 -26.29 -17.99
N GLU A 491 20.48 -27.55 -18.14
CA GLU A 491 21.56 -28.13 -17.35
C GLU A 491 22.90 -27.45 -17.54
N GLU A 492 23.02 -26.51 -18.48
CA GLU A 492 24.24 -25.73 -18.60
C GLU A 492 24.25 -24.55 -17.64
N PHE A 493 23.07 -24.01 -17.32
CA PHE A 493 22.94 -22.84 -16.47
C PHE A 493 23.03 -23.17 -15.00
N GLN A 494 23.07 -24.43 -14.64
CA GLN A 494 23.27 -24.82 -13.25
C GLN A 494 24.74 -24.60 -12.94
N ASN A 495 25.23 -25.17 -11.83
CA ASN A 495 26.66 -25.11 -11.51
C ASN A 495 27.16 -23.66 -11.48
N SER A 496 26.31 -22.77 -11.00
CA SER A 496 26.51 -21.33 -11.01
C SER A 496 26.28 -20.79 -9.61
N PRO A 497 27.12 -19.86 -9.15
CA PRO A 497 27.01 -19.40 -7.76
C PRO A 497 25.70 -18.67 -7.46
N GLU A 498 25.36 -17.68 -8.26
CA GLU A 498 24.15 -16.90 -8.02
C GLU A 498 22.93 -17.81 -8.10
N PRO A 499 22.01 -17.74 -7.13
CA PRO A 499 20.83 -18.60 -7.16
C PRO A 499 19.78 -18.09 -8.14
N ASP A 500 18.81 -18.95 -8.40
CA ASP A 500 17.78 -18.74 -9.41
C ASP A 500 16.43 -18.71 -8.73
N LEU A 501 15.75 -17.57 -8.77
CA LEU A 501 14.61 -17.34 -7.88
C LEU A 501 13.45 -16.73 -8.65
N GLU A 502 12.28 -16.71 -7.99
CA GLU A 502 10.99 -16.53 -8.64
C GLU A 502 10.02 -16.04 -7.58
N ILE A 503 9.08 -15.17 -7.97
CA ILE A 503 8.21 -14.56 -6.97
C ILE A 503 6.76 -14.88 -7.31
N VAL A 504 6.07 -15.56 -6.40
CA VAL A 504 4.65 -15.86 -6.53
C VAL A 504 3.89 -14.90 -5.64
N VAL A 505 2.83 -14.30 -6.16
CA VAL A 505 2.18 -13.17 -5.49
C VAL A 505 0.67 -13.39 -5.50
N CYS A 506 0.03 -13.13 -4.36
CA CYS A 506 -1.43 -13.24 -4.21
C CYS A 506 -2.06 -11.98 -4.78
N SER A 507 -2.49 -12.03 -6.04
CA SER A 507 -3.02 -10.86 -6.72
C SER A 507 -4.54 -10.87 -6.72
N GLY A 508 -5.11 -9.69 -6.91
CA GLY A 508 -6.54 -9.56 -7.16
C GLY A 508 -7.39 -9.83 -5.93
N HIS A 509 -8.69 -9.62 -6.11
CA HIS A 509 -9.68 -9.92 -5.10
C HIS A 509 -10.98 -10.42 -5.71
N GLY A 510 -11.54 -11.47 -5.10
CA GLY A 510 -12.91 -11.88 -5.40
C GLY A 510 -12.95 -12.95 -6.44
N LYS A 511 -13.82 -12.75 -7.44
CA LYS A 511 -13.84 -13.58 -8.64
C LYS A 511 -12.56 -13.44 -9.45
N ASN A 512 -11.71 -12.46 -9.11
CA ASN A 512 -10.52 -12.12 -9.87
C ASN A 512 -9.25 -12.40 -9.09
N GLY A 513 -9.30 -13.32 -8.11
CA GLY A 513 -8.12 -13.62 -7.33
C GLY A 513 -7.23 -14.61 -8.02
N ALA A 514 -5.97 -14.25 -8.19
CA ALA A 514 -5.04 -15.07 -8.95
C ALA A 514 -3.72 -15.15 -8.24
N LEU A 515 -2.83 -15.96 -8.79
CA LEU A 515 -1.44 -15.98 -8.40
C LEU A 515 -0.62 -15.47 -9.57
N SER A 516 0.17 -14.45 -9.34
CA SER A 516 1.03 -13.90 -10.38
C SER A 516 2.43 -14.41 -10.15
N VAL A 517 2.97 -15.12 -11.14
CA VAL A 517 4.34 -15.61 -11.10
C VAL A 517 5.20 -14.62 -11.86
N LEU A 518 6.20 -14.07 -11.20
CA LEU A 518 7.04 -13.04 -11.80
C LEU A 518 8.50 -13.46 -11.78
N GLN A 519 9.15 -13.30 -12.93
CA GLN A 519 10.60 -13.30 -13.01
C GLN A 519 11.04 -12.06 -13.76
N LYS A 520 12.31 -11.72 -13.62
CA LYS A 520 12.82 -10.48 -14.20
C LYS A 520 13.65 -10.70 -15.45
N SER A 521 14.57 -11.66 -15.43
CA SER A 521 15.46 -11.94 -16.54
C SER A 521 14.73 -12.77 -17.60
N ILE A 522 15.49 -13.34 -18.51
CA ILE A 522 15.05 -14.41 -19.39
C ILE A 522 15.98 -15.59 -19.15
N ARG A 523 15.41 -16.80 -19.15
CA ARG A 523 16.24 -18.00 -19.15
C ARG A 523 16.09 -18.68 -20.49
N PRO A 524 17.08 -18.67 -21.37
CA PRO A 524 16.93 -19.38 -22.64
C PRO A 524 16.92 -20.89 -22.43
N GLN A 525 15.90 -21.55 -22.97
CA GLN A 525 15.83 -23.01 -22.91
C GLN A 525 16.78 -23.59 -23.94
N VAL A 526 17.96 -24.00 -23.49
CA VAL A 526 19.03 -24.40 -24.40
C VAL A 526 18.71 -25.74 -25.05
N VAL A 527 18.32 -25.71 -26.31
CA VAL A 527 17.96 -26.93 -27.02
C VAL A 527 19.21 -27.74 -27.34
N THR A 528 20.28 -27.09 -27.77
CA THR A 528 21.53 -27.81 -27.99
C THR A 528 22.70 -26.85 -27.96
N THR A 529 23.91 -27.40 -27.78
CA THR A 529 25.13 -26.61 -27.66
C THR A 529 26.22 -27.18 -28.54
N PHE A 530 27.06 -26.29 -29.06
CA PHE A 530 28.23 -26.66 -29.84
C PHE A 530 29.47 -26.11 -29.14
N GLU A 531 30.64 -26.34 -29.76
CA GLU A 531 31.90 -25.80 -29.27
C GLU A 531 32.73 -25.41 -30.50
N LEU A 532 32.63 -24.15 -30.88
CA LEU A 532 33.31 -23.61 -32.05
C LEU A 532 34.23 -22.47 -31.63
N PRO A 533 35.42 -22.80 -31.13
CA PRO A 533 36.38 -21.74 -30.79
C PRO A 533 36.99 -21.13 -32.03
N GLY A 534 37.40 -19.88 -31.92
CA GLY A 534 37.96 -19.16 -33.05
C GLY A 534 36.96 -18.25 -33.72
N CYS A 535 35.72 -18.72 -33.83
CA CYS A 535 34.69 -17.94 -34.51
C CYS A 535 34.33 -16.72 -33.68
N TYR A 536 34.01 -15.61 -34.34
CA TYR A 536 33.65 -14.39 -33.62
C TYR A 536 32.44 -13.68 -34.20
N ASP A 537 31.76 -14.25 -35.17
CA ASP A 537 30.59 -13.56 -35.72
C ASP A 537 29.77 -14.55 -36.52
N MET A 538 28.51 -14.19 -36.77
CA MET A 538 27.61 -15.11 -37.44
C MET A 538 26.48 -14.36 -38.11
N TRP A 539 25.84 -15.03 -39.06
CA TRP A 539 24.66 -14.54 -39.74
C TRP A 539 23.80 -15.74 -40.09
N THR A 540 22.50 -15.62 -39.86
CA THR A 540 21.56 -16.68 -40.15
C THR A 540 20.70 -16.25 -41.32
N VAL A 541 20.83 -16.94 -42.44
CA VAL A 541 20.28 -16.51 -43.71
C VAL A 541 19.28 -17.55 -44.19
N ILE A 542 18.22 -17.09 -44.84
CA ILE A 542 17.19 -17.97 -45.38
C ILE A 542 17.59 -18.44 -46.76
N ALA A 543 17.51 -19.73 -47.00
CA ALA A 543 17.66 -20.35 -48.30
C ALA A 543 16.43 -21.19 -48.58
N PRO A 544 16.14 -21.47 -49.86
CA PRO A 544 14.99 -22.32 -50.15
C PRO A 544 15.33 -23.80 -50.04
N GLY A 572 7.27 -21.14 -44.80
CA GLY A 572 8.30 -21.33 -45.80
C GLY A 572 9.55 -20.52 -45.55
N ARG A 573 9.49 -19.64 -44.55
CA ARG A 573 10.61 -18.79 -44.18
C ARG A 573 11.46 -19.42 -43.08
N ARG A 574 11.83 -20.67 -43.30
CA ARG A 574 12.72 -21.41 -42.42
C ARG A 574 14.17 -21.22 -42.85
N HIS A 575 15.07 -21.15 -41.89
CA HIS A 575 16.44 -20.74 -42.17
C HIS A 575 17.26 -21.85 -42.80
N GLY A 576 18.09 -21.47 -43.75
CA GLY A 576 18.95 -22.39 -44.46
C GLY A 576 20.34 -22.42 -43.88
N PHE A 577 21.25 -21.64 -44.46
CA PHE A 577 22.65 -21.71 -44.10
C PHE A 577 22.95 -20.81 -42.91
N LEU A 578 23.75 -21.32 -41.98
CA LEU A 578 24.30 -20.54 -40.87
C LEU A 578 25.68 -20.05 -41.28
N ILE A 579 25.71 -18.87 -41.92
CA ILE A 579 26.97 -18.32 -42.41
C ILE A 579 27.77 -17.84 -41.21
N LEU A 580 28.70 -18.66 -40.75
CA LEU A 580 29.50 -18.28 -39.60
C LEU A 580 30.67 -17.46 -40.11
N SER A 581 31.49 -16.95 -39.21
CA SER A 581 32.66 -16.18 -39.63
C SER A 581 33.81 -16.44 -38.68
N ARG A 582 35.01 -16.09 -39.12
CA ARG A 582 36.18 -16.42 -38.33
C ARG A 582 37.30 -15.45 -38.70
N GLU A 583 38.48 -15.67 -38.14
CA GLU A 583 39.54 -14.68 -38.19
C GLU A 583 40.07 -14.48 -39.60
N ASP A 584 40.66 -15.51 -40.19
CA ASP A 584 41.23 -15.43 -41.53
C ASP A 584 40.34 -16.07 -42.58
N SER A 585 39.68 -17.17 -42.25
CA SER A 585 38.74 -17.82 -43.14
C SER A 585 37.36 -17.77 -42.50
N THR A 586 36.41 -18.47 -43.11
CA THR A 586 35.09 -18.57 -42.51
C THR A 586 34.60 -20.02 -42.50
N MET A 587 33.32 -20.22 -42.26
CA MET A 587 32.73 -21.54 -42.07
C MET A 587 31.25 -21.44 -42.37
N ILE A 588 30.67 -22.51 -42.89
CA ILE A 588 29.27 -22.51 -43.27
C ILE A 588 28.62 -23.84 -42.91
N LEU A 589 27.46 -23.77 -42.28
CA LEU A 589 26.71 -24.94 -41.85
C LEU A 589 25.44 -25.06 -42.68
N GLN A 590 25.09 -26.29 -43.04
CA GLN A 590 24.01 -26.51 -44.01
C GLN A 590 22.64 -26.30 -43.40
N THR A 591 22.36 -26.96 -42.27
CA THR A 591 21.29 -26.56 -41.35
C THR A 591 19.91 -26.55 -42.04
N GLY A 592 19.48 -27.72 -42.47
CA GLY A 592 18.09 -27.90 -42.83
C GLY A 592 17.37 -28.84 -41.89
N GLN A 593 18.04 -29.93 -41.53
CA GLN A 593 17.57 -30.92 -40.57
C GLN A 593 18.54 -31.12 -39.42
N GLU A 594 19.82 -31.31 -39.73
CA GLU A 594 20.86 -31.46 -38.73
C GLU A 594 22.01 -30.54 -39.08
N ILE A 595 22.62 -29.96 -38.05
CA ILE A 595 23.58 -28.87 -38.24
C ILE A 595 24.86 -29.49 -38.75
N MET A 596 25.09 -29.43 -40.06
CA MET A 596 26.18 -30.16 -40.69
C MET A 596 27.00 -29.21 -41.55
N GLU A 597 28.31 -29.25 -41.40
CA GLU A 597 29.20 -28.31 -42.09
C GLU A 597 29.20 -28.59 -43.58
N LEU A 598 28.40 -27.84 -44.33
CA LEU A 598 28.59 -27.79 -45.77
C LEU A 598 29.97 -27.27 -46.07
N ASP A 599 30.67 -27.94 -46.98
CA ASP A 599 31.98 -27.51 -47.42
C ASP A 599 32.02 -27.61 -48.93
N THR A 600 32.97 -26.88 -49.53
CA THR A 600 33.16 -26.87 -50.97
C THR A 600 31.87 -26.43 -51.68
N SER A 601 31.56 -25.17 -51.47
CA SER A 601 30.36 -24.52 -51.97
C SER A 601 30.74 -23.29 -52.80
N GLY A 602 29.70 -22.59 -53.28
CA GLY A 602 29.95 -21.38 -54.05
C GLY A 602 30.34 -20.20 -53.21
N PHE A 603 30.01 -20.23 -51.92
CA PHE A 603 30.38 -19.17 -51.00
C PHE A 603 31.90 -19.00 -50.97
N ALA A 604 32.33 -17.95 -50.29
CA ALA A 604 33.75 -17.65 -50.14
C ALA A 604 34.18 -18.07 -48.75
N THR A 605 34.88 -19.20 -48.67
CA THR A 605 35.49 -19.65 -47.43
C THR A 605 36.90 -19.10 -47.27
N GLN A 606 37.42 -18.41 -48.29
CA GLN A 606 38.82 -18.04 -48.30
C GLN A 606 39.13 -16.91 -47.32
N GLY A 607 38.18 -16.04 -47.03
CA GLY A 607 38.44 -14.87 -46.23
C GLY A 607 37.38 -14.59 -45.18
N PRO A 608 37.66 -13.62 -44.30
CA PRO A 608 36.74 -13.31 -43.20
C PRO A 608 35.54 -12.52 -43.69
N THR A 609 34.35 -13.05 -43.44
CA THR A 609 33.12 -12.45 -43.94
C THR A 609 32.79 -11.19 -43.14
N VAL A 610 32.32 -10.15 -43.84
CA VAL A 610 31.86 -8.94 -43.16
C VAL A 610 30.35 -8.74 -43.23
N PHE A 611 29.63 -9.53 -44.03
CA PHE A 611 28.18 -9.43 -43.99
C PHE A 611 27.56 -10.62 -44.71
N ALA A 612 26.29 -10.88 -44.40
CA ALA A 612 25.51 -11.92 -45.07
C ALA A 612 24.04 -11.65 -44.83
N GLY A 613 23.23 -11.73 -45.87
CA GLY A 613 21.84 -11.36 -45.77
C GLY A 613 20.97 -11.98 -46.84
N ASN A 614 19.85 -11.31 -47.11
CA ASN A 614 18.86 -11.77 -48.08
C ASN A 614 18.29 -10.60 -48.86
N ILE A 615 18.24 -10.71 -50.17
CA ILE A 615 17.72 -9.65 -51.02
C ILE A 615 16.72 -10.23 -51.99
N GLY A 616 15.58 -9.57 -52.15
CA GLY A 616 14.58 -10.00 -53.09
C GLY A 616 13.61 -11.00 -52.51
N ASP A 617 13.03 -10.69 -51.35
CA ASP A 617 12.15 -11.59 -50.64
C ASP A 617 12.82 -12.95 -50.41
N ASN A 618 14.02 -12.90 -49.85
CA ASN A 618 14.80 -14.05 -49.43
C ASN A 618 15.21 -14.94 -50.59
N ARG A 619 14.92 -14.56 -51.83
CA ARG A 619 15.25 -15.40 -52.97
C ARG A 619 16.75 -15.46 -53.21
N TYR A 620 17.49 -14.45 -52.79
CA TYR A 620 18.92 -14.37 -53.02
C TYR A 620 19.66 -14.26 -51.69
N ILE A 621 20.98 -14.28 -51.79
CA ILE A 621 21.88 -14.06 -50.66
C ILE A 621 22.96 -13.11 -51.15
N VAL A 622 23.55 -12.37 -50.22
CA VAL A 622 24.74 -11.59 -50.50
C VAL A 622 25.74 -11.81 -49.38
N GLN A 623 26.93 -12.24 -49.74
CA GLN A 623 28.04 -12.44 -48.81
C GLN A 623 29.08 -11.37 -49.10
N VAL A 624 29.22 -10.41 -48.20
CA VAL A 624 30.13 -9.30 -48.40
C VAL A 624 31.41 -9.62 -47.67
N SER A 625 32.53 -9.51 -48.37
CA SER A 625 33.85 -9.85 -47.89
C SER A 625 34.76 -8.66 -48.13
N PRO A 626 35.90 -8.58 -47.44
CA PRO A 626 36.73 -7.38 -47.60
C PRO A 626 37.51 -7.37 -48.89
N LEU A 627 36.89 -7.83 -49.98
CA LEU A 627 37.44 -7.71 -51.32
C LEU A 627 36.39 -7.45 -52.38
N GLY A 628 35.10 -7.61 -52.07
CA GLY A 628 34.05 -7.45 -53.04
C GLY A 628 32.77 -8.03 -52.51
N ILE A 629 31.73 -7.99 -53.33
CA ILE A 629 30.45 -8.55 -52.94
C ILE A 629 30.04 -9.59 -53.97
N ARG A 630 29.22 -10.54 -53.52
CA ARG A 630 28.75 -11.59 -54.41
C ARG A 630 27.32 -11.95 -54.05
N LEU A 631 26.53 -12.26 -55.06
CA LEU A 631 25.15 -12.64 -54.85
C LEU A 631 24.94 -14.06 -55.33
N LEU A 632 24.10 -14.78 -54.58
CA LEU A 632 24.00 -16.22 -54.55
C LEU A 632 22.55 -16.61 -54.74
N GLU A 633 22.30 -17.90 -54.98
CA GLU A 633 20.94 -18.41 -55.09
C GLU A 633 20.88 -19.83 -54.53
N GLY A 634 21.43 -20.02 -53.33
CA GLY A 634 21.48 -21.35 -52.77
C GLY A 634 22.88 -21.75 -52.37
N VAL A 635 23.47 -22.69 -53.10
CA VAL A 635 24.85 -23.08 -52.83
C VAL A 635 25.72 -22.49 -53.94
N ASN A 636 25.10 -22.20 -55.08
CA ASN A 636 25.79 -21.74 -56.27
C ASN A 636 25.65 -20.22 -56.41
N GLN A 637 26.74 -19.58 -56.83
CA GLN A 637 26.76 -18.12 -56.92
C GLN A 637 26.37 -17.64 -58.30
N LEU A 638 25.55 -16.59 -58.34
CA LEU A 638 25.27 -15.95 -59.61
C LEU A 638 26.39 -14.99 -59.99
N HIS A 639 26.71 -14.05 -59.11
CA HIS A 639 27.49 -12.90 -59.52
C HIS A 639 28.53 -12.57 -58.47
N PHE A 640 29.63 -11.95 -58.91
CA PHE A 640 30.66 -11.45 -58.02
C PHE A 640 31.29 -10.21 -58.61
N ILE A 641 31.20 -9.09 -57.90
CA ILE A 641 31.80 -7.83 -58.34
C ILE A 641 32.83 -7.39 -57.31
N PRO A 642 34.08 -7.21 -57.69
CA PRO A 642 35.10 -6.78 -56.72
C PRO A 642 34.97 -5.30 -56.43
N VAL A 643 35.22 -4.95 -55.17
CA VAL A 643 35.12 -3.58 -54.68
C VAL A 643 36.49 -3.14 -54.22
N ASP A 644 37.06 -2.16 -54.92
CA ASP A 644 38.22 -1.42 -54.45
C ASP A 644 38.00 0.05 -54.73
N LEU A 645 38.22 0.86 -53.70
CA LEU A 645 38.04 2.29 -53.81
C LEU A 645 39.11 3.09 -53.07
N GLY A 646 40.10 2.43 -52.48
CA GLY A 646 41.13 3.10 -51.72
C GLY A 646 41.32 2.51 -50.35
N ALA A 647 40.27 1.90 -49.80
CA ALA A 647 40.29 1.35 -48.45
C ALA A 647 39.51 0.05 -48.42
N PRO A 648 39.82 -0.83 -47.48
CA PRO A 648 39.04 -2.07 -47.34
C PRO A 648 37.65 -1.79 -46.79
N ILE A 649 36.72 -2.68 -47.12
CA ILE A 649 35.35 -2.55 -46.63
C ILE A 649 35.32 -2.87 -45.15
N VAL A 650 34.46 -2.15 -44.41
CA VAL A 650 34.42 -2.33 -42.97
C VAL A 650 32.97 -2.34 -42.48
N GLN A 651 32.04 -1.97 -43.35
CA GLN A 651 30.66 -1.76 -42.98
C GLN A 651 29.77 -2.11 -44.15
N CYS A 652 28.59 -2.65 -43.86
CA CYS A 652 27.68 -3.08 -44.91
C CYS A 652 26.28 -3.16 -44.33
N ALA A 653 25.31 -2.61 -45.03
CA ALA A 653 23.95 -2.51 -44.52
C ALA A 653 22.97 -2.72 -45.66
N VAL A 654 22.08 -3.70 -45.51
CA VAL A 654 21.19 -4.11 -46.57
C VAL A 654 19.77 -3.69 -46.24
N ALA A 655 19.17 -2.93 -47.14
CA ALA A 655 17.73 -2.69 -47.17
C ALA A 655 17.27 -3.07 -48.56
N ASP A 656 16.51 -4.17 -48.64
CA ASP A 656 16.03 -4.65 -49.92
C ASP A 656 15.24 -3.55 -50.63
N PRO A 657 15.56 -3.23 -51.89
CA PRO A 657 16.64 -3.79 -52.70
C PRO A 657 17.86 -2.89 -52.83
N TYR A 658 18.39 -2.36 -51.75
CA TYR A 658 19.59 -1.53 -51.77
C TYR A 658 20.67 -2.19 -50.92
N VAL A 659 21.91 -2.04 -51.34
CA VAL A 659 23.06 -2.44 -50.55
C VAL A 659 24.02 -1.26 -50.50
N VAL A 660 24.40 -0.84 -49.31
CA VAL A 660 25.35 0.24 -49.12
C VAL A 660 26.49 -0.27 -48.26
N ILE A 661 27.71 -0.12 -48.75
CA ILE A 661 28.90 -0.60 -48.08
C ILE A 661 29.80 0.59 -47.81
N MET A 662 30.46 0.58 -46.65
CA MET A 662 31.30 1.67 -46.23
C MET A 662 32.72 1.16 -46.03
N SER A 663 33.68 2.03 -46.24
CA SER A 663 35.09 1.64 -46.23
C SER A 663 35.75 2.02 -44.92
N ALA A 664 36.91 1.41 -44.67
CA ALA A 664 37.68 1.64 -43.44
C ALA A 664 38.19 3.06 -43.32
N GLU A 665 37.94 3.90 -44.31
CA GLU A 665 38.39 5.28 -44.31
C GLU A 665 37.27 6.29 -44.50
N GLY A 666 36.16 5.91 -45.12
CA GLY A 666 35.05 6.84 -45.21
C GLY A 666 34.46 7.07 -46.59
N HIS A 667 34.66 6.13 -47.51
CA HIS A 667 33.98 6.21 -48.79
C HIS A 667 32.73 5.35 -48.76
N VAL A 668 31.76 5.72 -49.58
CA VAL A 668 30.45 5.06 -49.59
C VAL A 668 30.07 4.73 -51.02
N THR A 669 29.44 3.58 -51.21
CA THR A 669 29.00 3.16 -52.53
C THR A 669 27.73 2.34 -52.39
N MET A 670 26.81 2.49 -53.35
CA MET A 670 25.50 1.88 -53.27
C MET A 670 25.29 0.87 -54.40
N PHE A 671 24.49 -0.15 -54.12
CA PHE A 671 24.08 -1.16 -55.07
C PHE A 671 22.57 -1.36 -55.00
N LEU A 672 22.01 -1.93 -56.06
CA LEU A 672 20.63 -2.39 -56.01
C LEU A 672 20.48 -3.57 -56.95
N LEU A 673 19.36 -4.29 -56.81
CA LEU A 673 19.03 -5.40 -57.71
C LEU A 673 17.99 -4.93 -58.72
N LYS A 674 18.44 -4.59 -59.90
CA LYS A 674 17.56 -4.35 -61.04
C LYS A 674 17.48 -5.62 -61.87
N SER A 675 16.34 -5.83 -62.51
CA SER A 675 16.11 -7.03 -63.31
C SER A 675 17.08 -7.16 -64.47
N HIS A 683 20.05 -10.53 -64.12
CA HIS A 683 19.50 -10.15 -62.83
C HIS A 683 20.58 -10.21 -61.77
N ARG A 684 21.22 -9.07 -61.51
CA ARG A 684 22.36 -9.04 -60.61
C ARG A 684 22.47 -7.63 -60.03
N LEU A 685 23.59 -7.38 -59.35
CA LEU A 685 23.79 -6.12 -58.66
C LEU A 685 24.38 -5.05 -59.58
N ALA A 686 23.84 -3.85 -59.46
CA ALA A 686 24.23 -2.69 -60.27
C ALA A 686 24.95 -1.68 -59.40
N LEU A 687 26.02 -1.10 -59.93
CA LEU A 687 26.85 -0.17 -59.18
C LEU A 687 26.33 1.25 -59.27
N HIS A 688 26.42 1.98 -58.16
CA HIS A 688 26.07 3.40 -58.13
C HIS A 688 26.89 4.10 -57.07
N LYS A 689 27.29 5.34 -57.35
CA LYS A 689 28.09 6.11 -56.41
C LYS A 689 27.27 7.27 -55.89
N PRO A 690 27.08 7.38 -54.58
CA PRO A 690 26.20 8.40 -54.03
C PRO A 690 26.86 9.76 -54.07
N PRO A 691 26.13 10.79 -54.47
CA PRO A 691 26.71 12.15 -54.46
C PRO A 691 26.63 12.79 -53.08
N LEU A 692 27.44 12.30 -52.15
CA LEU A 692 27.47 12.88 -50.81
C LEU A 692 28.80 13.57 -50.56
N HIS A 693 29.23 14.39 -51.51
CA HIS A 693 30.49 15.11 -51.41
C HIS A 693 30.53 15.98 -50.15
N HIS A 694 31.37 15.62 -49.19
CA HIS A 694 31.44 16.38 -47.95
C HIS A 694 32.83 16.29 -47.35
N GLN A 695 33.08 17.20 -46.42
CA GLN A 695 34.40 17.48 -45.88
C GLN A 695 34.67 16.78 -44.56
N SER A 696 33.74 15.97 -44.08
CA SER A 696 33.90 15.27 -42.82
C SER A 696 33.90 13.77 -43.06
N LYS A 697 34.91 13.08 -42.53
CA LYS A 697 34.96 11.64 -42.67
C LYS A 697 33.73 11.02 -42.04
N VAL A 698 33.24 9.96 -42.63
CA VAL A 698 32.10 9.22 -42.11
C VAL A 698 32.59 8.18 -41.11
N ILE A 699 31.77 7.88 -40.11
CA ILE A 699 32.10 6.92 -39.06
C ILE A 699 31.18 5.73 -39.09
N THR A 700 29.87 5.96 -39.20
CA THR A 700 28.88 4.89 -39.23
C THR A 700 27.74 5.29 -40.14
N LEU A 701 26.90 4.30 -40.46
CA LEU A 701 25.65 4.56 -41.15
C LEU A 701 24.74 3.35 -40.99
N CYS A 702 23.51 3.50 -41.49
CA CYS A 702 22.57 2.39 -41.58
C CYS A 702 21.54 2.74 -42.64
N LEU A 703 20.84 1.72 -43.12
CA LEU A 703 19.71 1.89 -44.01
C LEU A 703 18.41 1.55 -43.29
N TYR A 704 17.32 2.09 -43.79
CA TYR A 704 16.03 1.93 -43.14
C TYR A 704 14.95 1.82 -44.19
N ARG A 705 14.27 0.69 -44.21
CA ARG A 705 13.18 0.41 -45.15
C ARG A 705 11.88 0.71 -44.44
N ASP A 706 11.33 1.88 -44.68
CA ASP A 706 10.17 2.34 -43.92
C ASP A 706 8.89 1.76 -44.49
N LEU A 707 8.18 1.02 -43.65
CA LEU A 707 6.86 0.48 -43.93
C LEU A 707 5.74 1.27 -43.26
N SER A 708 6.07 2.04 -42.23
CA SER A 708 5.11 2.90 -41.56
C SER A 708 4.78 4.08 -42.47
N GLY A 709 4.24 5.14 -41.89
CA GLY A 709 3.97 6.33 -42.67
C GLY A 709 4.58 7.58 -42.10
N MET A 710 5.47 7.42 -41.12
CA MET A 710 5.97 8.59 -40.41
C MET A 710 7.01 9.36 -41.23
N PHE A 711 7.98 8.67 -41.82
CA PHE A 711 8.99 9.43 -42.53
C PHE A 711 8.44 9.93 -43.85
N THR A 712 7.84 11.11 -43.84
CA THR A 712 7.42 11.82 -45.04
C THR A 712 8.16 13.13 -45.13
N THR A 713 7.85 13.91 -46.15
CA THR A 713 8.51 15.21 -46.32
C THR A 713 7.49 16.31 -46.61
N GLU A 783 2.95 1.29 -48.43
CA GLU A 783 3.88 2.26 -48.99
C GLU A 783 5.26 2.23 -48.32
N PRO A 784 6.24 1.64 -49.00
CA PRO A 784 7.61 1.64 -48.47
C PRO A 784 8.46 2.75 -49.05
N THR A 785 9.38 3.30 -48.27
CA THR A 785 10.41 4.19 -48.79
C THR A 785 11.75 3.78 -48.19
N HIS A 786 12.83 4.40 -48.65
CA HIS A 786 14.16 3.99 -48.25
C HIS A 786 14.97 5.17 -47.77
N TRP A 787 15.67 4.99 -46.64
CA TRP A 787 16.33 6.09 -45.96
C TRP A 787 17.74 5.66 -45.57
N CYS A 788 18.66 6.61 -45.56
CA CYS A 788 20.05 6.32 -45.19
C CYS A 788 20.45 7.27 -44.08
N LEU A 789 20.72 6.73 -42.92
CA LEU A 789 21.11 7.51 -41.75
C LEU A 789 22.62 7.46 -41.63
N LEU A 790 23.27 8.61 -41.75
CA LEU A 790 24.72 8.67 -41.86
C LEU A 790 25.29 9.54 -40.75
N VAL A 791 26.48 9.18 -40.27
CA VAL A 791 27.12 9.92 -39.20
C VAL A 791 28.51 10.31 -39.65
N ARG A 792 28.90 11.56 -39.42
CA ARG A 792 30.20 12.04 -39.83
C ARG A 792 31.10 12.24 -38.62
N GLU A 793 32.29 12.77 -38.90
CA GLU A 793 33.31 12.92 -37.90
C GLU A 793 33.13 14.18 -37.08
N ASN A 794 32.55 15.23 -37.67
CA ASN A 794 32.43 16.53 -37.02
C ASN A 794 31.21 16.62 -36.13
N GLY A 795 30.79 15.52 -35.54
CA GLY A 795 29.63 15.47 -34.68
C GLY A 795 28.31 15.29 -35.37
N THR A 796 28.14 15.89 -36.55
CA THR A 796 26.82 15.96 -37.16
C THR A 796 26.27 14.58 -37.48
N MET A 797 24.95 14.54 -37.63
CA MET A 797 24.20 13.39 -38.11
C MET A 797 23.32 13.86 -39.25
N GLU A 798 23.09 13.00 -40.24
CA GLU A 798 22.24 13.37 -41.36
C GLU A 798 21.41 12.19 -41.80
N ILE A 799 20.30 12.48 -42.47
CA ILE A 799 19.40 11.46 -42.99
C ILE A 799 19.06 11.82 -44.42
N TYR A 800 19.33 10.90 -45.33
CA TYR A 800 19.08 11.08 -46.76
C TYR A 800 17.93 10.21 -47.22
N GLN A 801 17.20 10.68 -48.22
CA GLN A 801 16.22 9.86 -48.91
C GLN A 801 16.87 9.20 -50.11
N LEU A 802 16.32 8.06 -50.53
CA LEU A 802 16.86 7.29 -51.64
C LEU A 802 15.82 7.19 -52.76
N PRO A 803 16.27 6.92 -54.00
CA PRO A 803 17.64 6.71 -54.47
C PRO A 803 18.37 8.00 -54.78
N ASP A 804 17.67 9.11 -54.62
CA ASP A 804 18.19 10.40 -55.05
C ASP A 804 19.30 10.93 -54.16
N TRP A 805 19.45 10.39 -52.95
CA TRP A 805 20.42 10.88 -51.96
C TRP A 805 20.21 12.36 -51.70
N ARG A 806 18.98 12.73 -51.35
CA ARG A 806 18.62 14.10 -51.02
C ARG A 806 18.66 14.29 -49.51
N LEU A 807 19.08 15.47 -49.08
CA LEU A 807 19.14 15.79 -47.66
C LEU A 807 17.77 16.19 -47.15
N VAL A 808 17.35 15.61 -46.01
CA VAL A 808 16.03 15.91 -45.49
C VAL A 808 16.05 16.14 -43.98
N PHE A 809 17.19 15.93 -43.33
CA PHE A 809 17.23 16.07 -41.88
C PHE A 809 18.66 16.07 -41.35
N LEU A 810 19.00 17.06 -40.55
CA LEU A 810 20.37 17.20 -40.05
C LEU A 810 20.35 17.51 -38.57
N VAL A 811 21.37 17.05 -37.86
CA VAL A 811 21.56 17.37 -36.45
C VAL A 811 22.99 17.84 -36.26
N LYS A 812 23.16 18.97 -35.58
CA LYS A 812 24.49 19.56 -35.41
C LYS A 812 25.34 18.74 -34.46
N ASN A 813 24.94 18.64 -33.21
CA ASN A 813 25.78 18.05 -32.18
C ASN A 813 25.09 16.76 -31.73
N PHE A 814 25.40 15.68 -32.41
CA PHE A 814 24.73 14.39 -32.23
C PHE A 814 25.29 13.52 -31.10
N PRO A 815 26.61 13.29 -31.01
CA PRO A 815 27.10 12.29 -30.05
C PRO A 815 26.88 12.67 -28.61
N VAL A 816 26.50 13.92 -28.32
CA VAL A 816 26.37 14.36 -26.93
C VAL A 816 25.26 13.59 -26.22
N GLY A 817 24.14 13.40 -26.89
CA GLY A 817 23.05 12.63 -26.30
C GLY A 817 21.92 13.48 -25.80
N GLN A 818 21.55 14.49 -26.58
CA GLN A 818 20.50 15.43 -26.18
C GLN A 818 19.16 14.72 -26.10
N ARG A 819 18.13 15.46 -25.69
CA ARG A 819 16.88 14.83 -25.33
C ARG A 819 15.78 14.98 -26.36
N VAL A 820 15.90 15.91 -27.31
CA VAL A 820 15.02 15.94 -28.48
C VAL A 820 15.88 16.35 -29.67
N LEU A 821 15.91 15.53 -30.70
CA LEU A 821 16.71 15.81 -31.88
C LEU A 821 15.91 16.70 -32.81
N VAL A 822 16.51 17.81 -33.22
CA VAL A 822 15.83 18.85 -33.99
C VAL A 822 16.58 19.10 -35.29
N ASP A 823 15.84 19.32 -36.36
CA ASP A 823 16.42 19.59 -37.66
C ASP A 823 17.10 20.96 -37.68
N SER A 824 18.39 20.96 -37.95
CA SER A 824 19.18 22.19 -38.03
C SER A 824 19.14 22.71 -39.45
N SER A 825 18.36 23.76 -39.68
CA SER A 825 18.15 24.36 -41.00
C SER A 825 17.73 23.33 -42.04
N PRO A 847 33.56 12.46 -28.43
CA PRO A 847 32.81 11.23 -28.13
C PRO A 847 32.69 10.34 -29.36
N LEU A 848 33.17 9.11 -29.27
CA LEU A 848 33.34 8.26 -30.44
C LEU A 848 32.07 7.45 -30.66
N VAL A 849 31.23 7.89 -31.61
CA VAL A 849 30.05 7.13 -31.98
C VAL A 849 30.49 5.83 -32.62
N LYS A 850 30.08 4.71 -32.03
CA LYS A 850 30.50 3.40 -32.49
C LYS A 850 29.44 2.69 -33.31
N GLU A 851 28.15 2.90 -33.03
CA GLU A 851 27.16 2.18 -33.82
C GLU A 851 25.82 2.90 -33.82
N VAL A 852 25.04 2.69 -34.87
CA VAL A 852 23.74 3.33 -35.03
C VAL A 852 22.82 2.42 -35.83
N LEU A 853 21.59 2.24 -35.33
CA LEU A 853 20.61 1.33 -35.94
C LEU A 853 19.21 1.89 -35.82
N LEU A 854 18.49 1.95 -36.93
CA LEU A 854 17.15 2.51 -36.96
C LEU A 854 16.18 1.41 -37.39
N VAL A 855 15.22 1.09 -36.52
CA VAL A 855 14.33 -0.05 -36.75
C VAL A 855 12.88 0.36 -36.56
N ALA A 856 11.98 -0.43 -37.15
CA ALA A 856 10.54 -0.24 -37.02
C ALA A 856 9.95 -1.40 -36.27
N LEU A 857 9.18 -1.13 -35.23
CA LEU A 857 8.60 -2.20 -34.43
C LEU A 857 7.10 -1.99 -34.27
N GLY A 858 6.50 -2.72 -33.34
CA GLY A 858 5.09 -2.55 -33.07
C GLY A 858 4.20 -3.41 -33.94
N SER A 859 3.01 -2.91 -34.27
CA SER A 859 2.07 -3.64 -35.11
C SER A 859 2.26 -3.18 -36.55
N ARG A 860 2.71 -4.10 -37.40
CA ARG A 860 2.90 -3.84 -38.83
C ARG A 860 4.03 -2.84 -39.07
N GLN A 861 5.07 -2.87 -38.23
CA GLN A 861 6.22 -1.96 -38.35
C GLN A 861 5.75 -0.50 -38.30
N SER A 862 5.23 -0.13 -37.14
CA SER A 862 4.58 1.16 -36.96
C SER A 862 5.42 2.16 -36.18
N ARG A 863 6.32 1.71 -35.32
CA ARG A 863 7.02 2.60 -34.39
C ARG A 863 8.53 2.54 -34.57
N PRO A 864 9.15 3.55 -35.18
CA PRO A 864 10.59 3.53 -35.38
C PRO A 864 11.37 4.05 -34.18
N TYR A 865 12.36 3.28 -33.76
CA TYR A 865 13.35 3.71 -32.79
C TYR A 865 14.70 3.84 -33.45
N LEU A 866 15.55 4.61 -32.81
CA LEU A 866 16.95 4.82 -33.18
C LEU A 866 17.81 4.44 -31.99
N LEU A 867 18.59 3.37 -32.15
CA LEU A 867 19.52 2.91 -31.13
C LEU A 867 20.92 3.39 -31.48
N VAL A 868 21.66 3.84 -30.48
CA VAL A 868 22.99 4.40 -30.68
C VAL A 868 23.92 3.85 -29.61
N HIS A 869 25.09 3.41 -30.02
CA HIS A 869 26.17 2.99 -29.12
C HIS A 869 27.25 4.05 -29.22
N VAL A 870 27.36 4.89 -28.20
CA VAL A 870 28.43 5.86 -28.04
C VAL A 870 29.33 5.32 -26.94
N ASP A 871 30.48 5.97 -26.74
CA ASP A 871 31.47 5.40 -25.84
C ASP A 871 30.90 5.14 -24.45
N GLN A 872 30.75 3.86 -24.13
CA GLN A 872 30.25 3.32 -22.87
C GLN A 872 28.77 3.63 -22.62
N GLU A 873 28.09 4.27 -23.56
CA GLU A 873 26.70 4.66 -23.37
C GLU A 873 25.81 4.08 -24.45
N LEU A 874 24.60 3.69 -24.06
CA LEU A 874 23.52 3.36 -24.97
C LEU A 874 22.53 4.50 -24.97
N LEU A 875 22.06 4.87 -26.15
CA LEU A 875 21.09 5.95 -26.29
C LEU A 875 19.94 5.43 -27.12
N ILE A 876 18.71 5.60 -26.64
CA ILE A 876 17.54 5.10 -27.35
C ILE A 876 16.63 6.27 -27.63
N TYR A 877 16.23 6.45 -28.87
CA TYR A 877 15.29 7.48 -29.28
C TYR A 877 14.08 6.82 -29.91
N GLU A 878 12.92 7.43 -29.74
CA GLU A 878 11.73 7.04 -30.49
C GLU A 878 11.34 8.19 -31.39
N ALA A 879 10.95 7.89 -32.62
CA ALA A 879 10.54 8.96 -33.50
C ALA A 879 9.10 9.32 -33.22
N PHE A 880 8.82 10.61 -33.16
CA PHE A 880 7.47 11.14 -33.11
C PHE A 880 7.32 12.19 -34.20
N PRO A 881 6.10 12.45 -34.66
CA PRO A 881 5.92 13.44 -35.72
C PRO A 881 6.07 14.87 -35.20
N HIS A 882 6.25 15.78 -36.14
CA HIS A 882 6.37 17.20 -35.84
C HIS A 882 6.25 17.97 -37.13
N ASP A 883 5.63 19.15 -37.07
CA ASP A 883 5.20 19.88 -38.25
C ASP A 883 4.36 19.00 -39.18
N GLY A 887 12.40 23.54 -41.42
CA GLY A 887 12.32 24.52 -42.49
C GLY A 887 11.21 24.22 -43.48
N GLN A 888 11.60 23.82 -44.69
CA GLN A 888 10.64 23.41 -45.70
C GLN A 888 11.33 22.44 -46.66
N GLY A 889 10.66 21.34 -46.95
CA GLY A 889 11.25 20.28 -47.74
C GLY A 889 12.10 19.30 -46.96
N ASN A 890 12.03 19.34 -45.63
CA ASN A 890 12.85 18.50 -44.77
C ASN A 890 11.97 17.52 -44.00
N LEU A 891 12.61 16.48 -43.46
CA LEU A 891 11.89 15.40 -42.79
C LEU A 891 11.02 15.92 -41.66
N LYS A 892 9.76 15.49 -41.64
CA LYS A 892 8.79 15.96 -40.66
C LYS A 892 8.73 15.02 -39.45
N VAL A 893 9.86 14.89 -38.78
CA VAL A 893 10.04 13.93 -37.69
C VAL A 893 10.97 14.52 -36.66
N ARG A 894 10.72 14.25 -35.38
CA ARG A 894 11.75 14.42 -34.36
C ARG A 894 11.91 13.15 -33.56
N PHE A 895 12.91 13.14 -32.69
CA PHE A 895 13.38 11.93 -32.03
C PHE A 895 13.50 12.22 -30.54
N LYS A 896 12.61 11.65 -29.73
CA LYS A 896 12.66 11.89 -28.29
C LYS A 896 13.42 10.80 -27.56
N LYS A 897 14.27 11.20 -26.63
CA LYS A 897 15.11 10.27 -25.90
C LYS A 897 14.25 9.42 -24.97
N VAL A 898 14.76 8.24 -24.62
CA VAL A 898 14.04 7.25 -23.84
C VAL A 898 14.89 6.87 -22.64
N PRO A 899 14.34 6.82 -21.42
CA PRO A 899 15.15 6.45 -20.26
C PRO A 899 15.27 4.94 -20.10
N HIS A 900 16.41 4.51 -19.57
CA HIS A 900 16.67 3.10 -19.39
C HIS A 900 17.81 2.95 -18.40
N ASN A 901 18.13 1.69 -18.08
CA ASN A 901 19.18 1.36 -17.11
C ASN A 901 20.08 0.28 -17.66
N ILE A 902 20.52 0.43 -18.89
CA ILE A 902 21.44 -0.50 -19.53
C ILE A 902 22.86 0.04 -19.39
N ASN A 903 23.79 -0.84 -19.08
CA ASN A 903 25.14 -0.45 -18.69
C ASN A 903 26.15 -1.07 -19.65
N PHE A 904 26.83 -0.24 -20.42
CA PHE A 904 27.84 -0.69 -21.38
C PHE A 904 29.26 -0.63 -20.83
N ARG A 905 29.48 -0.98 -19.58
CA ARG A 905 30.79 -0.83 -18.98
C ARG A 905 31.32 -2.18 -18.52
N GLU A 906 32.59 -2.43 -18.84
CA GLU A 906 33.25 -3.66 -18.43
C GLU A 906 34.30 -3.37 -17.38
N ARG A 930 35.17 -5.14 -36.31
CA ARG A 930 34.04 -4.22 -36.21
C ARG A 930 32.72 -4.95 -36.38
N VAL A 931 32.17 -5.42 -35.27
CA VAL A 931 31.00 -6.28 -35.29
C VAL A 931 29.83 -5.54 -34.64
N ALA A 932 28.62 -5.86 -35.09
CA ALA A 932 27.45 -5.17 -34.59
C ALA A 932 27.12 -5.61 -33.18
N ARG A 933 26.55 -4.70 -32.40
CA ARG A 933 26.11 -4.99 -31.06
C ARG A 933 24.59 -4.99 -30.94
N PHE A 934 23.90 -4.51 -31.96
CA PHE A 934 22.45 -4.52 -32.02
C PHE A 934 22.01 -5.54 -33.04
N ARG A 935 21.00 -6.33 -32.71
CA ARG A 935 20.59 -7.45 -33.55
C ARG A 935 19.08 -7.44 -33.72
N TYR A 936 18.60 -7.01 -34.88
CA TYR A 936 17.17 -6.98 -35.13
C TYR A 936 16.65 -8.37 -35.44
N PHE A 937 15.61 -8.79 -34.72
CA PHE A 937 14.86 -9.97 -35.08
C PHE A 937 13.39 -9.60 -35.21
N GLU A 938 12.67 -10.40 -35.97
CA GLU A 938 11.22 -10.37 -35.97
C GLU A 938 10.71 -11.79 -35.89
N ASP A 939 9.79 -12.03 -34.95
CA ASP A 939 9.24 -13.35 -34.68
C ASP A 939 10.33 -14.32 -34.19
N ILE A 940 10.84 -14.00 -32.99
CA ILE A 940 11.73 -14.95 -32.32
C ILE A 940 10.94 -15.88 -31.43
N TYR A 941 9.74 -15.50 -31.02
CA TYR A 941 8.76 -16.42 -30.47
C TYR A 941 7.36 -16.00 -30.88
N GLY A 942 7.24 -15.00 -31.73
CA GLY A 942 6.01 -14.28 -31.96
C GLY A 942 6.20 -12.80 -31.79
N TYR A 943 7.39 -12.35 -31.42
CA TYR A 943 7.67 -10.96 -31.10
C TYR A 943 8.71 -10.39 -32.06
N SER A 944 8.56 -9.10 -32.37
CA SER A 944 9.57 -8.32 -33.06
C SER A 944 10.40 -7.56 -32.03
N GLY A 945 11.64 -7.22 -32.40
CA GLY A 945 12.42 -6.42 -31.49
C GLY A 945 13.90 -6.50 -31.82
N VAL A 946 14.70 -6.15 -30.82
CA VAL A 946 16.14 -6.05 -30.96
C VAL A 946 16.80 -6.73 -29.77
N PHE A 947 17.97 -7.28 -30.01
CA PHE A 947 18.79 -7.81 -28.93
C PHE A 947 20.03 -6.94 -28.82
N ILE A 948 20.28 -6.43 -27.62
CA ILE A 948 21.46 -5.62 -27.34
C ILE A 948 22.47 -6.51 -26.66
N CYS A 949 23.57 -6.81 -27.35
CA CYS A 949 24.59 -7.71 -26.85
C CYS A 949 25.49 -6.98 -25.86
N GLY A 950 26.57 -7.61 -25.44
CA GLY A 950 27.57 -6.92 -24.67
C GLY A 950 27.82 -7.51 -23.30
N PRO A 951 28.41 -6.71 -22.41
CA PRO A 951 28.62 -7.16 -21.04
C PRO A 951 27.35 -7.29 -20.24
N SER A 952 26.33 -6.50 -20.55
CA SER A 952 25.01 -6.62 -19.94
C SER A 952 23.99 -6.75 -21.08
N PRO A 953 23.63 -7.98 -21.44
CA PRO A 953 22.74 -8.17 -22.59
C PRO A 953 21.29 -7.89 -22.23
N HIS A 954 20.51 -7.54 -23.24
CA HIS A 954 19.10 -7.22 -23.01
C HIS A 954 18.28 -7.51 -24.26
N TRP A 955 16.98 -7.69 -24.02
CA TRP A 955 15.97 -7.88 -25.05
C TRP A 955 15.09 -6.67 -25.09
N LEU A 956 14.95 -6.06 -26.23
CA LEU A 956 14.10 -4.90 -26.42
C LEU A 956 12.92 -5.36 -27.25
N LEU A 957 11.75 -5.49 -26.63
CA LEU A 957 10.57 -6.05 -27.29
C LEU A 957 9.48 -5.01 -27.40
N VAL A 958 8.69 -5.11 -28.46
CA VAL A 958 7.49 -4.32 -28.64
C VAL A 958 6.44 -5.21 -29.27
N THR A 959 5.19 -5.00 -28.90
CA THR A 959 4.08 -5.86 -29.31
C THR A 959 2.97 -5.04 -29.93
N GLY A 960 1.80 -5.66 -30.09
CA GLY A 960 0.65 -4.95 -30.66
C GLY A 960 0.39 -3.60 -30.01
N ARG A 961 0.59 -3.51 -28.70
CA ARG A 961 0.63 -2.21 -28.03
C ARG A 961 2.07 -1.72 -28.02
N GLY A 962 2.25 -0.42 -28.22
CA GLY A 962 3.58 0.11 -28.37
C GLY A 962 4.34 0.23 -27.06
N ALA A 963 4.12 -0.73 -26.17
CA ALA A 963 4.78 -0.71 -24.88
C ALA A 963 6.16 -1.31 -25.03
N LEU A 964 7.18 -0.51 -24.81
CA LEU A 964 8.56 -0.96 -24.92
C LEU A 964 8.94 -1.75 -23.68
N ARG A 965 9.58 -2.90 -23.90
CA ARG A 965 9.88 -3.83 -22.83
C ARG A 965 11.36 -4.14 -22.87
N LEU A 966 12.06 -3.88 -21.79
CA LEU A 966 13.53 -4.02 -21.74
C LEU A 966 13.84 -5.10 -20.72
N HIS A 967 14.13 -6.32 -21.18
CA HIS A 967 14.28 -7.46 -20.30
C HIS A 967 15.72 -7.90 -20.23
N PRO A 968 16.32 -8.05 -19.06
CA PRO A 968 17.71 -8.52 -19.00
C PRO A 968 17.82 -10.00 -19.33
N MET A 969 19.05 -10.40 -19.66
CA MET A 969 19.40 -11.81 -19.85
C MET A 969 20.88 -11.95 -19.50
N ALA A 970 21.17 -12.37 -18.28
CA ALA A 970 22.57 -12.46 -17.88
C ALA A 970 22.88 -13.80 -17.23
N ILE A 971 22.01 -14.79 -17.42
CA ILE A 971 22.24 -16.08 -16.81
C ILE A 971 23.46 -16.74 -17.40
N ASP A 972 23.80 -16.42 -18.64
CA ASP A 972 24.85 -17.15 -19.34
C ASP A 972 26.22 -16.50 -19.19
N GLY A 973 26.25 -15.18 -19.15
CA GLY A 973 27.48 -14.44 -19.20
C GLY A 973 27.26 -13.29 -20.17
N PRO A 974 28.32 -12.62 -20.57
CA PRO A 974 28.18 -11.57 -21.59
C PRO A 974 28.08 -12.15 -22.98
N VAL A 975 26.89 -12.04 -23.58
CA VAL A 975 26.66 -12.48 -24.96
C VAL A 975 27.44 -11.59 -25.92
N ASP A 976 28.01 -12.20 -26.97
CA ASP A 976 28.70 -11.38 -27.95
C ASP A 976 28.44 -11.77 -29.41
N SER A 977 27.37 -12.51 -29.70
CA SER A 977 26.91 -12.73 -31.06
C SER A 977 25.56 -13.42 -31.01
N PHE A 978 24.64 -13.00 -31.89
CA PHE A 978 23.24 -13.38 -31.79
C PHE A 978 22.67 -13.60 -33.19
N ALA A 979 21.66 -14.47 -33.28
CA ALA A 979 21.02 -14.70 -34.57
C ALA A 979 19.63 -15.30 -34.43
N PRO A 980 18.64 -14.77 -35.13
CA PRO A 980 17.30 -15.36 -35.13
C PRO A 980 17.25 -16.60 -36.01
N PHE A 981 16.63 -17.64 -35.48
CA PHE A 981 16.78 -18.99 -36.01
C PHE A 981 15.40 -19.65 -36.03
N HIS A 982 15.22 -20.58 -36.96
CA HIS A 982 13.92 -21.21 -37.17
C HIS A 982 14.19 -22.52 -37.88
N ASN A 983 14.02 -23.63 -37.17
CA ASN A 983 14.40 -24.93 -37.68
C ASN A 983 13.31 -25.91 -37.25
N VAL A 984 13.61 -27.20 -37.30
CA VAL A 984 12.66 -28.20 -36.82
C VAL A 984 12.88 -28.55 -35.35
N ASN A 985 14.04 -28.26 -34.80
CA ASN A 985 14.25 -28.43 -33.37
C ASN A 985 14.02 -27.14 -32.60
N CYS A 986 14.40 -26.01 -33.17
CA CYS A 986 14.14 -24.71 -32.57
C CYS A 986 13.15 -23.97 -33.44
N PRO A 987 11.86 -24.30 -33.36
CA PRO A 987 10.87 -23.59 -34.16
C PRO A 987 10.63 -22.22 -33.57
N ARG A 988 10.91 -21.18 -34.36
CA ARG A 988 10.86 -19.80 -33.89
C ARG A 988 11.74 -19.66 -32.64
N GLY A 989 13.03 -19.84 -32.85
CA GLY A 989 14.00 -19.75 -31.78
C GLY A 989 15.15 -18.82 -32.10
N PHE A 990 16.30 -19.05 -31.48
CA PHE A 990 17.45 -18.18 -31.70
C PHE A 990 18.70 -18.97 -31.39
N LEU A 991 19.84 -18.36 -31.64
CA LEU A 991 21.10 -18.98 -31.29
C LEU A 991 22.12 -17.90 -31.02
N TYR A 992 23.11 -18.22 -30.20
CA TYR A 992 24.04 -17.18 -29.82
C TYR A 992 25.33 -17.75 -29.28
N PHE A 993 26.36 -16.92 -29.33
CA PHE A 993 27.69 -17.19 -28.77
C PHE A 993 27.80 -16.56 -27.40
N ASN A 994 28.46 -17.25 -26.47
CA ASN A 994 28.95 -16.56 -25.29
C ASN A 994 30.47 -16.40 -25.42
N ARG A 995 31.12 -16.01 -24.33
CA ARG A 995 32.55 -15.70 -24.39
C ARG A 995 33.43 -16.84 -23.89
N GLN A 996 32.91 -18.06 -23.84
CA GLN A 996 33.75 -19.24 -23.67
C GLN A 996 33.83 -20.07 -24.93
N GLY A 997 33.51 -19.47 -26.08
CA GLY A 997 33.57 -20.16 -27.35
C GLY A 997 32.53 -21.25 -27.45
N GLU A 998 31.27 -20.90 -27.27
CA GLU A 998 30.20 -21.87 -27.28
C GLU A 998 29.00 -21.31 -28.02
N LEU A 999 28.48 -22.09 -28.94
CA LEU A 999 27.21 -21.78 -29.57
C LEU A 999 26.10 -22.45 -28.78
N ARG A 1000 24.97 -21.78 -28.69
CA ARG A 1000 23.80 -22.34 -28.04
C ARG A 1000 22.59 -22.07 -28.90
N ILE A 1001 21.88 -23.14 -29.25
CA ILE A 1001 20.64 -23.08 -30.01
C ILE A 1001 19.52 -23.22 -28.98
N SER A 1002 18.68 -22.20 -28.85
CA SER A 1002 17.74 -22.13 -27.75
C SER A 1002 16.41 -21.58 -28.21
N VAL A 1003 15.38 -21.73 -27.36
CA VAL A 1003 14.05 -21.19 -27.59
C VAL A 1003 13.54 -20.58 -26.29
N LEU A 1004 12.55 -19.70 -26.41
CA LEU A 1004 12.02 -19.00 -25.24
C LEU A 1004 11.09 -19.90 -24.46
N PRO A 1005 11.27 -20.03 -23.15
CA PRO A 1005 10.37 -20.88 -22.34
C PRO A 1005 8.94 -20.39 -22.44
N ALA A 1006 8.09 -21.23 -23.02
CA ALA A 1006 6.78 -20.80 -23.52
C ALA A 1006 5.70 -20.87 -22.47
N TYR A 1007 5.96 -20.35 -21.27
CA TYR A 1007 4.94 -20.32 -20.24
C TYR A 1007 4.81 -18.96 -19.56
N LEU A 1008 5.72 -18.03 -19.82
CA LEU A 1008 5.58 -16.67 -19.36
C LEU A 1008 5.20 -15.78 -20.54
N SER A 1009 4.56 -14.66 -20.24
CA SER A 1009 4.30 -13.61 -21.21
C SER A 1009 5.36 -12.56 -21.07
N TYR A 1010 5.84 -12.05 -22.19
CA TYR A 1010 6.96 -11.13 -22.21
C TYR A 1010 6.52 -9.71 -22.56
N ASP A 1011 5.22 -9.50 -22.71
CA ASP A 1011 4.67 -8.17 -22.91
C ASP A 1011 4.13 -7.63 -21.57
N ALA A 1012 5.05 -7.42 -20.65
CA ALA A 1012 4.72 -6.94 -19.32
C ALA A 1012 5.98 -6.36 -18.70
N PRO A 1013 5.85 -5.47 -17.72
CA PRO A 1013 7.04 -4.90 -17.08
C PRO A 1013 8.03 -5.94 -16.61
N TRP A 1014 7.58 -7.09 -16.15
CA TRP A 1014 8.39 -8.27 -15.95
C TRP A 1014 7.73 -9.43 -16.67
N PRO A 1015 8.50 -10.46 -17.02
CA PRO A 1015 7.87 -11.70 -17.51
C PRO A 1015 6.98 -12.33 -16.44
N VAL A 1016 5.68 -12.42 -16.76
CA VAL A 1016 4.63 -12.81 -15.83
C VAL A 1016 3.85 -13.99 -16.37
N ARG A 1017 3.39 -14.84 -15.45
CA ARG A 1017 2.35 -15.81 -15.73
C ARG A 1017 1.21 -15.60 -14.74
N LYS A 1018 0.00 -15.41 -15.25
CA LYS A 1018 -1.16 -15.24 -14.40
C LYS A 1018 -1.82 -16.58 -14.16
N ILE A 1019 -2.37 -16.77 -12.97
CA ILE A 1019 -2.99 -18.05 -12.61
C ILE A 1019 -4.32 -17.82 -11.91
N PRO A 1020 -5.45 -17.86 -12.61
CA PRO A 1020 -6.72 -17.49 -11.97
C PRO A 1020 -7.25 -18.59 -11.07
N LEU A 1021 -7.59 -18.21 -9.84
CA LEU A 1021 -8.13 -19.12 -8.86
C LEU A 1021 -9.65 -19.06 -8.77
N ARG A 1022 -10.27 -18.11 -9.44
CA ARG A 1022 -11.71 -17.87 -9.41
C ARG A 1022 -12.23 -17.56 -8.00
N CYS A 1023 -11.34 -17.44 -7.03
CA CYS A 1023 -11.69 -17.18 -5.65
C CYS A 1023 -10.72 -16.14 -5.12
N THR A 1024 -10.57 -16.04 -3.82
CA THR A 1024 -9.69 -15.05 -3.20
C THR A 1024 -8.54 -15.75 -2.49
N ALA A 1025 -7.32 -15.37 -2.84
CA ALA A 1025 -6.12 -15.94 -2.25
C ALA A 1025 -5.60 -15.00 -1.17
N HIS A 1026 -5.46 -15.51 0.05
CA HIS A 1026 -4.99 -14.71 1.16
C HIS A 1026 -3.51 -14.91 1.45
N TYR A 1027 -3.08 -16.16 1.57
CA TYR A 1027 -1.71 -16.40 1.99
C TYR A 1027 -1.07 -17.41 1.07
N VAL A 1028 0.21 -17.26 0.80
CA VAL A 1028 0.94 -18.15 -0.11
C VAL A 1028 2.25 -18.51 0.54
N ALA A 1029 2.62 -19.78 0.51
CA ALA A 1029 3.79 -20.26 1.23
C ALA A 1029 4.45 -21.35 0.39
N TYR A 1030 5.67 -21.07 -0.07
CA TYR A 1030 6.45 -22.04 -0.81
C TYR A 1030 7.03 -23.05 0.15
N HIS A 1031 6.48 -24.26 0.18
CA HIS A 1031 7.06 -25.35 0.94
C HIS A 1031 8.22 -25.92 0.17
N VAL A 1032 9.40 -25.93 0.80
CA VAL A 1032 10.69 -26.08 0.15
C VAL A 1032 10.91 -27.52 -0.26
N GLU A 1033 11.08 -28.40 0.73
CA GLU A 1033 11.47 -29.78 0.50
C GLU A 1033 10.57 -30.47 -0.51
N SER A 1034 9.33 -30.01 -0.63
CA SER A 1034 8.41 -30.52 -1.62
C SER A 1034 8.36 -29.67 -2.88
N LYS A 1035 8.82 -28.42 -2.80
CA LYS A 1035 8.77 -27.50 -3.93
C LYS A 1035 7.34 -27.31 -4.40
N VAL A 1036 6.46 -26.99 -3.45
CA VAL A 1036 5.03 -26.82 -3.72
C VAL A 1036 4.61 -25.50 -3.12
N TYR A 1037 3.42 -25.02 -3.48
CA TYR A 1037 2.90 -23.78 -2.93
C TYR A 1037 1.63 -24.10 -2.16
N ALA A 1038 1.64 -23.91 -0.85
CA ALA A 1038 0.45 -24.00 -0.04
C ALA A 1038 -0.25 -22.65 -0.05
N VAL A 1039 -1.53 -22.63 -0.40
CA VAL A 1039 -2.24 -21.37 -0.60
C VAL A 1039 -3.54 -21.40 0.17
N ALA A 1040 -3.72 -20.43 1.06
CA ALA A 1040 -4.95 -20.29 1.84
C ALA A 1040 -5.86 -19.30 1.14
N THR A 1041 -7.04 -19.79 0.71
CA THR A 1041 -8.00 -19.06 -0.09
C THR A 1041 -9.38 -19.13 0.53
N SER A 1042 -10.30 -18.31 -0.01
CA SER A 1042 -11.64 -18.16 0.53
C SER A 1042 -12.65 -18.03 -0.60
N THR A 1043 -13.92 -18.30 -0.28
CA THR A 1043 -14.99 -18.14 -1.26
C THR A 1043 -16.27 -17.76 -0.53
N ASN A 1044 -17.10 -16.93 -1.17
CA ASN A 1044 -18.33 -16.44 -0.56
C ASN A 1044 -19.53 -17.31 -0.94
N THR A 1045 -20.39 -17.53 0.05
CA THR A 1045 -21.68 -18.20 -0.09
C THR A 1045 -22.74 -17.33 0.55
N PRO A 1046 -24.02 -17.63 0.34
CA PRO A 1046 -25.06 -16.94 1.11
C PRO A 1046 -25.01 -17.36 2.58
N CYS A 1047 -25.71 -16.58 3.40
CA CYS A 1047 -25.75 -16.83 4.84
C CYS A 1047 -27.18 -17.17 5.26
N ALA A 1048 -27.28 -18.12 6.20
CA ALA A 1048 -28.55 -18.72 6.59
C ALA A 1048 -28.84 -18.64 8.07
N ARG A 1049 -27.84 -18.78 8.92
CA ARG A 1049 -28.05 -18.84 10.36
C ARG A 1049 -27.49 -17.60 11.05
N ILE A 1050 -27.75 -17.51 12.35
CA ILE A 1050 -27.21 -16.48 13.22
C ILE A 1050 -26.85 -17.11 14.55
N PRO A 1051 -25.60 -17.10 14.97
CA PRO A 1051 -25.23 -17.75 16.23
C PRO A 1051 -25.75 -16.98 17.44
N ARG A 1052 -25.81 -17.66 18.57
CA ARG A 1052 -26.32 -17.07 19.80
C ARG A 1052 -25.41 -17.46 20.94
N MET A 1053 -25.87 -17.24 22.17
CA MET A 1053 -25.07 -17.37 23.37
C MET A 1053 -24.24 -18.65 23.43
N GLU A 1057 -25.23 -25.04 24.02
CA GLU A 1057 -25.82 -23.71 24.22
C GLU A 1057 -25.28 -22.70 23.20
N LYS A 1058 -25.40 -23.05 21.92
CA LYS A 1058 -24.97 -22.17 20.83
C LYS A 1058 -26.03 -22.19 19.74
N GLU A 1059 -27.27 -21.88 20.11
CA GLU A 1059 -28.38 -21.84 19.17
C GLU A 1059 -28.02 -21.08 17.91
N PHE A 1060 -28.65 -21.44 16.79
CA PHE A 1060 -28.43 -20.79 15.51
C PHE A 1060 -29.77 -20.34 14.96
N GLU A 1061 -30.16 -19.11 15.27
CA GLU A 1061 -31.42 -18.56 14.85
C GLU A 1061 -31.43 -18.41 13.33
N THR A 1062 -32.19 -19.26 12.65
CA THR A 1062 -32.19 -19.28 11.19
C THR A 1062 -32.87 -18.05 10.62
N ILE A 1063 -32.24 -17.45 9.63
CA ILE A 1063 -32.76 -16.23 9.01
C ILE A 1063 -33.92 -16.61 8.09
N GLU A 1064 -35.03 -15.88 8.21
CA GLU A 1064 -36.23 -16.14 7.42
C GLU A 1064 -36.82 -14.80 6.98
N ARG A 1065 -36.60 -14.44 5.74
CA ARG A 1065 -37.17 -13.21 5.21
C ARG A 1065 -38.04 -13.56 4.01
N ASP A 1066 -38.57 -12.52 3.36
CA ASP A 1066 -39.41 -12.71 2.20
C ASP A 1066 -38.56 -13.15 1.01
N GLU A 1067 -39.13 -13.08 -0.20
CA GLU A 1067 -38.41 -13.52 -1.37
C GLU A 1067 -37.38 -12.51 -1.83
N ARG A 1068 -37.65 -11.22 -1.65
CA ARG A 1068 -36.79 -10.16 -2.15
C ARG A 1068 -35.77 -9.73 -1.10
N TYR A 1069 -35.03 -10.67 -0.54
CA TYR A 1069 -34.10 -10.39 0.55
C TYR A 1069 -32.69 -10.72 0.10
N ILE A 1070 -31.81 -9.73 0.16
CA ILE A 1070 -30.41 -9.88 -0.25
C ILE A 1070 -29.67 -10.50 0.92
N HIS A 1071 -29.40 -11.78 0.82
CA HIS A 1071 -28.79 -12.51 1.91
C HIS A 1071 -27.42 -11.95 2.26
N PRO A 1072 -26.94 -12.18 3.48
CA PRO A 1072 -25.56 -11.84 3.82
C PRO A 1072 -24.58 -12.67 3.01
N GLN A 1073 -23.30 -12.34 3.15
CA GLN A 1073 -22.22 -13.07 2.51
C GLN A 1073 -21.37 -13.75 3.58
N GLN A 1074 -20.89 -14.95 3.28
CA GLN A 1074 -20.22 -15.76 4.29
C GLN A 1074 -19.05 -16.50 3.66
N GLU A 1075 -17.86 -16.35 4.24
CA GLU A 1075 -16.65 -16.90 3.66
C GLU A 1075 -16.36 -18.29 4.16
N ALA A 1076 -15.88 -19.15 3.27
CA ALA A 1076 -15.36 -20.46 3.62
C ALA A 1076 -13.93 -20.55 3.14
N PHE A 1077 -13.06 -21.11 3.97
CA PHE A 1077 -11.66 -21.19 3.60
C PHE A 1077 -11.27 -22.59 3.17
N SER A 1078 -10.19 -22.64 2.38
CA SER A 1078 -9.62 -23.86 1.86
C SER A 1078 -8.12 -23.67 1.68
N ILE A 1079 -7.34 -24.68 2.05
CA ILE A 1079 -5.89 -24.62 1.90
C ILE A 1079 -5.49 -25.61 0.82
N GLN A 1080 -5.07 -25.08 -0.32
CA GLN A 1080 -4.78 -25.85 -1.52
C GLN A 1080 -3.28 -26.05 -1.64
N LEU A 1081 -2.90 -26.99 -2.51
CA LEU A 1081 -1.54 -27.12 -3.00
C LEU A 1081 -1.51 -26.79 -4.49
N ILE A 1082 -0.44 -26.13 -4.91
CA ILE A 1082 -0.26 -25.71 -6.29
C ILE A 1082 1.15 -26.07 -6.72
N SER A 1083 1.28 -26.58 -7.93
CA SER A 1083 2.54 -27.16 -8.35
C SER A 1083 3.23 -26.25 -9.35
N PRO A 1084 4.50 -25.90 -9.12
CA PRO A 1084 5.20 -25.02 -10.06
C PRO A 1084 5.45 -25.63 -11.42
N VAL A 1085 5.08 -26.89 -11.64
CA VAL A 1085 5.38 -27.54 -12.90
C VAL A 1085 4.38 -27.14 -13.96
N SER A 1086 3.11 -27.40 -13.72
CA SER A 1086 2.05 -27.01 -14.62
C SER A 1086 1.27 -25.81 -14.13
N TRP A 1087 1.54 -25.34 -12.91
CA TRP A 1087 0.79 -24.27 -12.25
C TRP A 1087 -0.69 -24.59 -12.21
N GLU A 1088 -0.99 -25.87 -11.98
CA GLU A 1088 -2.33 -26.37 -11.84
C GLU A 1088 -2.45 -27.06 -10.48
N ALA A 1089 -3.58 -26.85 -9.81
CA ALA A 1089 -3.74 -27.31 -8.44
C ALA A 1089 -3.74 -28.83 -8.38
N ILE A 1090 -2.94 -29.38 -7.48
CA ILE A 1090 -2.90 -30.82 -7.23
C ILE A 1090 -4.31 -31.31 -6.98
N PRO A 1091 -4.79 -32.34 -7.68
CA PRO A 1091 -6.17 -32.79 -7.46
C PRO A 1091 -6.30 -33.52 -6.14
N ASN A 1092 -7.29 -33.10 -5.34
CA ASN A 1092 -7.77 -33.84 -4.18
C ASN A 1092 -6.75 -33.84 -3.04
N ALA A 1093 -6.14 -32.69 -2.78
CA ALA A 1093 -5.22 -32.49 -1.66
C ALA A 1093 -5.56 -31.19 -0.95
N ARG A 1094 -6.84 -30.99 -0.69
CA ARG A 1094 -7.38 -29.71 -0.24
C ARG A 1094 -7.96 -29.85 1.15
N ILE A 1095 -7.60 -28.94 2.04
CA ILE A 1095 -8.07 -28.93 3.41
C ILE A 1095 -9.17 -27.89 3.53
N GLU A 1096 -10.40 -28.35 3.70
CA GLU A 1096 -11.50 -27.49 4.07
C GLU A 1096 -11.46 -27.25 5.57
N LEU A 1097 -11.87 -26.07 6.00
CA LEU A 1097 -11.86 -25.74 7.41
C LEU A 1097 -13.28 -25.55 7.91
N GLN A 1098 -13.47 -25.86 9.19
CA GLN A 1098 -14.72 -25.78 9.93
C GLN A 1098 -15.49 -24.50 9.62
N GLU A 1099 -16.82 -24.54 9.77
CA GLU A 1099 -17.63 -23.42 9.30
C GLU A 1099 -17.41 -22.19 10.16
N TRP A 1100 -17.38 -21.02 9.52
CA TRP A 1100 -17.07 -19.72 10.09
C TRP A 1100 -15.60 -19.56 10.50
N GLU A 1101 -14.71 -20.47 10.11
CA GLU A 1101 -13.36 -20.50 10.64
C GLU A 1101 -12.42 -19.79 9.67
N HIS A 1102 -12.20 -18.50 9.88
CA HIS A 1102 -11.22 -17.75 9.11
C HIS A 1102 -9.81 -18.22 9.45
N VAL A 1103 -8.92 -18.15 8.47
CA VAL A 1103 -7.49 -18.33 8.69
C VAL A 1103 -6.86 -16.95 8.73
N THR A 1104 -6.18 -16.63 9.84
CA THR A 1104 -5.58 -15.33 10.03
C THR A 1104 -4.11 -15.29 9.65
N CYS A 1105 -3.48 -16.44 9.45
CA CYS A 1105 -2.07 -16.45 9.05
C CYS A 1105 -1.68 -17.81 8.49
N MET A 1106 -0.68 -17.79 7.62
CA MET A 1106 -0.09 -19.01 7.05
C MET A 1106 1.35 -18.73 6.68
N LYS A 1107 2.27 -19.47 7.26
CA LYS A 1107 3.69 -19.29 7.03
C LYS A 1107 4.37 -20.62 6.86
N THR A 1108 5.62 -20.56 6.41
CA THR A 1108 6.48 -21.72 6.28
C THR A 1108 7.47 -21.64 7.43
N VAL A 1109 7.14 -22.27 8.52
CA VAL A 1109 7.97 -22.20 9.71
C VAL A 1109 8.86 -23.43 9.75
N SER A 1110 10.07 -23.28 10.28
CA SER A 1110 11.01 -24.39 10.38
C SER A 1110 11.17 -24.75 11.84
N LEU A 1111 10.60 -25.88 12.22
CA LEU A 1111 10.52 -26.28 13.61
C LEU A 1111 11.43 -27.46 13.86
N ARG A 1112 12.00 -27.49 15.06
CA ARG A 1112 12.94 -28.52 15.45
C ARG A 1112 12.32 -29.91 15.30
N SER A 1113 13.18 -30.90 14.98
CA SER A 1113 12.78 -32.29 14.85
C SER A 1113 14.02 -33.16 14.73
N GLU A 1114 13.94 -34.36 15.29
CA GLU A 1114 15.04 -35.33 15.28
C GLU A 1114 14.92 -36.29 14.09
N GLU A 1115 14.71 -35.71 12.91
CA GLU A 1115 14.53 -36.48 11.70
C GLU A 1115 15.35 -35.93 10.54
N THR A 1116 15.89 -34.73 10.67
CA THR A 1116 16.61 -34.04 9.62
C THR A 1116 18.07 -33.90 10.02
N VAL A 1117 18.91 -33.59 9.03
CA VAL A 1117 20.31 -33.29 9.31
C VAL A 1117 20.43 -32.09 10.22
N SER A 1118 19.91 -30.96 9.80
CA SER A 1118 20.06 -29.70 10.52
C SER A 1118 19.13 -29.57 11.70
N GLY A 1119 18.58 -30.68 12.20
CA GLY A 1119 17.72 -30.66 13.36
C GLY A 1119 16.41 -29.94 13.17
N LEU A 1120 16.26 -29.14 12.13
CA LEU A 1120 15.04 -28.43 11.84
C LEU A 1120 14.37 -29.05 10.64
N LYS A 1121 13.11 -28.69 10.42
CA LYS A 1121 12.45 -29.00 9.16
C LYS A 1121 11.23 -28.13 9.00
N GLY A 1122 10.91 -27.81 7.75
CA GLY A 1122 9.87 -26.85 7.46
C GLY A 1122 8.50 -27.50 7.44
N TYR A 1123 7.55 -26.88 8.13
CA TYR A 1123 6.14 -27.19 8.05
C TYR A 1123 5.41 -25.97 7.51
N VAL A 1124 4.10 -26.09 7.38
CA VAL A 1124 3.25 -24.97 7.02
C VAL A 1124 2.23 -24.83 8.15
N ALA A 1125 2.32 -23.75 8.91
CA ALA A 1125 1.43 -23.51 10.03
C ALA A 1125 0.38 -22.47 9.66
N ALA A 1126 -0.82 -22.64 10.22
CA ALA A 1126 -1.89 -21.68 10.00
C ALA A 1126 -2.74 -21.57 11.24
N GLY A 1127 -2.92 -20.33 11.72
CA GLY A 1127 -3.75 -20.06 12.88
C GLY A 1127 -5.10 -19.54 12.42
N THR A 1128 -6.14 -19.95 13.14
CA THR A 1128 -7.51 -19.78 12.69
C THR A 1128 -8.31 -19.11 13.79
N CYS A 1129 -9.17 -18.19 13.40
CA CYS A 1129 -10.12 -17.57 14.30
C CYS A 1129 -11.53 -17.89 13.85
N LEU A 1130 -12.32 -18.45 14.76
CA LEU A 1130 -13.67 -18.89 14.49
C LEU A 1130 -14.61 -17.77 14.89
N MET A 1131 -14.76 -16.79 14.01
CA MET A 1131 -15.44 -15.55 14.36
C MET A 1131 -16.93 -15.70 14.09
N GLN A 1132 -17.66 -16.00 15.16
CA GLN A 1132 -19.11 -16.11 15.07
C GLN A 1132 -19.73 -14.73 14.93
N GLY A 1133 -19.60 -13.90 15.96
CA GLY A 1133 -20.08 -12.55 15.91
C GLY A 1133 -19.45 -11.71 17.00
N GLU A 1134 -20.01 -10.51 17.18
CA GLU A 1134 -19.52 -9.61 18.21
C GLU A 1134 -19.73 -10.17 19.61
N GLU A 1135 -20.84 -10.89 19.82
CA GLU A 1135 -21.25 -11.34 21.15
C GLU A 1135 -20.99 -12.82 21.37
N VAL A 1136 -19.94 -13.37 20.75
CA VAL A 1136 -19.55 -14.75 20.94
C VAL A 1136 -18.05 -14.75 21.22
N THR A 1137 -17.63 -15.51 22.24
CA THR A 1137 -16.24 -15.49 22.67
C THR A 1137 -15.38 -16.10 21.58
N CYS A 1138 -14.68 -15.25 20.83
CA CYS A 1138 -13.95 -15.70 19.66
C CYS A 1138 -12.84 -16.64 20.09
N ARG A 1139 -12.89 -17.86 19.58
CA ARG A 1139 -11.84 -18.84 19.78
C ARG A 1139 -11.04 -18.96 18.51
N GLY A 1140 -10.02 -19.82 18.57
CA GLY A 1140 -9.22 -20.10 17.41
C GLY A 1140 -8.74 -21.54 17.41
N ARG A 1141 -7.80 -21.85 16.54
CA ARG A 1141 -7.26 -23.19 16.41
C ARG A 1141 -5.95 -23.12 15.64
N ILE A 1142 -4.99 -23.95 16.01
CA ILE A 1142 -3.70 -24.00 15.33
C ILE A 1142 -3.61 -25.27 14.49
N LEU A 1143 -3.07 -25.13 13.28
CA LEU A 1143 -3.09 -26.16 12.25
C LEU A 1143 -1.70 -26.27 11.62
N ILE A 1144 -0.95 -27.28 12.02
CA ILE A 1144 0.40 -27.56 11.52
C ILE A 1144 0.29 -28.67 10.49
N MET A 1145 0.64 -28.37 9.24
CA MET A 1145 0.64 -29.39 8.21
C MET A 1145 2.05 -29.63 7.70
N ASP A 1146 2.20 -30.80 7.08
CA ASP A 1146 3.35 -31.13 6.26
C ASP A 1146 2.87 -31.51 4.88
N VAL A 1147 3.76 -31.47 3.90
CA VAL A 1147 3.46 -31.96 2.55
C VAL A 1147 4.39 -33.12 2.27
N ILE A 1148 3.82 -34.29 1.97
CA ILE A 1148 4.62 -35.52 1.89
C ILE A 1148 4.63 -36.06 0.47
N GLU A 1149 5.39 -37.14 0.27
CA GLU A 1149 5.52 -37.80 -1.03
C GLU A 1149 4.78 -39.12 -1.00
N VAL A 1150 3.94 -39.36 -2.01
CA VAL A 1150 3.09 -40.53 -2.05
C VAL A 1150 3.10 -41.08 -3.47
N VAL A 1151 2.84 -42.38 -3.60
CA VAL A 1151 2.79 -43.05 -4.89
C VAL A 1151 1.55 -42.56 -5.65
N PRO A 1152 1.71 -41.98 -6.85
CA PRO A 1152 0.57 -41.44 -7.60
C PRO A 1152 -0.23 -42.52 -8.31
N PRO A 1157 0.89 -38.40 -11.63
CA PRO A 1157 1.68 -37.27 -12.13
C PRO A 1157 1.79 -36.13 -11.12
N LEU A 1158 0.64 -35.51 -10.80
CA LEU A 1158 0.56 -34.50 -9.76
C LEU A 1158 0.23 -35.08 -8.40
N THR A 1159 -0.38 -36.25 -8.36
CA THR A 1159 -0.86 -36.85 -7.13
C THR A 1159 0.28 -37.44 -6.30
N LYS A 1160 1.50 -36.99 -6.55
CA LYS A 1160 2.61 -37.44 -5.74
C LYS A 1160 2.76 -36.65 -4.45
N ASN A 1161 1.89 -35.67 -4.21
CA ASN A 1161 1.97 -34.83 -3.02
C ASN A 1161 0.60 -34.68 -2.39
N LYS A 1162 0.56 -34.75 -1.06
CA LYS A 1162 -0.67 -34.61 -0.29
C LYS A 1162 -0.35 -33.89 0.99
N PHE A 1163 -1.38 -33.33 1.62
CA PHE A 1163 -1.20 -32.77 2.96
C PHE A 1163 -1.14 -33.84 4.02
N LYS A 1164 -0.29 -33.60 5.01
CA LYS A 1164 -0.19 -34.40 6.22
C LYS A 1164 -0.51 -33.47 7.38
N VAL A 1165 -1.78 -33.45 7.79
CA VAL A 1165 -2.18 -32.59 8.89
C VAL A 1165 -1.63 -33.18 10.17
N LEU A 1166 -0.52 -32.62 10.61
CA LEU A 1166 0.19 -33.15 11.76
C LEU A 1166 -0.42 -32.69 13.07
N TYR A 1167 -1.01 -31.49 13.08
CA TYR A 1167 -1.62 -30.95 14.29
C TYR A 1167 -2.82 -30.11 13.90
N GLU A 1168 -3.92 -30.25 14.65
CA GLU A 1168 -5.11 -29.45 14.38
C GLU A 1168 -5.90 -29.39 15.69
N LYS A 1169 -5.80 -28.28 16.41
CA LYS A 1169 -6.34 -28.28 17.76
C LYS A 1169 -6.76 -26.90 18.23
N GLU A 1170 -7.84 -26.86 19.01
CA GLU A 1170 -8.45 -25.60 19.43
C GLU A 1170 -7.68 -24.99 20.58
N GLN A 1171 -7.42 -23.68 20.47
CA GLN A 1171 -6.62 -22.94 21.42
C GLN A 1171 -7.52 -22.01 22.21
N LYS A 1172 -7.14 -21.74 23.46
CA LYS A 1172 -8.01 -20.98 24.36
C LYS A 1172 -7.98 -19.48 24.08
N GLY A 1173 -8.20 -19.10 22.83
CA GLY A 1173 -8.23 -17.71 22.44
C GLY A 1173 -7.98 -17.59 20.96
N PRO A 1174 -8.19 -16.40 20.40
CA PRO A 1174 -7.94 -16.21 18.97
C PRO A 1174 -6.47 -16.34 18.64
N VAL A 1175 -6.16 -17.00 17.54
CA VAL A 1175 -4.79 -17.11 17.06
C VAL A 1175 -4.61 -16.11 15.93
N THR A 1176 -3.70 -15.16 16.09
CA THR A 1176 -3.70 -13.95 15.28
C THR A 1176 -2.42 -13.72 14.50
N ALA A 1177 -1.31 -14.34 14.88
CA ALA A 1177 -0.09 -14.31 14.09
C ALA A 1177 0.87 -15.33 14.68
N LEU A 1178 1.80 -15.80 13.86
CA LEU A 1178 2.80 -16.74 14.34
C LEU A 1178 4.08 -16.66 13.51
N CYS A 1179 5.14 -17.22 14.06
CA CYS A 1179 6.44 -17.28 13.40
C CYS A 1179 7.24 -18.41 14.05
N HIS A 1180 8.55 -18.40 13.89
CA HIS A 1180 9.40 -19.35 14.58
C HIS A 1180 10.56 -18.63 15.26
N CYS A 1181 11.20 -19.33 16.18
CA CYS A 1181 12.33 -18.75 16.91
C CYS A 1181 13.21 -19.90 17.41
N ASN A 1182 14.19 -20.29 16.60
CA ASN A 1182 15.13 -21.36 16.89
C ASN A 1182 14.46 -22.71 17.11
N GLY A 1183 13.35 -22.97 16.41
CA GLY A 1183 12.70 -24.26 16.45
C GLY A 1183 11.42 -24.31 17.23
N HIS A 1184 10.87 -23.18 17.64
CA HIS A 1184 9.66 -23.15 18.42
C HIS A 1184 8.60 -22.41 17.63
N LEU A 1185 7.35 -22.70 17.91
CA LEU A 1185 6.27 -22.02 17.23
C LEU A 1185 5.81 -20.88 18.12
N VAL A 1186 6.09 -19.65 17.69
CA VAL A 1186 5.70 -18.47 18.45
C VAL A 1186 4.30 -18.10 18.01
N SER A 1187 3.31 -18.36 18.87
CA SER A 1187 1.92 -18.07 18.54
C SER A 1187 1.42 -16.88 19.33
N ALA A 1188 0.51 -16.11 18.73
CA ALA A 1188 -0.08 -14.96 19.39
C ALA A 1188 -1.55 -15.26 19.63
N ILE A 1189 -1.89 -15.59 20.87
CA ILE A 1189 -3.23 -16.02 21.24
C ILE A 1189 -3.88 -14.90 22.05
N GLY A 1190 -4.88 -14.26 21.46
CA GLY A 1190 -5.59 -13.20 22.13
C GLY A 1190 -4.76 -11.96 22.38
N GLN A 1191 -4.38 -11.75 23.64
CA GLN A 1191 -3.45 -10.69 24.02
C GLN A 1191 -2.22 -11.27 24.73
N LYS A 1192 -1.87 -12.51 24.44
CA LYS A 1192 -0.62 -13.06 24.96
C LYS A 1192 0.18 -13.64 23.82
N ILE A 1193 1.49 -13.73 24.02
CA ILE A 1193 2.36 -14.35 23.04
C ILE A 1193 3.05 -15.53 23.70
N PHE A 1194 2.81 -16.71 23.13
CA PHE A 1194 3.24 -18.01 23.63
C PHE A 1194 4.37 -18.51 22.76
N LEU A 1195 5.22 -19.34 23.34
CA LEU A 1195 6.32 -19.95 22.61
C LEU A 1195 6.22 -21.46 22.82
N TRP A 1196 5.73 -22.16 21.80
CA TRP A 1196 5.39 -23.57 21.87
C TRP A 1196 6.52 -24.45 21.39
N SER A 1197 6.54 -25.68 21.89
CA SER A 1197 7.46 -26.71 21.45
C SER A 1197 6.67 -27.94 21.03
N LEU A 1198 6.82 -28.32 19.77
CA LEU A 1198 6.13 -29.49 19.21
C LEU A 1198 7.00 -30.72 19.38
N ARG A 1199 6.65 -31.55 20.35
CA ARG A 1199 7.39 -32.75 20.69
C ARG A 1199 6.43 -33.92 20.59
N ALA A 1200 6.81 -34.94 19.83
CA ALA A 1200 5.97 -36.12 19.63
C ALA A 1200 4.58 -35.74 19.14
N SER A 1201 4.53 -34.71 18.30
CA SER A 1201 3.30 -34.22 17.70
C SER A 1201 2.27 -33.79 18.74
N GLU A 1202 2.70 -32.91 19.66
CA GLU A 1202 1.78 -32.25 20.57
C GLU A 1202 2.46 -30.99 21.09
N LEU A 1203 1.78 -29.84 20.97
CA LEU A 1203 2.36 -28.57 21.38
C LEU A 1203 2.50 -28.47 22.89
N THR A 1204 3.64 -27.94 23.34
CA THR A 1204 3.98 -27.86 24.76
C THR A 1204 4.43 -26.45 25.08
N GLY A 1205 3.72 -25.78 25.99
CA GLY A 1205 4.08 -24.42 26.33
C GLY A 1205 5.39 -24.35 27.10
N MET A 1206 6.15 -23.30 26.83
CA MET A 1206 7.44 -23.10 27.47
C MET A 1206 7.61 -21.70 28.02
N ALA A 1207 6.98 -20.70 27.41
CA ALA A 1207 7.02 -19.35 27.91
C ALA A 1207 5.89 -18.55 27.31
N PHE A 1208 5.40 -17.57 28.07
CA PHE A 1208 4.41 -16.63 27.57
C PHE A 1208 4.81 -15.24 27.98
N ILE A 1209 4.17 -14.25 27.36
CA ILE A 1209 4.34 -12.87 27.77
C ILE A 1209 3.06 -12.11 27.45
N ASP A 1210 2.83 -11.07 28.24
CA ASP A 1210 1.67 -10.20 28.11
C ASP A 1210 2.01 -9.03 27.21
N THR A 1211 1.15 -8.72 26.26
CA THR A 1211 1.50 -7.79 25.21
C THR A 1211 0.33 -6.87 24.92
N GLN A 1212 0.36 -6.25 23.74
CA GLN A 1212 -0.47 -5.10 23.47
C GLN A 1212 -1.85 -5.52 22.99
N LEU A 1213 -2.58 -4.60 22.38
CA LEU A 1213 -3.98 -4.82 22.07
C LEU A 1213 -4.16 -6.06 21.20
N TYR A 1214 -3.63 -6.03 19.98
CA TYR A 1214 -3.86 -7.07 18.97
C TYR A 1214 -2.58 -7.20 18.16
N ILE A 1215 -1.73 -8.17 18.49
CA ILE A 1215 -0.61 -8.48 17.60
C ILE A 1215 -1.15 -9.02 16.29
N HIS A 1216 -0.62 -8.56 15.17
CA HIS A 1216 -1.04 -9.13 13.91
C HIS A 1216 0.11 -9.38 12.93
N GLN A 1217 1.35 -9.40 13.41
CA GLN A 1217 2.52 -9.66 12.59
C GLN A 1217 3.68 -9.96 13.52
N MET A 1218 4.46 -10.98 13.21
CA MET A 1218 5.65 -11.27 13.99
C MET A 1218 6.73 -11.79 13.07
N ILE A 1219 7.96 -11.32 13.27
CA ILE A 1219 9.11 -11.69 12.46
C ILE A 1219 10.30 -11.84 13.39
N SER A 1220 11.04 -12.93 13.25
CA SER A 1220 12.16 -13.22 14.14
C SER A 1220 13.48 -13.19 13.38
N VAL A 1221 14.54 -12.86 14.10
CA VAL A 1221 15.88 -13.13 13.62
C VAL A 1221 16.78 -13.45 14.79
N LYS A 1222 17.31 -14.66 14.82
CA LYS A 1222 18.42 -15.01 15.69
C LYS A 1222 18.11 -14.66 17.15
N ASN A 1223 17.14 -15.38 17.71
CA ASN A 1223 16.79 -15.33 19.13
C ASN A 1223 15.91 -14.14 19.45
N PHE A 1224 15.72 -13.19 18.56
CA PHE A 1224 14.87 -12.04 18.80
C PHE A 1224 13.56 -12.20 18.07
N ILE A 1225 12.54 -11.46 18.51
CA ILE A 1225 11.22 -11.47 17.88
C ILE A 1225 10.74 -10.03 17.82
N LEU A 1226 9.90 -9.72 16.86
CA LEU A 1226 9.47 -8.34 16.63
C LEU A 1226 7.98 -8.32 16.38
N ALA A 1227 7.21 -7.99 17.41
CA ALA A 1227 5.75 -8.00 17.32
C ALA A 1227 5.22 -6.66 16.84
N ALA A 1228 4.13 -6.71 16.08
CA ALA A 1228 3.49 -5.54 15.49
C ALA A 1228 2.03 -5.51 15.87
N ASP A 1229 1.50 -4.33 16.12
CA ASP A 1229 0.18 -4.18 16.71
C ASP A 1229 -0.67 -3.27 15.84
N VAL A 1230 -1.95 -3.21 16.14
CA VAL A 1230 -2.88 -2.59 15.22
C VAL A 1230 -3.07 -1.10 15.52
N MET A 1231 -2.83 -0.68 16.76
CA MET A 1231 -2.77 0.75 17.08
C MET A 1231 -1.50 1.19 17.79
N LYS A 1232 -0.80 0.31 18.47
CA LYS A 1232 0.53 0.59 18.98
C LYS A 1232 1.55 0.14 17.93
N SER A 1233 2.67 0.86 17.85
CA SER A 1233 3.53 0.57 16.71
C SER A 1233 4.19 -0.82 16.74
N ILE A 1234 5.19 -1.07 17.59
CA ILE A 1234 5.97 -2.31 17.52
C ILE A 1234 6.62 -2.55 18.87
N SER A 1235 7.04 -3.79 19.10
CA SER A 1235 7.78 -4.16 20.30
C SER A 1235 8.84 -5.19 19.95
N LEU A 1236 10.01 -5.08 20.56
CA LEU A 1236 11.12 -6.00 20.35
C LEU A 1236 11.27 -6.91 21.56
N LEU A 1237 11.16 -8.21 21.33
CA LEU A 1237 11.13 -9.28 22.31
C LEU A 1237 12.30 -10.22 22.08
N ARG A 1238 12.40 -11.22 22.94
CA ARG A 1238 13.59 -12.04 23.01
C ARG A 1238 13.28 -13.31 23.78
N TYR A 1239 14.13 -14.32 23.62
CA TYR A 1239 13.92 -15.59 24.31
C TYR A 1239 15.26 -16.11 24.79
N GLN A 1240 15.22 -16.90 25.86
CA GLN A 1240 16.41 -17.49 26.44
C GLN A 1240 16.19 -18.98 26.60
N GLU A 1241 16.83 -19.78 25.75
CA GLU A 1241 16.71 -21.23 25.84
C GLU A 1241 17.00 -21.72 27.25
N GLU A 1242 17.92 -21.05 27.95
CA GLU A 1242 18.40 -21.55 29.23
C GLU A 1242 17.33 -21.43 30.31
N SER A 1243 16.78 -20.24 30.48
CA SER A 1243 15.82 -19.98 31.54
C SER A 1243 14.37 -20.05 31.08
N LYS A 1244 14.13 -20.15 29.78
CA LYS A 1244 12.81 -20.38 29.20
C LYS A 1244 11.91 -19.16 29.42
N THR A 1245 12.46 -17.98 29.15
CA THR A 1245 11.83 -16.72 29.52
C THR A 1245 11.79 -15.79 28.32
N LEU A 1246 10.59 -15.49 27.84
CA LEU A 1246 10.49 -14.31 27.00
C LEU A 1246 10.81 -13.08 27.83
N SER A 1247 10.95 -11.95 27.16
CA SER A 1247 11.22 -10.69 27.82
C SER A 1247 11.14 -9.58 26.80
N LEU A 1248 10.50 -8.48 27.17
CA LEU A 1248 10.44 -7.32 26.28
C LEU A 1248 11.79 -6.62 26.30
N VAL A 1249 12.52 -6.69 25.19
CA VAL A 1249 13.75 -5.91 25.08
C VAL A 1249 13.42 -4.42 25.07
N SER A 1250 12.60 -3.99 24.13
CA SER A 1250 12.19 -2.59 24.15
C SER A 1250 10.93 -2.40 23.33
N ARG A 1251 10.59 -1.16 23.06
CA ARG A 1251 9.33 -0.87 22.39
C ARG A 1251 9.28 0.59 22.00
N ASP A 1252 8.45 0.88 21.02
CA ASP A 1252 8.19 2.23 20.58
C ASP A 1252 6.94 2.72 21.29
N ALA A 1253 7.12 3.61 22.26
CA ALA A 1253 6.04 3.99 23.15
C ALA A 1253 4.96 4.82 22.47
N LYS A 1254 5.25 5.39 21.31
CA LYS A 1254 4.25 6.19 20.61
C LYS A 1254 3.20 5.30 19.94
N PRO A 1255 2.05 5.86 19.59
CA PRO A 1255 1.06 5.10 18.83
C PRO A 1255 1.26 5.19 17.33
N LEU A 1256 0.99 4.08 16.64
CA LEU A 1256 1.16 4.01 15.20
C LEU A 1256 0.47 2.76 14.69
N GLU A 1257 -0.16 2.86 13.52
CA GLU A 1257 -0.93 1.77 12.94
C GLU A 1257 -0.10 1.06 11.88
N VAL A 1258 0.50 -0.06 12.25
CA VAL A 1258 1.45 -0.79 11.42
C VAL A 1258 0.70 -1.65 10.41
N TYR A 1259 1.24 -1.75 9.20
CA TYR A 1259 0.84 -2.84 8.31
C TYR A 1259 1.77 -4.05 8.44
N SER A 1260 3.05 -3.88 8.12
CA SER A 1260 3.96 -4.99 8.29
C SER A 1260 5.32 -4.47 8.70
N VAL A 1261 6.22 -5.40 9.03
CA VAL A 1261 7.49 -5.08 9.66
C VAL A 1261 8.51 -6.11 9.21
N ASP A 1262 9.77 -5.69 9.12
CA ASP A 1262 10.84 -6.57 8.66
C ASP A 1262 12.17 -6.03 9.19
N PHE A 1263 13.28 -6.46 8.60
CA PHE A 1263 14.61 -6.08 9.07
C PHE A 1263 15.41 -5.49 7.93
N MET A 1264 15.93 -4.28 8.14
CA MET A 1264 17.00 -3.74 7.32
C MET A 1264 18.31 -4.34 7.83
N VAL A 1265 18.83 -5.33 7.12
CA VAL A 1265 20.04 -5.99 7.56
C VAL A 1265 21.23 -5.33 6.90
N ASP A 1266 22.20 -4.93 7.71
CA ASP A 1266 23.37 -4.23 7.26
C ASP A 1266 24.57 -4.86 7.94
N ASN A 1267 25.76 -4.37 7.64
CA ASN A 1267 26.93 -5.06 8.15
C ASN A 1267 27.03 -4.83 9.64
N ALA A 1268 26.72 -5.87 10.42
CA ALA A 1268 26.79 -5.84 11.88
C ALA A 1268 25.81 -4.85 12.47
N GLN A 1269 24.84 -4.39 11.70
CA GLN A 1269 23.75 -3.58 12.20
C GLN A 1269 22.43 -4.24 11.85
N LEU A 1270 21.36 -3.73 12.44
CA LEU A 1270 20.03 -4.30 12.21
C LEU A 1270 19.02 -3.24 12.57
N GLY A 1271 18.39 -2.65 11.57
CA GLY A 1271 17.28 -1.76 11.79
C GLY A 1271 16.00 -2.53 11.71
N PHE A 1272 14.89 -1.85 11.94
CA PHE A 1272 13.59 -2.47 11.80
C PHE A 1272 12.78 -1.59 10.88
N LEU A 1273 12.29 -2.17 9.79
CA LEU A 1273 11.58 -1.42 8.78
C LEU A 1273 10.09 -1.62 8.98
N VAL A 1274 9.36 -0.53 9.11
CA VAL A 1274 7.95 -0.54 9.44
C VAL A 1274 7.24 0.25 8.37
N SER A 1275 6.06 -0.21 7.96
CA SER A 1275 5.21 0.58 7.10
C SER A 1275 3.92 0.89 7.84
N ASP A 1276 3.38 2.08 7.62
CA ASP A 1276 2.24 2.52 8.41
C ASP A 1276 1.00 2.70 7.54
N ARG A 1277 -0.07 3.10 8.22
CA ARG A 1277 -1.34 3.45 7.59
C ARG A 1277 -1.23 4.63 6.64
N ASP A 1278 -0.15 5.40 6.74
CA ASP A 1278 -0.03 6.65 6.00
C ASP A 1278 0.93 6.55 4.81
N ARG A 1279 1.28 5.34 4.40
CA ARG A 1279 2.12 5.07 3.25
C ARG A 1279 3.58 5.43 3.49
N ASN A 1280 4.05 5.32 4.72
CA ASN A 1280 5.40 5.66 5.11
C ASN A 1280 6.15 4.41 5.57
N LEU A 1281 7.40 4.28 5.12
CA LEU A 1281 8.34 3.34 5.70
C LEU A 1281 9.23 4.08 6.68
N MET A 1282 9.73 3.36 7.69
CA MET A 1282 10.41 3.94 8.84
C MET A 1282 11.36 2.92 9.43
N VAL A 1283 12.59 3.32 9.73
CA VAL A 1283 13.59 2.41 10.29
C VAL A 1283 13.88 2.84 11.72
N TYR A 1284 13.66 1.94 12.68
CA TYR A 1284 13.94 2.19 14.07
C TYR A 1284 15.09 1.30 14.54
N MET A 1285 15.77 1.71 15.62
CA MET A 1285 16.92 0.96 16.10
C MET A 1285 16.88 0.84 17.61
N TYR A 1286 17.69 -0.07 18.13
CA TYR A 1286 17.84 -0.32 19.56
C TYR A 1286 19.19 0.21 20.02
N LEU A 1287 19.19 1.40 20.62
CA LEU A 1287 20.42 2.14 20.93
C LEU A 1287 20.48 2.43 22.42
N PRO A 1288 21.01 1.52 23.23
CA PRO A 1288 20.93 1.71 24.67
C PRO A 1288 21.70 2.92 25.18
N GLU A 1289 22.83 3.28 24.58
CA GLU A 1289 23.57 4.47 24.97
C GLU A 1289 23.23 5.64 24.05
N ALA A 1290 21.98 6.07 24.08
CA ALA A 1290 21.57 7.16 23.22
C ALA A 1290 20.93 8.33 23.96
N LYS A 1291 20.74 8.22 25.27
CA LYS A 1291 20.29 9.32 26.12
C LYS A 1291 18.86 9.75 25.84
N GLU A 1292 18.24 9.22 24.79
CA GLU A 1292 16.79 9.28 24.66
C GLU A 1292 16.18 7.94 24.35
N SER A 1293 16.98 6.92 24.05
CA SER A 1293 16.58 5.53 24.24
C SER A 1293 16.99 5.16 25.65
N PHE A 1294 16.11 5.43 26.61
CA PHE A 1294 16.55 5.68 27.98
C PHE A 1294 17.39 4.56 28.55
N GLY A 1295 16.80 3.41 28.81
CA GLY A 1295 17.60 2.31 29.27
C GLY A 1295 17.76 1.32 28.16
N GLY A 1296 17.73 1.83 26.94
CA GLY A 1296 17.48 1.02 25.77
C GLY A 1296 16.03 0.69 25.59
N MET A 1297 15.16 1.13 26.50
CA MET A 1297 13.75 0.79 26.55
C MET A 1297 12.92 1.60 25.56
N ARG A 1298 13.53 2.18 24.54
CA ARG A 1298 12.79 2.83 23.49
C ARG A 1298 13.44 2.53 22.14
N LEU A 1299 12.64 2.59 21.09
CA LEU A 1299 13.15 2.48 19.74
C LEU A 1299 13.15 3.86 19.11
N LEU A 1300 14.30 4.23 18.57
CA LEU A 1300 14.52 5.57 18.05
C LEU A 1300 14.38 5.54 16.54
N ARG A 1301 13.50 6.37 16.01
CA ARG A 1301 13.27 6.38 14.58
C ARG A 1301 14.50 6.95 13.89
N ARG A 1302 15.36 6.08 13.36
CA ARG A 1302 16.58 6.55 12.73
C ARG A 1302 16.45 6.84 11.25
N ALA A 1303 15.31 6.51 10.63
CA ALA A 1303 15.13 6.95 9.26
C ALA A 1303 13.66 6.95 8.92
N ASP A 1304 13.28 7.78 7.97
CA ASP A 1304 11.91 7.76 7.47
C ASP A 1304 11.95 7.84 5.96
N PHE A 1305 10.79 7.62 5.34
CA PHE A 1305 10.64 7.77 3.90
C PHE A 1305 9.17 7.63 3.60
N HIS A 1306 8.65 8.43 2.68
CA HIS A 1306 7.24 8.36 2.31
C HIS A 1306 7.14 7.71 0.94
N VAL A 1307 6.91 6.39 0.92
CA VAL A 1307 6.91 5.63 -0.32
C VAL A 1307 5.74 6.04 -1.21
N GLY A 1308 4.61 6.40 -0.62
CA GLY A 1308 3.46 6.80 -1.39
C GLY A 1308 2.47 5.69 -1.65
N ALA A 1309 2.67 4.52 -1.05
CA ALA A 1309 1.81 3.38 -1.31
C ALA A 1309 1.86 2.43 -0.13
N HIS A 1310 0.75 1.76 0.14
CA HIS A 1310 0.70 0.79 1.21
C HIS A 1310 1.50 -0.45 0.85
N VAL A 1311 2.39 -0.85 1.73
CA VAL A 1311 3.13 -2.08 1.60
C VAL A 1311 2.61 -3.02 2.67
N ASN A 1312 2.35 -4.25 2.29
CA ASN A 1312 1.87 -5.24 3.23
C ASN A 1312 2.82 -6.42 3.37
N THR A 1313 3.77 -6.58 2.45
CA THR A 1313 4.69 -7.72 2.50
C THR A 1313 6.08 -7.31 2.07
N PHE A 1314 7.06 -7.86 2.80
CA PHE A 1314 8.49 -7.69 2.61
C PHE A 1314 9.14 -9.04 2.36
N TRP A 1315 10.35 -8.99 1.80
CA TRP A 1315 11.26 -10.12 1.79
C TRP A 1315 12.64 -9.57 1.53
N ARG A 1316 13.66 -10.43 1.57
CA ARG A 1316 14.98 -9.85 1.40
C ARG A 1316 15.97 -10.88 0.92
N THR A 1317 16.94 -10.41 0.14
CA THR A 1317 17.90 -11.23 -0.57
C THR A 1317 19.27 -10.56 -0.47
N PRO A 1318 20.34 -11.32 -0.55
CA PRO A 1318 21.67 -10.70 -0.52
C PRO A 1318 21.97 -9.90 -1.77
N CYS A 1319 23.20 -9.44 -1.90
CA CYS A 1319 23.60 -8.64 -3.04
C CYS A 1319 24.15 -9.55 -4.15
N ARG A 1320 24.65 -8.94 -5.22
CA ARG A 1320 25.29 -9.68 -6.30
C ARG A 1320 26.77 -9.34 -6.42
N VAL A 1332 32.34 -3.54 -0.35
CA VAL A 1332 31.42 -2.50 0.09
C VAL A 1332 30.07 -3.15 0.40
N TRP A 1333 29.76 -4.24 -0.30
CA TRP A 1333 28.55 -5.02 -0.07
C TRP A 1333 28.97 -6.39 0.44
N GLU A 1334 29.31 -6.47 1.73
CA GLU A 1334 29.77 -7.74 2.26
C GLU A 1334 28.60 -8.53 2.86
N ASN A 1335 28.00 -7.98 3.92
CA ASN A 1335 26.84 -8.61 4.54
C ASN A 1335 25.65 -7.65 4.57
N LYS A 1336 25.54 -6.83 3.54
CA LYS A 1336 24.37 -6.00 3.34
C LYS A 1336 23.33 -6.78 2.54
N HIS A 1337 22.09 -6.77 3.01
CA HIS A 1337 20.98 -7.41 2.33
C HIS A 1337 20.03 -6.37 1.75
N ILE A 1338 19.61 -6.59 0.52
CA ILE A 1338 18.56 -5.79 -0.09
C ILE A 1338 17.23 -6.24 0.51
N THR A 1339 16.35 -5.29 0.80
CA THR A 1339 15.05 -5.58 1.37
C THR A 1339 13.97 -5.13 0.39
N TRP A 1340 13.29 -6.10 -0.21
CA TRP A 1340 12.28 -5.92 -1.23
C TRP A 1340 10.90 -5.89 -0.60
N PHE A 1341 9.95 -5.33 -1.34
CA PHE A 1341 8.58 -5.35 -0.88
C PHE A 1341 7.64 -5.16 -2.05
N ALA A 1342 6.37 -5.49 -1.83
CA ALA A 1342 5.35 -5.35 -2.86
C ALA A 1342 4.21 -4.50 -2.32
N THR A 1343 3.82 -3.49 -3.08
CA THR A 1343 2.81 -2.55 -2.60
C THR A 1343 1.41 -3.02 -3.02
N LEU A 1344 0.41 -2.56 -2.28
CA LEU A 1344 -0.96 -2.98 -2.56
C LEU A 1344 -1.52 -2.30 -3.78
N ASP A 1345 -0.67 -1.73 -4.63
CA ASP A 1345 -1.08 -1.19 -5.91
C ASP A 1345 -0.48 -1.95 -7.07
N GLY A 1346 0.37 -2.93 -6.81
CA GLY A 1346 0.92 -3.74 -7.88
C GLY A 1346 2.30 -3.37 -8.33
N GLY A 1347 3.07 -2.66 -7.52
CA GLY A 1347 4.45 -2.35 -7.82
C GLY A 1347 5.35 -3.10 -6.87
N ILE A 1348 6.63 -3.10 -7.21
CA ILE A 1348 7.66 -3.71 -6.40
C ILE A 1348 8.70 -2.65 -6.10
N GLY A 1349 9.28 -2.72 -4.91
CA GLY A 1349 10.26 -1.74 -4.50
C GLY A 1349 11.36 -2.38 -3.69
N LEU A 1350 12.40 -1.61 -3.43
CA LEU A 1350 13.52 -2.13 -2.69
C LEU A 1350 14.23 -1.03 -1.93
N LEU A 1351 14.64 -1.34 -0.70
CA LEU A 1351 15.60 -0.54 0.05
C LEU A 1351 16.95 -1.23 0.09
N LEU A 1352 17.99 -0.45 -0.16
CA LEU A 1352 19.36 -0.93 -0.15
C LEU A 1352 20.17 -0.12 0.84
N PRO A 1353 20.84 -0.76 1.81
CA PRO A 1353 21.69 -0.02 2.74
C PRO A 1353 23.00 0.46 2.12
N MET A 1354 23.40 1.68 2.47
CA MET A 1354 24.52 2.38 1.85
C MET A 1354 25.59 2.74 2.88
N GLN A 1355 26.64 3.37 2.37
CA GLN A 1355 27.67 4.01 3.16
C GLN A 1355 27.28 5.47 3.37
N GLU A 1356 27.86 6.10 4.41
CA GLU A 1356 27.58 7.52 4.57
C GLU A 1356 28.34 8.36 3.54
N LYS A 1357 29.60 8.01 3.27
CA LYS A 1357 30.39 8.75 2.30
C LYS A 1357 29.64 8.89 0.99
N THR A 1358 29.13 7.77 0.46
CA THR A 1358 28.37 7.82 -0.78
C THR A 1358 27.06 8.54 -0.61
N TYR A 1359 26.42 8.37 0.56
CA TYR A 1359 25.13 8.98 0.78
C TYR A 1359 25.22 10.49 0.70
N ARG A 1360 26.29 11.08 1.22
CA ARG A 1360 26.42 12.53 1.21
C ARG A 1360 26.58 13.06 -0.21
N ARG A 1361 27.44 12.43 -1.02
CA ARG A 1361 27.59 12.86 -2.41
C ARG A 1361 26.26 12.80 -3.14
N LEU A 1362 25.59 11.65 -3.06
CA LEU A 1362 24.32 11.53 -3.77
C LEU A 1362 23.26 12.44 -3.18
N LEU A 1363 23.38 12.84 -1.92
CA LEU A 1363 22.45 13.81 -1.35
C LEU A 1363 22.62 15.20 -1.96
N MET A 1364 23.88 15.64 -2.09
CA MET A 1364 24.15 16.89 -2.78
C MET A 1364 23.56 16.87 -4.18
N LEU A 1365 23.82 15.78 -4.91
CA LEU A 1365 23.27 15.66 -6.25
C LEU A 1365 21.75 15.70 -6.24
N GLN A 1366 21.13 15.05 -5.24
CA GLN A 1366 19.68 15.03 -5.20
C GLN A 1366 19.11 16.42 -5.03
N ASN A 1367 19.70 17.21 -4.14
CA ASN A 1367 19.25 18.59 -3.98
C ASN A 1367 19.41 19.39 -5.27
N ALA A 1368 20.56 19.22 -5.95
CA ALA A 1368 20.78 19.93 -7.19
C ALA A 1368 19.74 19.56 -8.24
N LEU A 1369 19.41 18.27 -8.35
CA LEU A 1369 18.45 17.82 -9.33
C LEU A 1369 17.05 18.32 -9.02
N THR A 1370 16.66 18.30 -7.75
CA THR A 1370 15.32 18.74 -7.41
C THR A 1370 15.16 20.24 -7.50
N THR A 1371 16.25 21.00 -7.43
CA THR A 1371 16.10 22.45 -7.51
C THR A 1371 16.43 23.03 -8.88
N MET A 1372 17.05 22.27 -9.79
CA MET A 1372 17.51 22.85 -11.04
C MET A 1372 16.78 22.35 -12.28
N LEU A 1373 15.76 21.51 -12.12
CA LEU A 1373 15.06 20.88 -13.22
C LEU A 1373 13.56 21.08 -13.06
N PRO A 1374 12.81 21.08 -14.16
CA PRO A 1374 11.36 21.08 -14.06
C PRO A 1374 10.81 19.69 -13.87
N HIS A 1375 9.65 19.60 -13.24
CA HIS A 1375 9.01 18.32 -12.98
C HIS A 1375 7.63 18.30 -13.59
N HIS A 1376 7.16 17.10 -13.92
CA HIS A 1376 5.83 16.95 -14.50
C HIS A 1376 4.77 17.46 -13.54
N ALA A 1377 3.92 18.34 -14.05
CA ALA A 1377 2.84 18.96 -13.30
C ALA A 1377 3.34 19.76 -12.10
N GLY A 1378 4.60 20.17 -12.10
CA GLY A 1378 5.11 21.11 -11.15
C GLY A 1378 5.39 20.58 -9.76
N LEU A 1379 4.98 19.37 -9.44
CA LEU A 1379 5.20 18.85 -8.10
C LEU A 1379 6.69 18.82 -7.79
N ASN A 1380 7.02 18.86 -6.51
CA ASN A 1380 8.44 18.76 -6.25
C ASN A 1380 8.77 17.49 -5.49
N PRO A 1381 9.87 16.83 -5.85
CA PRO A 1381 10.22 15.54 -5.25
C PRO A 1381 10.82 15.62 -3.86
N ARG A 1382 10.77 16.77 -3.20
CA ARG A 1382 11.14 16.87 -1.80
C ARG A 1382 9.92 16.86 -0.89
N ALA A 1383 8.87 17.60 -1.23
CA ALA A 1383 7.67 17.55 -0.41
C ALA A 1383 6.90 16.27 -0.59
N PHE A 1384 7.19 15.49 -1.62
CA PHE A 1384 6.50 14.24 -1.85
C PHE A 1384 7.09 13.09 -1.06
N ARG A 1385 8.35 13.17 -0.64
CA ARG A 1385 8.96 12.14 0.16
C ARG A 1385 9.03 12.52 1.63
N MET A 1386 8.13 13.37 2.09
CA MET A 1386 8.01 13.76 3.49
C MET A 1386 6.85 13.01 4.15
N LEU A 1387 6.93 12.87 5.48
CA LEU A 1387 6.01 12.01 6.21
C LEU A 1387 4.59 12.56 6.16
N HIS A 1388 3.70 11.88 6.88
CA HIS A 1388 2.29 12.25 7.02
C HIS A 1388 1.57 12.35 5.69
N ASN A 1396 11.49 15.62 14.20
CA ASN A 1396 10.51 14.59 13.94
C ASN A 1396 10.91 13.77 12.70
N ALA A 1397 11.10 14.44 11.56
CA ALA A 1397 11.50 13.76 10.33
C ALA A 1397 13.02 13.61 10.28
N VAL A 1398 13.48 12.42 9.92
CA VAL A 1398 14.90 12.07 9.99
C VAL A 1398 15.52 11.98 8.61
N ARG A 1399 14.83 11.37 7.65
CA ARG A 1399 15.15 11.33 6.23
C ARG A 1399 16.61 10.98 5.96
N ASN A 1400 16.97 9.75 6.29
CA ASN A 1400 18.24 9.19 5.84
C ASN A 1400 18.07 8.24 4.68
N VAL A 1401 17.21 8.58 3.71
CA VAL A 1401 16.90 7.71 2.59
C VAL A 1401 16.81 8.54 1.31
N LEU A 1402 17.57 8.15 0.29
CA LEU A 1402 17.58 8.85 -0.99
C LEU A 1402 16.30 8.53 -1.74
N ASP A 1403 16.20 8.98 -2.99
CA ASP A 1403 14.98 8.79 -3.75
C ASP A 1403 15.10 7.75 -4.86
N GLY A 1404 16.25 7.65 -5.51
CA GLY A 1404 16.41 6.58 -6.49
C GLY A 1404 15.62 6.81 -7.75
N GLU A 1405 14.33 7.10 -7.63
CA GLU A 1405 13.54 7.45 -8.79
C GLU A 1405 13.90 8.82 -9.33
N LEU A 1406 14.63 9.61 -8.56
CA LEU A 1406 15.12 10.91 -9.00
C LEU A 1406 16.56 10.85 -9.47
N LEU A 1407 17.40 10.07 -8.78
CA LEU A 1407 18.81 9.99 -9.15
C LEU A 1407 18.97 9.48 -10.57
N ASN A 1408 18.12 8.55 -10.99
CA ASN A 1408 18.19 8.06 -12.35
C ASN A 1408 17.94 9.16 -13.38
N ARG A 1409 17.32 10.28 -12.99
CA ARG A 1409 17.20 11.37 -13.94
C ARG A 1409 18.53 11.97 -14.30
N TYR A 1410 19.55 11.83 -13.46
CA TYR A 1410 20.88 12.24 -13.87
C TYR A 1410 21.31 11.47 -15.10
N LEU A 1411 20.93 10.20 -15.18
CA LEU A 1411 21.29 9.40 -16.34
C LEU A 1411 20.62 9.87 -17.62
N TYR A 1412 19.60 10.72 -17.50
CA TYR A 1412 18.82 11.15 -18.65
C TYR A 1412 19.26 12.52 -19.16
N LEU A 1413 20.38 13.03 -18.68
CA LEU A 1413 20.89 14.34 -19.06
C LEU A 1413 21.99 14.20 -20.10
N SER A 1414 22.07 15.20 -20.99
CA SER A 1414 23.17 15.23 -21.92
C SER A 1414 24.49 15.38 -21.17
N THR A 1415 25.60 15.11 -21.85
CA THR A 1415 26.88 15.21 -21.15
C THR A 1415 27.24 16.64 -20.82
N MET A 1416 26.80 17.60 -21.63
CA MET A 1416 26.97 19.00 -21.28
C MET A 1416 26.32 19.29 -19.93
N GLU A 1417 25.07 18.88 -19.76
CA GLU A 1417 24.33 19.15 -18.54
C GLU A 1417 24.90 18.37 -17.37
N ARG A 1418 25.33 17.14 -17.62
CA ARG A 1418 26.01 16.38 -16.58
C ARG A 1418 27.24 17.10 -16.10
N SER A 1419 28.06 17.63 -17.02
CA SER A 1419 29.27 18.32 -16.62
C SER A 1419 28.95 19.58 -15.83
N GLU A 1420 28.00 20.38 -16.34
CA GLU A 1420 27.56 21.57 -15.63
C GLU A 1420 27.19 21.26 -14.19
N LEU A 1421 26.32 20.26 -14.00
CA LEU A 1421 25.83 20.00 -12.66
C LEU A 1421 26.92 19.43 -11.76
N ALA A 1422 27.73 18.51 -12.28
CA ALA A 1422 28.81 17.99 -11.45
C ALA A 1422 29.84 19.05 -11.10
N LYS A 1423 29.94 20.11 -11.90
CA LYS A 1423 30.81 21.22 -11.50
C LYS A 1423 30.14 22.12 -10.48
N LYS A 1424 28.81 22.33 -10.61
CA LYS A 1424 28.11 23.10 -9.59
C LYS A 1424 27.94 22.34 -8.29
N ILE A 1425 28.33 21.07 -8.23
CA ILE A 1425 28.50 20.38 -6.96
C ILE A 1425 29.98 20.36 -6.62
N GLY A 1426 30.83 20.26 -7.64
CA GLY A 1426 32.25 20.14 -7.47
C GLY A 1426 32.80 18.78 -7.86
N THR A 1427 31.96 17.76 -7.92
CA THR A 1427 32.42 16.41 -8.19
C THR A 1427 32.59 16.19 -9.68
N THR A 1428 32.87 14.95 -10.08
CA THR A 1428 33.19 14.60 -11.44
C THR A 1428 32.16 13.62 -11.97
N PRO A 1429 31.61 13.82 -13.16
CA PRO A 1429 30.51 12.96 -13.62
C PRO A 1429 30.88 11.49 -13.70
N ASP A 1430 32.16 11.16 -13.81
CA ASP A 1430 32.56 9.76 -13.79
C ASP A 1430 32.31 9.15 -12.41
N ILE A 1431 32.58 9.89 -11.34
CA ILE A 1431 32.35 9.38 -10.00
C ILE A 1431 30.85 9.29 -9.71
N ILE A 1432 30.10 10.29 -10.16
CA ILE A 1432 28.64 10.24 -10.09
C ILE A 1432 28.13 8.96 -10.72
N LEU A 1433 28.50 8.72 -11.97
CA LEU A 1433 27.99 7.56 -12.68
C LEU A 1433 28.48 6.26 -12.07
N ASP A 1434 29.69 6.24 -11.53
CA ASP A 1434 30.14 5.06 -10.81
C ASP A 1434 29.19 4.71 -9.68
N ASP A 1435 28.90 5.68 -8.82
CA ASP A 1435 27.95 5.43 -7.72
C ASP A 1435 26.60 4.92 -8.23
N LEU A 1436 25.99 5.67 -9.15
CA LEU A 1436 24.66 5.31 -9.62
C LEU A 1436 24.62 3.92 -10.24
N LEU A 1437 25.49 3.67 -11.21
CA LEU A 1437 25.40 2.41 -11.94
C LEU A 1437 25.82 1.23 -11.07
N GLU A 1438 26.64 1.45 -10.06
CA GLU A 1438 26.95 0.35 -9.15
C GLU A 1438 25.74 0.00 -8.30
N THR A 1439 25.00 1.02 -7.85
CA THR A 1439 23.74 0.71 -7.17
C THR A 1439 22.81 -0.08 -8.07
N ASP A 1440 22.82 0.23 -9.37
CA ASP A 1440 21.96 -0.52 -10.29
C ASP A 1440 22.39 -1.98 -10.40
N ARG A 1441 23.67 -2.23 -10.64
CA ARG A 1441 24.08 -3.61 -10.86
C ARG A 1441 24.01 -4.46 -9.59
N VAL A 1442 23.95 -3.85 -8.41
CA VAL A 1442 23.92 -4.67 -7.21
C VAL A 1442 22.54 -5.29 -6.95
N THR A 1443 21.46 -4.66 -7.40
CA THR A 1443 20.10 -5.14 -7.17
C THR A 1443 19.50 -5.80 -8.40
N ALA A 1444 20.24 -6.63 -9.12
CA ALA A 1444 19.71 -7.28 -10.32
C ALA A 1444 19.36 -8.73 -9.97
N HIS A 1445 18.16 -8.92 -9.45
CA HIS A 1445 17.66 -10.23 -9.07
C HIS A 1445 16.40 -10.59 -9.84
N PHE A 1446 16.07 -11.87 -9.75
CA PHE A 1446 14.81 -12.47 -10.20
C PHE A 1446 14.70 -12.48 -11.71
N LEU B 44 -21.68 -13.84 52.11
CA LEU B 44 -21.46 -12.42 51.83
C LEU B 44 -20.00 -12.03 51.97
N THR B 45 -19.13 -13.03 52.17
CA THR B 45 -17.72 -12.83 52.46
C THR B 45 -16.87 -12.74 51.19
N PHE B 46 -17.00 -13.71 50.29
CA PHE B 46 -16.40 -13.66 48.96
C PHE B 46 -14.86 -13.70 49.00
N ASP B 47 -14.35 -14.87 49.37
CA ASP B 47 -12.92 -15.16 49.31
C ASP B 47 -12.51 -15.94 48.07
N GLY B 48 -13.45 -16.31 47.21
CA GLY B 48 -13.12 -17.07 46.02
C GLY B 48 -13.13 -18.57 46.19
N LYS B 49 -13.93 -19.10 47.11
CA LYS B 49 -13.91 -20.51 47.46
C LYS B 49 -15.33 -21.06 47.65
N ARG B 50 -16.29 -20.60 46.86
CA ARG B 50 -17.70 -20.84 47.15
C ARG B 50 -18.38 -21.82 46.21
N MET B 51 -17.75 -22.19 45.10
CA MET B 51 -18.26 -23.20 44.17
C MET B 51 -19.60 -22.79 43.56
N ARG B 52 -19.53 -21.78 42.71
CA ARG B 52 -20.70 -21.39 41.91
C ARG B 52 -20.65 -22.06 40.55
N LYS B 53 -21.83 -22.41 40.03
CA LYS B 53 -21.96 -23.05 38.73
C LYS B 53 -21.62 -22.08 37.62
N ALA B 54 -21.48 -22.61 36.41
CA ALA B 54 -21.02 -21.83 35.28
C ALA B 54 -21.97 -20.68 34.97
N VAL B 55 -21.48 -19.77 34.13
CA VAL B 55 -22.29 -18.67 33.61
C VAL B 55 -21.75 -18.30 32.25
N ASN B 56 -22.65 -18.16 31.28
CA ASN B 56 -22.27 -17.78 29.92
C ASN B 56 -22.30 -16.27 29.84
N ARG B 57 -21.14 -15.65 30.00
CA ARG B 57 -21.10 -14.23 30.29
C ARG B 57 -21.45 -13.42 29.06
N LYS B 58 -22.19 -12.34 29.28
CA LYS B 58 -22.55 -11.43 28.22
C LYS B 58 -21.30 -10.71 27.74
N THR B 59 -20.84 -11.03 26.54
CA THR B 59 -19.55 -10.59 26.02
C THR B 59 -19.76 -9.58 24.89
N ILE B 60 -18.89 -8.58 24.85
CA ILE B 60 -18.76 -7.70 23.70
C ILE B 60 -17.30 -7.78 23.28
N ASP B 61 -17.00 -8.61 22.29
CA ASP B 61 -15.64 -8.90 21.89
C ASP B 61 -15.25 -8.09 20.66
N TYR B 62 -13.96 -7.79 20.54
CA TYR B 62 -13.47 -6.93 19.47
C TYR B 62 -12.65 -7.67 18.43
N ASN B 63 -12.27 -8.91 18.68
CA ASN B 63 -11.41 -9.69 17.80
C ASN B 63 -12.07 -10.02 16.47
N PRO B 64 -13.34 -10.42 16.42
CA PRO B 64 -13.97 -10.56 15.10
C PRO B 64 -13.94 -9.29 14.29
N SER B 65 -14.24 -8.15 14.90
CA SER B 65 -14.25 -6.90 14.15
C SER B 65 -12.86 -6.52 13.67
N VAL B 66 -11.84 -6.73 14.49
CA VAL B 66 -10.48 -6.42 14.05
C VAL B 66 -10.05 -7.34 12.91
N ILE B 67 -10.35 -8.62 12.99
CA ILE B 67 -10.03 -9.53 11.89
C ILE B 67 -10.70 -9.07 10.61
N LYS B 68 -11.98 -8.74 10.68
CA LYS B 68 -12.67 -8.22 9.52
C LYS B 68 -11.98 -6.99 8.96
N TYR B 69 -11.50 -6.10 9.84
CA TYR B 69 -10.83 -4.91 9.34
C TYR B 69 -9.50 -5.24 8.65
N LEU B 70 -8.72 -6.15 9.24
CA LEU B 70 -7.46 -6.51 8.63
C LEU B 70 -7.67 -7.14 7.28
N GLU B 71 -8.78 -7.83 7.08
CA GLU B 71 -9.07 -8.39 5.77
C GLU B 71 -9.63 -7.36 4.80
N ASN B 72 -10.28 -6.31 5.29
CA ASN B 72 -10.72 -5.27 4.36
C ASN B 72 -9.59 -4.36 3.92
N ARG B 73 -8.55 -4.17 4.74
CA ARG B 73 -7.46 -3.28 4.34
C ARG B 73 -6.94 -3.62 2.96
N ILE B 74 -6.63 -4.89 2.72
CA ILE B 74 -5.83 -5.26 1.58
C ILE B 74 -6.51 -4.94 0.25
N TRP B 75 -7.83 -4.85 0.22
CA TRP B 75 -8.49 -4.65 -1.06
C TRP B 75 -9.36 -3.40 -1.08
N GLN B 76 -9.20 -2.51 -0.12
CA GLN B 76 -9.96 -1.27 -0.09
C GLN B 76 -9.04 -0.10 0.19
N ARG B 77 -9.15 0.93 -0.63
CA ARG B 77 -8.36 2.15 -0.44
C ARG B 77 -8.74 2.84 0.87
N ASP B 78 -10.01 3.17 1.01
CA ASP B 78 -10.54 3.78 2.21
C ASP B 78 -12.05 3.57 2.21
N GLN B 79 -12.76 4.31 3.06
CA GLN B 79 -14.19 4.13 3.13
C GLN B 79 -14.92 4.58 1.83
N ARG B 80 -14.25 4.96 0.74
CA ARG B 80 -14.95 5.05 -0.54
C ARG B 80 -14.96 3.72 -1.28
N ASP B 81 -14.30 2.71 -0.74
CA ASP B 81 -14.34 1.36 -1.28
C ASP B 81 -15.04 0.39 -0.34
N MET B 82 -15.90 0.88 0.53
CA MET B 82 -16.53 0.03 1.54
C MET B 82 -17.96 -0.29 1.11
N ARG B 83 -18.29 -1.57 1.10
CA ARG B 83 -19.65 -2.00 0.81
C ARG B 83 -20.50 -1.80 2.06
N ALA B 84 -21.60 -1.06 1.91
CA ALA B 84 -22.33 -0.55 3.05
C ALA B 84 -22.96 -1.68 3.87
N ILE B 85 -22.86 -1.57 5.18
CA ILE B 85 -23.55 -2.49 6.08
C ILE B 85 -25.04 -2.27 5.97
N GLN B 86 -25.79 -3.35 6.04
CA GLN B 86 -27.24 -3.24 6.01
C GLN B 86 -27.78 -3.15 7.42
N PRO B 87 -28.95 -2.55 7.59
CA PRO B 87 -29.62 -2.58 8.89
C PRO B 87 -30.47 -3.83 9.07
N ASP B 88 -29.82 -4.99 9.07
CA ASP B 88 -30.52 -6.25 9.18
C ASP B 88 -29.75 -7.14 10.14
N ALA B 89 -30.47 -8.08 10.76
CA ALA B 89 -29.88 -8.83 11.86
C ALA B 89 -28.88 -9.88 11.43
N GLY B 90 -28.79 -10.17 10.13
CA GLY B 90 -27.89 -11.19 9.66
C GLY B 90 -26.52 -10.74 9.24
N TYR B 91 -26.22 -9.45 9.40
CA TYR B 91 -24.93 -8.86 9.04
C TYR B 91 -24.03 -8.75 10.26
N TYR B 92 -24.11 -9.74 11.14
CA TYR B 92 -23.37 -9.84 12.37
C TYR B 92 -21.86 -9.93 12.18
N ASN B 93 -21.37 -10.04 10.95
CA ASN B 93 -19.94 -10.10 10.69
C ASN B 93 -19.39 -8.92 9.91
N ASP B 94 -20.22 -8.02 9.45
CA ASP B 94 -19.74 -6.92 8.61
C ASP B 94 -19.40 -5.66 9.41
N LEU B 95 -19.08 -5.80 10.70
CA LEU B 95 -18.71 -4.66 11.54
C LEU B 95 -17.21 -4.50 11.62
N VAL B 96 -16.73 -3.29 11.37
CA VAL B 96 -15.33 -2.94 11.53
C VAL B 96 -15.21 -2.01 12.73
N PRO B 97 -14.08 -1.97 13.42
CA PRO B 97 -13.97 -1.12 14.61
C PRO B 97 -13.94 0.35 14.22
N PRO B 98 -13.82 1.27 15.17
CA PRO B 98 -13.83 2.69 14.80
C PRO B 98 -12.73 3.07 13.83
N ILE B 99 -11.59 2.38 13.83
CA ILE B 99 -10.56 2.66 12.83
C ILE B 99 -11.02 2.28 11.44
N GLY B 100 -11.92 1.29 11.34
CA GLY B 100 -12.42 0.86 10.06
C GLY B 100 -13.19 1.92 9.31
N MET B 101 -13.68 2.93 10.01
CA MET B 101 -14.41 4.00 9.35
C MET B 101 -14.19 5.31 10.09
N LEU B 102 -13.57 6.26 9.38
CA LEU B 102 -13.32 7.59 9.90
C LEU B 102 -14.21 8.63 9.25
N ASN B 103 -14.95 8.27 8.22
CA ASN B 103 -15.96 9.16 7.67
C ASN B 103 -17.27 9.13 8.42
N ASN B 104 -17.37 8.35 9.49
CA ASN B 104 -18.60 8.30 10.27
C ASN B 104 -18.22 8.06 11.73
N PRO B 105 -18.13 9.13 12.53
CA PRO B 105 -17.93 8.96 13.98
C PRO B 105 -19.17 8.51 14.71
N MET B 106 -20.33 8.60 14.06
CA MET B 106 -21.59 8.26 14.70
C MET B 106 -21.61 6.86 15.22
N ASN B 107 -20.81 5.97 14.64
CA ASN B 107 -20.77 4.61 15.13
C ASN B 107 -20.41 4.57 16.61
N ALA B 108 -19.46 5.40 17.03
CA ALA B 108 -18.93 5.35 18.38
C ALA B 108 -19.86 5.95 19.42
N VAL B 109 -21.08 6.29 19.05
CA VAL B 109 -22.08 6.80 19.99
C VAL B 109 -22.64 5.58 20.74
N THR B 110 -22.08 5.31 21.90
CA THR B 110 -22.36 4.09 22.65
C THR B 110 -23.59 4.28 23.52
N THR B 111 -24.76 3.98 22.97
CA THR B 111 -25.99 4.06 23.76
C THR B 111 -26.61 2.70 24.04
N LYS B 112 -25.87 1.61 23.88
CA LYS B 112 -26.38 0.27 24.17
C LYS B 112 -25.81 -0.23 25.50
N PHE B 113 -26.69 -0.47 26.46
CA PHE B 113 -26.26 -1.00 27.75
C PHE B 113 -25.63 -2.38 27.60
N VAL B 114 -24.66 -2.68 28.46
CA VAL B 114 -24.07 -4.01 28.45
C VAL B 114 -24.11 -4.65 29.82
N ARG B 115 -23.45 -4.03 30.79
CA ARG B 115 -23.22 -4.66 32.08
C ARG B 115 -22.96 -3.59 33.12
N THR B 116 -23.46 -3.81 34.33
CA THR B 116 -23.25 -2.90 35.45
C THR B 116 -22.43 -3.60 36.52
N SER B 117 -21.36 -2.94 36.95
CA SER B 117 -20.38 -3.54 37.84
C SER B 117 -20.46 -2.89 39.21
N THR B 118 -21.08 -3.57 40.16
CA THR B 118 -21.25 -3.05 41.50
C THR B 118 -20.52 -3.94 42.48
N ASN B 119 -19.78 -3.34 43.40
CA ASN B 119 -19.11 -4.12 44.43
C ASN B 119 -20.14 -4.66 45.41
N LYS B 120 -19.67 -5.47 46.34
CA LYS B 120 -20.57 -6.04 47.33
C LYS B 120 -20.73 -5.13 48.55
N VAL B 121 -19.65 -4.48 48.97
CA VAL B 121 -19.70 -3.46 50.01
C VAL B 121 -19.64 -2.13 49.28
N LYS B 122 -20.80 -1.63 48.86
CA LYS B 122 -20.86 -0.55 47.90
C LYS B 122 -20.29 0.76 48.45
N CYS B 123 -19.78 1.58 47.53
CA CYS B 123 -19.34 2.95 47.76
C CYS B 123 -19.55 3.71 46.46
N PRO B 124 -19.67 5.03 46.53
CA PRO B 124 -19.77 5.80 45.27
C PRO B 124 -18.45 5.80 44.53
N VAL B 125 -18.54 5.64 43.21
CA VAL B 125 -17.37 5.51 42.35
C VAL B 125 -16.92 6.90 41.91
N PHE B 126 -15.61 7.15 41.98
CA PHE B 126 -15.05 8.46 41.69
C PHE B 126 -14.24 8.54 40.43
N VAL B 127 -13.58 7.47 39.99
CA VAL B 127 -12.72 7.57 38.83
C VAL B 127 -12.49 6.18 38.27
N VAL B 128 -12.52 6.08 36.94
CA VAL B 128 -12.50 4.81 36.22
C VAL B 128 -11.55 4.94 35.04
N ARG B 129 -10.57 4.04 34.95
CA ARG B 129 -9.53 4.14 33.94
C ARG B 129 -9.22 2.77 33.36
N TRP B 130 -9.37 2.61 32.04
CA TRP B 130 -8.88 1.42 31.38
C TRP B 130 -7.37 1.38 31.45
N THR B 131 -6.79 0.22 31.78
CA THR B 131 -5.35 0.09 31.69
C THR B 131 -4.94 0.29 30.24
N PRO B 132 -3.68 0.68 29.97
CA PRO B 132 -3.38 1.28 28.67
C PRO B 132 -3.66 0.38 27.49
N GLU B 133 -3.61 -0.94 27.66
CA GLU B 133 -3.84 -1.89 26.59
C GLU B 133 -5.26 -2.43 26.56
N GLY B 134 -6.18 -1.81 27.31
CA GLY B 134 -7.55 -2.28 27.39
C GLY B 134 -7.73 -3.60 28.08
N ARG B 135 -6.65 -4.14 28.65
CA ARG B 135 -6.69 -5.45 29.31
C ARG B 135 -7.83 -5.53 30.31
N ARG B 136 -7.97 -4.52 31.17
CA ARG B 136 -9.01 -4.52 32.18
C ARG B 136 -9.29 -3.08 32.58
N LEU B 137 -10.15 -2.90 33.57
CA LEU B 137 -10.62 -1.58 33.97
C LEU B 137 -10.48 -1.45 35.47
N VAL B 138 -10.14 -0.26 35.93
CA VAL B 138 -9.87 -0.02 37.35
C VAL B 138 -10.86 1.00 37.83
N THR B 139 -11.47 0.75 38.98
CA THR B 139 -12.34 1.74 39.60
C THR B 139 -11.79 2.11 40.96
N GLY B 140 -11.76 3.41 41.23
CA GLY B 140 -11.48 3.94 42.56
C GLY B 140 -12.74 4.49 43.17
N ALA B 141 -12.98 4.14 44.42
CA ALA B 141 -14.20 4.51 45.12
C ALA B 141 -13.84 5.27 46.38
N SER B 142 -14.87 5.75 47.07
CA SER B 142 -14.65 6.60 48.23
C SER B 142 -14.10 5.86 49.44
N SER B 143 -13.76 4.59 49.33
CA SER B 143 -13.12 3.88 50.42
C SER B 143 -11.62 3.73 50.23
N GLY B 144 -11.08 4.25 49.13
CA GLY B 144 -9.69 4.08 48.83
C GLY B 144 -9.32 2.77 48.17
N GLU B 145 -10.30 2.02 47.70
CA GLU B 145 -10.05 0.70 47.14
C GLU B 145 -9.99 0.76 45.62
N PHE B 146 -9.16 -0.10 45.07
CA PHE B 146 -9.12 -0.35 43.64
C PHE B 146 -9.86 -1.64 43.36
N THR B 147 -10.79 -1.60 42.43
CA THR B 147 -11.51 -2.78 41.99
C THR B 147 -11.21 -3.01 40.52
N LEU B 148 -10.64 -4.17 40.22
CA LEU B 148 -10.19 -4.53 38.89
C LEU B 148 -11.23 -5.43 38.23
N TRP B 149 -11.80 -4.93 37.13
CA TRP B 149 -12.83 -5.58 36.33
C TRP B 149 -12.24 -6.03 35.00
N ASN B 150 -12.67 -7.19 34.52
CA ASN B 150 -12.31 -7.64 33.18
C ASN B 150 -12.83 -6.66 32.13
N GLY B 151 -12.22 -6.73 30.94
CA GLY B 151 -12.54 -5.80 29.89
C GLY B 151 -13.13 -6.47 28.69
N LEU B 152 -13.41 -7.77 28.80
CA LEU B 152 -14.10 -8.52 27.76
C LEU B 152 -15.45 -9.02 28.23
N THR B 153 -15.50 -9.79 29.32
CA THR B 153 -16.74 -10.28 29.90
C THR B 153 -17.25 -9.40 31.03
N PHE B 154 -16.41 -8.52 31.55
CA PHE B 154 -16.74 -7.49 32.53
C PHE B 154 -16.95 -8.04 33.93
N ASN B 155 -16.28 -9.10 34.30
CA ASN B 155 -16.46 -9.67 35.62
C ASN B 155 -15.37 -9.19 36.59
N PHE B 156 -15.69 -9.30 37.87
CA PHE B 156 -14.75 -8.97 38.93
C PHE B 156 -13.48 -9.77 38.78
N GLU B 157 -12.33 -9.10 38.80
CA GLU B 157 -11.07 -9.82 38.93
C GLU B 157 -10.47 -9.67 40.32
N THR B 158 -10.17 -8.46 40.79
CA THR B 158 -9.62 -8.35 42.15
C THR B 158 -9.97 -7.03 42.81
N ILE B 159 -9.51 -6.86 44.04
CA ILE B 159 -9.74 -5.64 44.80
C ILE B 159 -8.57 -5.45 45.77
N LEU B 160 -8.25 -4.18 46.00
CA LEU B 160 -7.05 -3.76 46.72
C LEU B 160 -7.42 -2.59 47.60
N GLN B 161 -6.77 -2.50 48.76
CA GLN B 161 -6.89 -1.31 49.60
C GLN B 161 -5.75 -0.39 49.23
N ALA B 162 -6.05 0.65 48.45
CA ALA B 162 -4.99 1.49 47.91
C ALA B 162 -4.72 2.70 48.78
N HIS B 163 -5.70 3.57 48.97
CA HIS B 163 -5.51 4.76 49.76
C HIS B 163 -6.15 4.62 51.14
N ASP B 164 -5.85 5.58 52.01
CA ASP B 164 -6.53 5.76 53.28
C ASP B 164 -7.59 6.85 53.21
N SER B 165 -8.11 7.12 52.04
CA SER B 165 -8.91 8.31 51.82
C SER B 165 -9.56 8.22 50.45
N PRO B 166 -10.72 8.85 50.24
CA PRO B 166 -11.41 8.73 48.94
C PRO B 166 -10.53 9.06 47.76
N VAL B 167 -10.29 8.10 46.88
CA VAL B 167 -9.41 8.34 45.74
C VAL B 167 -10.10 9.25 44.74
N ARG B 168 -9.41 10.32 44.35
CA ARG B 168 -9.95 11.37 43.51
C ARG B 168 -9.37 11.40 42.10
N ALA B 169 -8.10 11.03 41.94
CA ALA B 169 -7.39 11.18 40.69
C ALA B 169 -6.73 9.87 40.30
N MET B 170 -6.69 9.60 39.00
CA MET B 170 -6.07 8.37 38.51
C MET B 170 -5.73 8.58 37.05
N THR B 171 -4.46 8.37 36.67
CA THR B 171 -4.04 8.60 35.30
C THR B 171 -2.78 7.79 35.01
N TRP B 172 -2.62 7.43 33.73
CA TRP B 172 -1.48 6.65 33.26
C TRP B 172 -0.50 7.52 32.49
N SER B 173 0.77 7.16 32.57
CA SER B 173 1.80 7.85 31.80
C SER B 173 1.70 7.53 30.32
N HIS B 174 2.38 8.34 29.52
CA HIS B 174 2.28 8.20 28.07
C HIS B 174 3.04 6.98 27.58
N ASN B 175 4.21 6.72 28.13
CA ASN B 175 4.69 5.35 28.14
C ASN B 175 3.85 4.58 29.16
N ASP B 176 3.48 3.38 28.82
CA ASP B 176 2.37 2.79 29.53
C ASP B 176 2.74 2.27 30.91
N MET B 177 3.81 2.76 31.53
CA MET B 177 4.40 2.04 32.67
C MET B 177 3.81 2.41 34.01
N TRP B 178 3.70 3.70 34.31
CA TRP B 178 3.42 4.16 35.68
C TRP B 178 1.99 4.63 35.80
N MET B 179 1.30 4.14 36.82
CA MET B 179 0.02 4.71 37.20
C MET B 179 0.23 5.60 38.39
N LEU B 180 -0.54 6.68 38.46
CA LEU B 180 -0.34 7.72 39.46
C LEU B 180 -1.69 8.05 40.06
N THR B 181 -1.82 7.87 41.37
CA THR B 181 -3.09 8.07 42.03
C THR B 181 -2.98 9.09 43.15
N ALA B 182 -4.11 9.69 43.49
CA ALA B 182 -4.19 10.70 44.53
C ALA B 182 -5.46 10.52 45.34
N ASP B 183 -5.38 10.68 46.64
CA ASP B 183 -6.56 10.54 47.48
C ASP B 183 -6.98 11.89 48.04
N HIS B 184 -7.95 11.85 48.94
CA HIS B 184 -8.58 13.04 49.48
C HIS B 184 -7.83 13.48 50.72
N GLY B 185 -7.38 14.72 50.73
CA GLY B 185 -6.64 15.23 51.85
C GLY B 185 -5.37 14.44 52.05
N GLY B 186 -4.56 14.35 51.02
CA GLY B 186 -3.32 13.64 51.23
C GLY B 186 -2.48 13.41 50.02
N TYR B 187 -2.10 12.14 49.86
CA TYR B 187 -0.88 11.75 49.22
C TYR B 187 -1.06 11.58 47.71
N VAL B 188 0.07 11.36 47.04
CA VAL B 188 0.09 10.81 45.69
C VAL B 188 0.92 9.54 45.76
N LYS B 189 0.45 8.50 45.09
CA LYS B 189 1.09 7.20 45.16
C LYS B 189 1.42 6.71 43.76
N TYR B 190 2.50 5.93 43.67
CA TYR B 190 3.03 5.41 42.42
C TYR B 190 2.69 3.94 42.30
N TRP B 191 2.15 3.54 41.16
CA TRP B 191 1.69 2.19 40.95
C TRP B 191 2.34 1.64 39.69
N GLN B 192 2.62 0.35 39.72
CA GLN B 192 3.19 -0.37 38.59
C GLN B 192 2.06 -1.16 37.92
N SER B 193 2.35 -1.73 36.75
CA SER B 193 1.30 -2.38 35.96
C SER B 193 0.62 -3.53 36.69
N ASN B 194 1.35 -4.21 37.57
CA ASN B 194 0.77 -5.26 38.40
C ASN B 194 0.13 -4.73 39.66
N MET B 195 -0.10 -3.42 39.72
CA MET B 195 -0.76 -2.79 40.86
C MET B 195 0.06 -2.98 42.14
N ASN B 196 1.36 -2.73 42.04
CA ASN B 196 2.22 -2.65 43.21
C ASN B 196 2.53 -1.19 43.48
N ASN B 197 2.71 -0.86 44.75
CA ASN B 197 2.96 0.51 45.19
C ASN B 197 4.44 0.68 45.49
N VAL B 198 5.12 1.52 44.73
CA VAL B 198 6.56 1.68 44.86
C VAL B 198 6.98 2.94 45.60
N LYS B 199 6.16 4.00 45.62
CA LYS B 199 6.54 5.23 46.30
C LYS B 199 5.31 6.04 46.64
N MET B 200 5.19 6.42 47.90
CA MET B 200 4.07 7.19 48.43
C MET B 200 4.58 8.52 48.96
N PHE B 201 3.98 9.63 48.54
CA PHE B 201 4.57 10.92 48.82
C PHE B 201 3.48 11.95 49.09
N GLN B 202 3.57 12.62 50.24
CA GLN B 202 2.68 13.73 50.56
C GLN B 202 2.91 14.91 49.62
N ALA B 203 1.83 15.46 49.06
CA ALA B 203 1.97 16.56 48.11
C ALA B 203 1.27 17.84 48.58
N HIS B 204 -0.03 17.82 48.80
CA HIS B 204 -0.80 18.94 49.27
C HIS B 204 -1.32 18.63 50.67
N LYS B 205 -1.42 19.65 51.51
CA LYS B 205 -2.04 19.40 52.81
C LYS B 205 -3.54 19.21 52.71
N GLU B 206 -4.12 19.44 51.54
CA GLU B 206 -5.55 19.30 51.34
C GLU B 206 -5.79 18.38 50.15
N ALA B 207 -7.04 18.23 49.78
CA ALA B 207 -7.41 17.20 48.81
C ALA B 207 -6.91 17.57 47.42
N ILE B 208 -6.33 16.60 46.74
CA ILE B 208 -5.89 16.76 45.37
C ILE B 208 -7.02 16.35 44.45
N ARG B 209 -7.29 17.15 43.42
CA ARG B 209 -8.47 16.90 42.60
C ARG B 209 -8.18 16.30 41.23
N GLU B 210 -6.97 16.47 40.69
CA GLU B 210 -6.69 15.98 39.34
C GLU B 210 -5.19 16.03 39.14
N ALA B 211 -4.73 15.42 38.06
CA ALA B 211 -3.31 15.34 37.76
C ALA B 211 -3.15 15.14 36.26
N SER B 212 -1.91 15.25 35.80
CA SER B 212 -1.63 14.96 34.40
C SER B 212 -0.13 14.87 34.22
N PHE B 213 0.28 14.22 33.14
CA PHE B 213 1.68 14.04 32.82
C PHE B 213 2.14 14.97 31.70
N SER B 214 3.43 15.25 31.70
CA SER B 214 4.18 15.88 30.64
C SER B 214 4.41 14.91 29.48
N PRO B 215 4.39 15.39 28.25
CA PRO B 215 4.56 14.49 27.10
C PRO B 215 5.78 13.60 27.19
N THR B 216 6.77 13.99 27.98
CA THR B 216 7.91 13.13 28.26
C THR B 216 7.77 12.36 29.56
N ASP B 217 6.67 12.56 30.28
CA ASP B 217 6.32 11.82 31.49
C ASP B 217 7.33 11.96 32.60
N ASN B 218 8.25 12.91 32.51
CA ASN B 218 9.26 13.09 33.55
C ASN B 218 8.82 14.03 34.66
N LYS B 219 7.78 14.83 34.45
CA LYS B 219 7.28 15.75 35.46
C LYS B 219 5.78 15.86 35.28
N PHE B 220 5.08 16.20 36.35
CA PHE B 220 3.62 16.19 36.31
C PHE B 220 3.09 17.35 37.15
N ALA B 221 1.77 17.39 37.33
CA ALA B 221 1.10 18.49 38.01
C ALA B 221 0.06 17.94 38.99
N THR B 222 -0.20 18.68 40.07
CA THR B 222 -1.34 18.38 40.93
C THR B 222 -2.01 19.67 41.38
N CYS B 223 -3.32 19.76 41.16
CA CYS B 223 -4.10 20.89 41.65
C CYS B 223 -4.84 20.49 42.92
N SER B 224 -4.95 21.43 43.85
CA SER B 224 -5.46 21.08 45.16
C SER B 224 -6.70 21.85 45.56
N ASP B 225 -7.25 21.46 46.71
CA ASP B 225 -8.25 22.26 47.41
C ASP B 225 -7.64 23.41 48.18
N ASP B 226 -6.32 23.57 48.19
CA ASP B 226 -5.71 24.74 48.80
C ASP B 226 -5.61 25.92 47.85
N GLY B 227 -6.14 25.78 46.64
CA GLY B 227 -6.15 26.86 45.69
C GLY B 227 -4.87 27.02 44.89
N THR B 228 -3.97 26.05 44.93
CA THR B 228 -2.70 26.14 44.23
C THR B 228 -2.50 24.94 43.33
N VAL B 229 -1.65 25.16 42.32
CA VAL B 229 -1.22 24.11 41.39
C VAL B 229 0.26 23.88 41.59
N ARG B 230 0.63 22.70 42.04
CA ARG B 230 2.03 22.39 42.31
C ARG B 230 2.59 21.49 41.23
N ILE B 231 3.69 21.93 40.62
CA ILE B 231 4.33 21.22 39.52
C ILE B 231 5.55 20.49 40.02
N TRP B 232 5.59 19.18 39.77
CA TRP B 232 6.44 18.23 40.46
C TRP B 232 7.36 17.53 39.47
N ASP B 233 8.53 17.14 39.97
CA ASP B 233 9.41 16.19 39.33
C ASP B 233 8.95 14.77 39.64
N PHE B 234 9.32 13.83 38.77
CA PHE B 234 8.83 12.47 38.91
C PHE B 234 9.85 11.53 39.55
N LEU B 235 11.01 11.36 38.92
CA LEU B 235 11.99 10.40 39.43
C LEU B 235 12.43 10.74 40.84
N ARG B 236 12.66 12.02 41.10
CA ARG B 236 12.58 12.50 42.46
C ARG B 236 11.17 12.96 42.72
N CYS B 237 10.75 12.86 43.97
CA CYS B 237 9.45 13.40 44.35
C CYS B 237 9.60 14.85 44.76
N HIS B 238 10.28 15.63 43.91
CA HIS B 238 10.69 16.98 44.24
C HIS B 238 9.79 17.99 43.54
N GLU B 239 9.49 19.06 44.24
CA GLU B 239 8.51 20.04 43.82
C GLU B 239 9.24 21.15 43.08
N GLU B 240 8.98 21.29 41.79
CA GLU B 240 9.64 22.37 41.08
C GLU B 240 8.98 23.71 41.35
N ARG B 241 7.68 23.79 41.15
CA ARG B 241 7.04 25.09 41.18
C ARG B 241 5.74 25.03 41.95
N ILE B 242 5.35 26.18 42.47
CA ILE B 242 4.04 26.39 43.05
C ILE B 242 3.37 27.48 42.25
N LEU B 243 2.08 27.33 42.00
CA LEU B 243 1.34 28.27 41.18
C LEU B 243 0.20 28.79 42.02
N ARG B 244 0.20 30.11 42.26
CA ARG B 244 -0.62 30.82 43.24
C ARG B 244 -1.41 31.93 42.57
N GLY B 245 -2.21 31.56 41.58
CA GLY B 245 -3.02 32.56 40.91
C GLY B 245 -4.50 32.53 41.25
N HIS B 246 -4.98 31.40 41.75
CA HIS B 246 -6.42 31.22 41.89
C HIS B 246 -6.95 31.80 43.18
N GLY B 247 -8.28 31.93 43.23
CA GLY B 247 -8.96 32.48 44.38
C GLY B 247 -9.19 31.45 45.45
N ALA B 248 -9.74 30.30 45.08
CA ALA B 248 -9.93 29.21 46.02
C ALA B 248 -10.30 27.96 45.25
N ASP B 249 -9.78 26.81 45.72
CA ASP B 249 -10.25 25.50 45.29
C ASP B 249 -10.07 25.31 43.78
N VAL B 250 -8.82 25.19 43.38
CA VAL B 250 -8.52 24.72 42.03
C VAL B 250 -9.05 23.30 41.90
N LYS B 251 -10.03 23.09 41.03
CA LYS B 251 -10.66 21.78 40.97
C LYS B 251 -10.46 21.09 39.62
N CYS B 252 -9.48 21.51 38.83
CA CYS B 252 -9.06 20.71 37.68
C CYS B 252 -7.75 21.26 37.13
N VAL B 253 -6.94 20.38 36.54
CA VAL B 253 -5.68 20.79 35.92
C VAL B 253 -5.38 19.84 34.78
N ASP B 254 -4.63 20.32 33.79
CA ASP B 254 -4.24 19.46 32.69
C ASP B 254 -3.07 20.07 31.92
N TRP B 255 -2.07 19.26 31.62
CA TRP B 255 -0.92 19.66 30.84
C TRP B 255 -1.31 19.64 29.36
N HIS B 256 -0.37 19.98 28.48
CA HIS B 256 -0.63 20.02 27.04
C HIS B 256 0.14 18.90 26.34
N PRO B 257 -0.41 18.29 25.28
CA PRO B 257 0.29 17.14 24.68
C PRO B 257 1.66 17.43 24.11
N THR B 258 1.92 18.63 23.60
CA THR B 258 3.27 18.94 23.14
C THR B 258 3.88 20.14 23.87
N LYS B 259 3.19 21.27 23.91
CA LYS B 259 3.75 22.48 24.47
C LYS B 259 3.92 22.36 25.97
N GLY B 260 4.61 23.35 26.54
CA GLY B 260 4.64 23.53 27.98
C GLY B 260 3.66 24.55 28.48
N LEU B 261 2.36 24.26 28.44
CA LEU B 261 1.36 25.12 29.05
C LEU B 261 0.44 24.25 29.87
N VAL B 262 0.22 24.65 31.11
CA VAL B 262 -0.61 23.90 32.05
C VAL B 262 -1.85 24.72 32.33
N VAL B 263 -3.01 24.11 32.16
CA VAL B 263 -4.29 24.79 32.35
C VAL B 263 -4.85 24.37 33.69
N SER B 264 -5.51 25.29 34.39
CA SER B 264 -6.17 24.97 35.64
C SER B 264 -7.54 25.62 35.65
N GLY B 265 -8.43 25.10 36.50
CA GLY B 265 -9.80 25.57 36.62
C GLY B 265 -10.36 25.46 38.02
N SER B 266 -11.12 26.48 38.46
CA SER B 266 -11.41 26.67 39.90
C SER B 266 -12.87 26.93 40.24
N LYS B 267 -13.09 27.26 41.52
CA LYS B 267 -14.34 27.89 41.95
C LYS B 267 -14.34 29.37 41.70
N ASP B 268 -13.17 30.00 41.79
CA ASP B 268 -13.05 31.45 41.73
C ASP B 268 -13.83 32.03 40.56
N SER B 269 -14.84 32.82 40.88
CA SER B 269 -15.59 33.49 39.83
C SER B 269 -14.79 34.57 39.13
N GLN B 270 -13.62 34.93 39.66
CA GLN B 270 -12.80 35.99 39.08
C GLN B 270 -11.71 35.48 38.17
N GLN B 271 -11.16 34.31 38.45
CA GLN B 271 -10.18 33.65 37.58
C GLN B 271 -10.47 32.17 37.53
N PRO B 272 -11.51 31.79 36.80
CA PRO B 272 -11.91 30.38 36.75
C PRO B 272 -10.89 29.51 36.06
N ILE B 273 -10.46 29.90 34.87
CA ILE B 273 -9.52 29.14 34.07
C ILE B 273 -8.25 29.95 33.93
N LYS B 274 -7.11 29.34 34.19
CA LYS B 274 -5.85 30.05 34.04
C LYS B 274 -4.84 29.18 33.33
N PHE B 275 -3.84 29.85 32.76
CA PHE B 275 -2.75 29.23 32.03
C PHE B 275 -1.46 29.40 32.81
N TRP B 276 -0.51 28.49 32.55
CA TRP B 276 0.72 28.51 33.30
C TRP B 276 1.84 28.02 32.39
N ASP B 277 3.04 28.52 32.65
CA ASP B 277 4.24 27.98 32.01
C ASP B 277 5.03 27.24 33.07
N PRO B 278 5.23 25.92 32.93
CA PRO B 278 5.75 25.14 34.07
C PRO B 278 7.15 25.53 34.53
N LYS B 279 8.12 25.59 33.63
CA LYS B 279 9.47 25.94 34.05
C LYS B 279 9.53 27.35 34.63
N THR B 280 8.70 28.25 34.11
CA THR B 280 8.75 29.65 34.52
C THR B 280 7.83 29.93 35.69
N GLY B 281 6.58 29.50 35.61
CA GLY B 281 5.64 29.72 36.69
C GLY B 281 4.84 30.98 36.57
N GLN B 282 4.59 31.46 35.36
CA GLN B 282 3.92 32.73 35.15
C GLN B 282 2.59 32.53 34.45
N SER B 283 1.59 33.28 34.89
CA SER B 283 0.25 33.19 34.31
C SER B 283 0.26 33.83 32.92
N LEU B 284 0.21 33.00 31.89
CA LEU B 284 0.21 33.53 30.53
C LEU B 284 -1.05 34.31 30.23
N ALA B 285 -2.20 33.83 30.69
CA ALA B 285 -3.47 34.48 30.39
C ALA B 285 -4.48 34.07 31.46
N THR B 286 -5.69 34.62 31.35
CA THR B 286 -6.81 34.23 32.19
C THR B 286 -8.05 34.22 31.31
N LEU B 287 -9.01 33.36 31.67
CA LEU B 287 -10.10 33.01 30.77
C LEU B 287 -11.40 33.06 31.55
N HIS B 288 -12.19 34.11 31.33
CA HIS B 288 -13.47 34.30 32.02
C HIS B 288 -14.58 33.72 31.14
N ALA B 289 -14.86 32.44 31.34
CA ALA B 289 -15.79 31.70 30.49
C ALA B 289 -17.02 31.22 31.22
N HIS B 290 -16.88 30.76 32.45
CA HIS B 290 -17.99 30.21 33.19
C HIS B 290 -18.13 30.92 34.52
N LYS B 291 -19.37 31.24 34.89
CA LYS B 291 -19.66 31.91 36.14
C LYS B 291 -19.91 30.93 37.29
N ASN B 292 -19.61 29.66 37.10
CA ASN B 292 -19.73 28.67 38.16
C ASN B 292 -18.52 27.77 38.15
N THR B 293 -18.38 26.97 39.20
CA THR B 293 -17.15 26.23 39.46
C THR B 293 -16.84 25.29 38.32
N VAL B 294 -15.81 25.59 37.54
CA VAL B 294 -15.53 24.85 36.31
C VAL B 294 -15.01 23.47 36.70
N MET B 295 -15.83 22.45 36.45
CA MET B 295 -15.54 21.10 36.94
C MET B 295 -14.34 20.50 36.24
N GLU B 296 -14.43 20.30 34.92
CA GLU B 296 -13.33 19.69 34.20
C GLU B 296 -12.83 20.57 33.07
N VAL B 297 -11.66 20.19 32.57
CA VAL B 297 -10.93 20.92 31.55
C VAL B 297 -10.12 19.90 30.74
N LYS B 298 -10.24 19.97 29.43
CA LYS B 298 -9.67 18.95 28.55
C LYS B 298 -9.03 19.58 27.33
N LEU B 299 -7.77 19.25 27.10
CA LEU B 299 -7.06 19.63 25.90
C LEU B 299 -7.04 18.47 24.91
N ASN B 300 -7.32 18.77 23.66
CA ASN B 300 -7.40 17.73 22.65
C ASN B 300 -6.01 17.36 22.16
N LEU B 301 -5.87 16.13 21.67
CA LEU B 301 -4.57 15.64 21.24
C LEU B 301 -4.03 16.41 20.04
N ASN B 302 -4.88 17.04 19.25
CA ASN B 302 -4.30 17.82 18.18
C ASN B 302 -3.76 19.15 18.68
N GLY B 303 -3.87 19.42 19.97
CA GLY B 303 -3.23 20.58 20.56
C GLY B 303 -3.87 21.90 20.22
N ASN B 304 -4.99 21.91 19.53
CA ASN B 304 -5.62 23.16 19.14
C ASN B 304 -6.81 23.52 20.01
N TRP B 305 -7.39 22.57 20.73
CA TRP B 305 -8.71 22.71 21.31
C TRP B 305 -8.69 22.51 22.81
N LEU B 306 -9.43 23.35 23.50
CA LEU B 306 -9.73 23.18 24.92
C LEU B 306 -11.21 22.95 25.06
N LEU B 307 -11.60 22.02 25.92
CA LEU B 307 -13.00 21.84 26.25
C LEU B 307 -13.15 21.87 27.76
N THR B 308 -14.11 22.63 28.23
CA THR B 308 -14.34 22.81 29.65
C THR B 308 -15.82 22.64 29.94
N ALA B 309 -16.14 22.26 31.18
CA ALA B 309 -17.51 21.94 31.55
C ALA B 309 -17.83 22.54 32.91
N SER B 310 -18.96 23.23 33.04
CA SER B 310 -19.21 23.96 34.28
C SER B 310 -20.63 23.75 34.77
N ARG B 311 -20.84 24.10 36.03
CA ARG B 311 -22.12 24.01 36.72
C ARG B 311 -23.13 24.99 36.25
N ASP B 312 -22.87 25.81 35.24
CA ASP B 312 -23.91 26.63 34.64
C ASP B 312 -24.59 25.91 33.48
N HIS B 313 -24.55 24.58 33.47
CA HIS B 313 -25.17 23.65 32.53
C HIS B 313 -24.41 23.51 31.21
N LEU B 314 -23.28 24.17 31.01
CA LEU B 314 -22.72 24.31 29.67
C LEU B 314 -21.37 23.64 29.53
N CYS B 315 -21.03 23.31 28.28
CA CYS B 315 -19.67 22.96 27.92
C CYS B 315 -19.18 23.94 26.87
N LYS B 316 -17.91 24.31 26.93
CA LYS B 316 -17.35 25.31 26.03
C LYS B 316 -16.15 24.72 25.31
N LEU B 317 -16.10 24.92 24.00
CA LEU B 317 -14.92 24.61 23.21
C LEU B 317 -14.25 25.91 22.81
N PHE B 318 -12.95 25.99 23.10
CA PHE B 318 -12.10 27.16 22.91
C PHE B 318 -10.94 26.84 22.01
N ASP B 319 -10.66 27.73 21.07
CA ASP B 319 -9.50 27.61 20.20
C ASP B 319 -8.29 28.11 20.97
N ILE B 320 -7.37 27.21 21.31
CA ILE B 320 -6.36 27.47 22.33
C ILE B 320 -5.43 28.62 21.99
N ARG B 321 -5.45 29.11 20.75
CA ARG B 321 -4.60 30.22 20.34
C ARG B 321 -5.30 31.56 20.37
N ASN B 322 -6.61 31.58 20.17
CA ASN B 322 -7.40 32.81 20.06
C ASN B 322 -8.43 32.79 21.17
N LEU B 323 -8.01 33.19 22.36
CA LEU B 323 -8.80 33.00 23.56
C LEU B 323 -9.80 34.13 23.80
N LYS B 324 -9.90 35.08 22.89
CA LYS B 324 -10.83 36.19 23.08
C LYS B 324 -12.29 35.79 22.91
N GLU B 325 -12.58 34.69 22.22
CA GLU B 325 -13.94 34.30 21.91
C GLU B 325 -14.14 32.82 22.23
N GLU B 326 -15.37 32.36 22.02
CA GLU B 326 -15.79 31.00 22.34
C GLU B 326 -16.02 30.27 21.02
N LEU B 327 -15.29 29.18 20.81
CA LEU B 327 -15.39 28.49 19.52
C LEU B 327 -16.76 27.84 19.36
N GLN B 328 -17.32 27.26 20.42
CA GLN B 328 -18.76 27.03 20.45
C GLN B 328 -19.22 26.57 21.83
N VAL B 329 -20.53 26.63 22.02
CA VAL B 329 -21.19 26.39 23.30
C VAL B 329 -22.08 25.17 23.15
N PHE B 330 -21.71 24.08 23.82
CA PHE B 330 -22.52 22.86 23.83
C PHE B 330 -23.58 23.01 24.91
N ARG B 331 -24.83 23.16 24.47
CA ARG B 331 -26.01 23.35 25.29
C ARG B 331 -26.91 22.13 25.20
N GLY B 332 -27.59 21.85 26.30
CA GLY B 332 -28.44 20.68 26.47
C GLY B 332 -27.87 19.79 27.54
N HIS B 333 -28.32 20.05 28.76
CA HIS B 333 -28.07 19.33 30.00
C HIS B 333 -29.03 19.90 31.03
N LYS B 334 -30.01 19.13 31.44
CA LYS B 334 -31.05 19.71 32.28
C LYS B 334 -30.54 20.03 33.68
N LYS B 335 -29.39 19.47 34.07
CA LYS B 335 -28.66 19.92 35.25
C LYS B 335 -27.21 20.15 34.84
N GLU B 336 -26.34 20.25 35.84
CA GLU B 336 -24.93 20.56 35.65
C GLU B 336 -24.28 19.56 34.70
N ALA B 337 -23.07 19.89 34.29
CA ALA B 337 -22.16 18.94 33.65
C ALA B 337 -21.03 18.64 34.62
N THR B 338 -20.64 17.37 34.68
CA THR B 338 -19.65 16.94 35.66
C THR B 338 -18.47 16.20 35.06
N ALA B 339 -18.61 15.55 33.90
CA ALA B 339 -17.51 14.78 33.35
C ALA B 339 -17.55 14.88 31.83
N VAL B 340 -16.37 14.92 31.23
CA VAL B 340 -16.21 15.01 29.78
C VAL B 340 -15.10 14.04 29.38
N ALA B 341 -15.19 13.51 28.16
CA ALA B 341 -14.15 12.64 27.66
C ALA B 341 -14.12 12.66 26.14
N TRP B 342 -12.96 12.92 25.55
CA TRP B 342 -12.81 12.84 24.11
C TRP B 342 -12.66 11.40 23.67
N HIS B 343 -13.19 11.09 22.49
CA HIS B 343 -13.00 9.77 21.90
C HIS B 343 -11.56 9.62 21.44
N PRO B 344 -10.95 8.45 21.60
CA PRO B 344 -9.52 8.32 21.29
C PRO B 344 -9.19 8.12 19.82
N VAL B 345 -10.15 7.80 18.97
CA VAL B 345 -9.92 7.64 17.54
C VAL B 345 -10.50 8.80 16.75
N HIS B 346 -11.76 9.09 16.96
CA HIS B 346 -12.38 10.18 16.23
C HIS B 346 -12.04 11.48 16.92
N GLU B 347 -11.82 12.53 16.13
CA GLU B 347 -11.20 13.72 16.67
C GLU B 347 -12.22 14.76 17.13
N GLY B 348 -13.42 14.73 16.58
CA GLY B 348 -14.44 15.67 16.97
C GLY B 348 -15.48 15.14 17.93
N LEU B 349 -15.39 13.88 18.33
CA LEU B 349 -16.43 13.23 19.13
C LEU B 349 -16.03 13.22 20.60
N PHE B 350 -16.96 13.60 21.47
CA PHE B 350 -16.73 13.43 22.89
C PHE B 350 -18.05 13.13 23.58
N ALA B 351 -17.95 12.72 24.82
CA ALA B 351 -19.10 12.36 25.63
C ALA B 351 -19.05 13.15 26.92
N SER B 352 -20.21 13.31 27.55
CA SER B 352 -20.24 14.03 28.81
C SER B 352 -21.35 13.47 29.67
N GLY B 353 -21.22 13.67 30.96
CA GLY B 353 -22.24 13.25 31.90
C GLY B 353 -22.44 14.31 32.96
N GLY B 354 -23.70 14.43 33.41
CA GLY B 354 -24.09 15.48 34.31
C GLY B 354 -24.49 14.98 35.70
N SER B 355 -25.05 15.91 36.47
CA SER B 355 -25.44 15.60 37.85
C SER B 355 -26.66 14.71 37.88
N ASP B 356 -27.69 15.05 37.11
CA ASP B 356 -28.66 14.04 36.77
C ASP B 356 -28.00 12.97 35.91
N GLY B 357 -28.57 11.79 35.88
CA GLY B 357 -27.81 10.69 35.35
C GLY B 357 -27.51 10.72 33.88
N SER B 358 -27.86 11.78 33.15
CA SER B 358 -27.75 11.72 31.70
C SER B 358 -26.31 11.59 31.26
N LEU B 359 -26.10 10.97 30.10
CA LEU B 359 -24.83 11.08 29.41
C LEU B 359 -25.10 11.30 27.93
N LEU B 360 -24.55 12.39 27.41
CA LEU B 360 -24.79 12.85 26.06
C LEU B 360 -23.52 12.72 25.23
N PHE B 361 -23.70 12.64 23.93
CA PHE B 361 -22.60 12.48 22.99
C PHE B 361 -22.66 13.63 22.00
N TRP B 362 -21.55 14.36 21.87
CA TRP B 362 -21.47 15.59 21.11
C TRP B 362 -20.40 15.46 20.04
N HIS B 363 -20.54 16.23 18.97
CA HIS B 363 -19.51 16.34 17.96
C HIS B 363 -19.24 17.81 17.68
N VAL B 364 -18.01 18.12 17.30
CA VAL B 364 -17.53 19.50 17.32
C VAL B 364 -18.25 20.35 16.27
N GLY B 365 -18.08 20.03 15.00
CA GLY B 365 -18.76 20.85 14.00
C GLY B 365 -20.27 20.81 14.07
N VAL B 366 -20.84 19.90 14.84
CA VAL B 366 -22.27 19.69 14.92
C VAL B 366 -22.83 20.53 16.06
N GLU B 367 -23.98 21.15 15.83
CA GLU B 367 -24.53 22.08 16.81
C GLU B 367 -25.30 21.36 17.92
N LYS B 368 -26.44 20.79 17.56
CA LYS B 368 -27.31 20.10 18.49
C LYS B 368 -26.61 18.85 19.01
N GLU B 369 -27.16 18.25 20.06
CA GLU B 369 -26.55 17.05 20.60
C GLU B 369 -26.68 15.88 19.64
N VAL B 370 -25.60 15.12 19.53
CA VAL B 370 -25.53 14.03 18.55
C VAL B 370 -26.31 12.82 19.04
N GLY B 371 -26.05 12.36 20.26
CA GLY B 371 -26.84 11.28 20.80
C GLY B 371 -26.92 11.38 22.30
N GLY B 372 -27.52 10.40 22.98
CA GLY B 372 -27.42 10.39 24.42
C GLY B 372 -28.44 9.46 25.05
N MET B 373 -28.25 9.29 26.35
CA MET B 373 -29.09 8.41 27.17
C MET B 373 -29.47 9.18 28.41
N GLU B 374 -30.78 9.29 28.69
CA GLU B 374 -31.22 10.26 29.68
C GLU B 374 -31.03 9.77 31.10
N MET B 375 -31.62 8.62 31.43
CA MET B 375 -31.44 8.07 32.77
C MET B 375 -30.43 6.93 32.72
N ALA B 376 -29.17 7.31 32.50
CA ALA B 376 -28.10 6.33 32.48
C ALA B 376 -27.78 5.86 33.89
N HIS B 377 -27.65 6.79 34.80
CA HIS B 377 -27.49 6.52 36.22
C HIS B 377 -28.65 7.11 36.98
N GLU B 378 -28.56 7.06 38.30
CA GLU B 378 -29.47 7.79 39.17
C GLU B 378 -28.77 8.97 39.83
N GLY B 379 -27.57 8.76 40.36
CA GLY B 379 -26.75 9.83 40.89
C GLY B 379 -25.98 10.54 39.80
N MET B 380 -24.92 11.23 40.21
CA MET B 380 -24.16 12.04 39.27
C MET B 380 -22.99 11.26 38.72
N ILE B 381 -22.74 11.43 37.42
CA ILE B 381 -21.62 10.78 36.77
C ILE B 381 -20.35 11.52 37.14
N TRP B 382 -19.43 10.83 37.82
CA TRP B 382 -18.16 11.41 38.20
C TRP B 382 -17.08 11.21 37.16
N SER B 383 -17.06 10.08 36.47
CA SER B 383 -15.90 9.81 35.62
C SER B 383 -16.32 9.01 34.40
N LEU B 384 -15.71 9.31 33.25
CA LEU B 384 -15.96 8.58 32.02
C LEU B 384 -14.63 8.06 31.46
N ALA B 385 -14.70 7.00 30.67
CA ALA B 385 -13.49 6.42 30.09
C ALA B 385 -13.83 5.65 28.84
N TRP B 386 -13.23 6.03 27.72
CA TRP B 386 -13.37 5.24 26.51
C TRP B 386 -12.41 4.07 26.50
N HIS B 387 -12.76 3.06 25.74
CA HIS B 387 -11.86 1.93 25.57
C HIS B 387 -10.74 2.29 24.59
N PRO B 388 -9.50 1.87 24.84
CA PRO B 388 -8.38 2.24 23.96
C PRO B 388 -8.67 2.06 22.49
N LEU B 389 -9.58 1.15 22.18
CA LEU B 389 -9.99 0.90 20.81
C LEU B 389 -11.21 1.71 20.40
N GLY B 390 -12.02 2.15 21.34
CA GLY B 390 -13.03 3.15 21.07
C GLY B 390 -14.43 2.65 20.87
N HIS B 391 -14.78 1.49 21.39
CA HIS B 391 -16.08 0.88 21.18
C HIS B 391 -16.87 0.64 22.46
N ILE B 392 -16.21 0.71 23.61
CA ILE B 392 -16.85 0.56 24.91
C ILE B 392 -16.59 1.82 25.71
N LEU B 393 -17.59 2.27 26.44
CA LEU B 393 -17.52 3.44 27.30
C LEU B 393 -17.91 3.04 28.72
N CYS B 394 -17.05 3.31 29.68
CA CYS B 394 -17.40 3.08 31.07
C CYS B 394 -17.74 4.41 31.73
N SER B 395 -18.80 4.41 32.54
CA SER B 395 -19.24 5.60 33.26
C SER B 395 -19.42 5.23 34.72
N GLY B 396 -18.69 5.92 35.60
CA GLY B 396 -18.76 5.69 37.03
C GLY B 396 -19.41 6.88 37.72
N SER B 397 -20.40 6.60 38.56
CA SER B 397 -21.30 7.62 39.07
C SER B 397 -21.44 7.55 40.57
N ASN B 398 -22.30 8.42 41.09
CA ASN B 398 -22.47 8.63 42.52
C ASN B 398 -23.49 7.69 43.12
N ASP B 399 -24.20 6.92 42.31
CA ASP B 399 -25.16 5.95 42.79
C ASP B 399 -24.54 4.59 43.06
N HIS B 400 -23.24 4.55 43.34
CA HIS B 400 -22.49 3.41 43.85
C HIS B 400 -22.16 2.36 42.80
N THR B 401 -22.36 2.63 41.51
CA THR B 401 -22.15 1.62 40.48
C THR B 401 -21.24 2.17 39.40
N SER B 402 -21.04 1.37 38.37
CA SER B 402 -20.35 1.78 37.15
C SER B 402 -20.89 0.97 36.00
N LYS B 403 -21.34 1.64 34.95
CA LYS B 403 -22.03 0.98 33.85
C LYS B 403 -21.20 1.00 32.58
N PHE B 404 -21.42 -0.02 31.76
CA PHE B 404 -20.71 -0.21 30.50
C PHE B 404 -21.67 -0.02 29.34
N TRP B 405 -21.23 0.74 28.35
CA TRP B 405 -22.03 1.07 27.18
C TRP B 405 -21.25 0.67 25.96
N THR B 406 -21.96 0.30 24.91
CA THR B 406 -21.32 -0.10 23.66
C THR B 406 -22.16 0.41 22.49
N ARG B 407 -21.63 0.18 21.30
CA ARG B 407 -22.28 0.61 20.07
C ARG B 407 -23.53 -0.20 19.81
N ASN B 408 -24.32 0.27 18.87
CA ASN B 408 -25.57 -0.39 18.55
C ASN B 408 -25.35 -1.50 17.54
N ARG B 409 -26.33 -2.40 17.45
CA ARG B 409 -26.35 -3.49 16.50
C ARG B 409 -27.18 -3.09 15.29
N PRO B 410 -26.84 -3.58 14.11
CA PRO B 410 -27.62 -3.22 12.92
C PRO B 410 -29.06 -3.71 13.03
N GLY B 411 -29.98 -2.85 12.63
CA GLY B 411 -31.38 -3.19 12.51
C GLY B 411 -32.01 -3.69 13.80
N ASP B 412 -31.89 -2.93 14.87
CA ASP B 412 -32.45 -3.31 16.15
C ASP B 412 -33.93 -2.97 16.20
N LYS B 413 -34.51 -3.08 17.38
CA LYS B 413 -35.94 -2.87 17.60
C LYS B 413 -36.47 -1.59 16.96
N MET C 1 14.70 -13.74 2.35
CA MET C 1 13.76 -13.82 3.46
C MET C 1 13.90 -15.15 4.14
N GLN C 2 14.33 -16.15 3.38
CA GLN C 2 14.37 -17.50 3.90
C GLN C 2 15.75 -17.81 4.44
N GLU C 3 15.81 -18.84 5.28
CA GLU C 3 17.05 -19.24 5.92
C GLU C 3 18.06 -19.82 4.93
N ILE C 4 17.66 -20.04 3.68
CA ILE C 4 18.56 -20.55 2.66
C ILE C 4 19.16 -19.41 1.84
N ILE C 5 18.34 -18.46 1.43
CA ILE C 5 18.80 -17.40 0.54
C ILE C 5 19.60 -16.35 1.30
N ALA C 6 18.99 -15.75 2.31
CA ALA C 6 19.57 -14.64 3.07
C ALA C 6 19.83 -15.12 4.50
N SER C 7 20.99 -15.72 4.72
CA SER C 7 21.30 -16.40 5.98
C SER C 7 22.16 -15.49 6.85
N VAL C 8 21.52 -14.83 7.82
CA VAL C 8 22.27 -14.01 8.80
C VAL C 8 22.53 -14.92 10.00
N ASP C 9 23.56 -15.74 9.87
CA ASP C 9 24.07 -16.55 10.97
C ASP C 9 25.57 -16.35 11.09
N HIS C 10 26.22 -16.10 9.96
CA HIS C 10 27.66 -15.85 9.97
C HIS C 10 27.99 -14.45 10.46
N ILE C 11 26.98 -13.66 10.82
CA ILE C 11 27.14 -12.27 11.21
C ILE C 11 26.94 -12.15 12.71
N LYS C 12 27.62 -11.17 13.30
CA LYS C 12 27.30 -10.68 14.63
C LYS C 12 26.72 -9.28 14.50
N PHE C 13 25.72 -8.99 15.31
CA PHE C 13 24.98 -7.74 15.26
C PHE C 13 25.41 -6.79 16.37
N ASP C 14 24.99 -5.52 16.26
CA ASP C 14 25.17 -4.61 17.38
C ASP C 14 24.26 -4.96 18.53
N LEU C 15 23.05 -5.44 18.24
CA LEU C 15 22.17 -5.89 19.30
C LEU C 15 22.78 -7.03 20.10
N GLU C 16 23.08 -8.14 19.42
CA GLU C 16 23.62 -9.31 20.12
C GLU C 16 24.84 -8.97 20.96
N ILE C 17 25.52 -7.87 20.66
CA ILE C 17 26.62 -7.43 21.51
C ILE C 17 26.14 -6.53 22.64
N ALA C 18 25.10 -5.72 22.41
CA ALA C 18 24.57 -4.84 23.43
C ALA C 18 23.43 -5.46 24.23
N VAL C 19 23.26 -6.77 24.16
CA VAL C 19 22.23 -7.48 24.90
C VAL C 19 22.85 -8.44 25.91
N GLU C 20 23.82 -9.23 25.48
CA GLU C 20 24.51 -10.15 26.37
C GLU C 20 25.60 -9.47 27.19
N GLN C 21 25.75 -8.16 27.05
CA GLN C 21 26.62 -7.39 27.93
C GLN C 21 25.86 -6.36 28.76
N GLN C 22 24.55 -6.23 28.57
CA GLN C 22 23.70 -5.38 29.40
C GLN C 22 24.15 -3.92 29.30
N LEU C 23 24.41 -3.48 28.06
CA LEU C 23 25.20 -2.27 27.88
C LEU C 23 24.47 -1.04 28.37
N GLY C 24 23.29 -0.76 27.84
CA GLY C 24 22.57 0.39 28.35
C GLY C 24 21.59 0.01 29.44
N ALA C 25 21.96 0.24 30.70
CA ALA C 25 21.14 -0.20 31.82
C ALA C 25 21.39 0.70 33.02
N GLN C 26 20.33 1.30 33.54
CA GLN C 26 20.42 2.07 34.78
C GLN C 26 19.76 1.33 35.92
N PRO C 27 20.22 1.52 37.16
CA PRO C 27 19.61 0.83 38.30
C PRO C 27 18.18 1.28 38.52
N LEU C 28 17.44 0.49 39.29
CA LEU C 28 16.04 0.78 39.50
C LEU C 28 15.88 2.06 40.32
N PRO C 29 14.88 2.88 40.02
CA PRO C 29 14.72 4.14 40.77
C PRO C 29 13.98 3.99 42.09
N PHE C 30 13.28 2.88 42.33
CA PHE C 30 12.52 2.66 43.55
C PHE C 30 12.66 1.21 43.96
N PRO C 31 12.74 0.93 45.25
CA PRO C 31 13.02 -0.45 45.69
C PRO C 31 11.79 -1.33 45.82
N GLY C 32 11.80 -2.49 45.18
CA GLY C 32 10.78 -3.48 45.45
C GLY C 32 10.14 -4.12 44.23
N MET C 33 10.49 -3.63 43.04
CA MET C 33 9.86 -4.04 41.80
C MET C 33 9.98 -5.54 41.52
N LYS C 35 9.97 -7.65 38.52
CA LYS C 35 10.46 -7.15 37.23
C LYS C 35 10.11 -8.13 36.13
N SER C 36 8.84 -8.50 36.06
CA SER C 36 8.41 -9.47 35.06
C SER C 36 8.47 -8.87 33.66
N GLY C 37 9.07 -9.60 32.74
CA GLY C 37 9.37 -9.06 31.43
C GLY C 37 10.74 -8.41 31.43
N ALA C 38 11.73 -9.17 31.87
CA ALA C 38 13.10 -8.70 31.93
C ALA C 38 14.04 -9.89 31.78
N ALA C 39 15.29 -9.59 31.42
CA ALA C 39 16.26 -10.63 31.21
C ALA C 39 16.62 -11.32 32.51
N VAL C 40 16.69 -12.65 32.48
CA VAL C 40 17.32 -13.35 33.59
C VAL C 40 18.81 -12.99 33.58
N CYS C 41 19.24 -12.26 34.61
CA CYS C 41 20.57 -11.67 34.66
C CYS C 41 21.65 -12.73 34.51
N GLU C 42 22.54 -12.55 33.51
CA GLU C 42 23.62 -13.50 33.27
C GLU C 42 24.72 -13.34 34.30
N PHE C 43 25.03 -12.09 34.65
CA PHE C 43 26.10 -11.80 35.59
C PHE C 43 25.78 -12.37 36.96
N PHE C 44 24.53 -12.26 37.40
CA PHE C 44 24.15 -12.86 38.67
C PHE C 44 24.21 -14.37 38.64
N LEU C 45 23.99 -14.98 37.47
CA LEU C 45 24.24 -16.41 37.34
C LEU C 45 25.71 -16.72 37.56
N LYS C 46 26.59 -16.05 36.82
CA LYS C 46 28.02 -16.27 36.98
C LYS C 46 28.63 -15.51 38.15
N ALA C 47 27.81 -15.09 39.12
CA ALA C 47 28.27 -14.48 40.36
C ALA C 47 29.07 -13.21 40.08
N ALA C 48 28.43 -12.27 39.38
CA ALA C 48 29.07 -11.00 39.07
C ALA C 48 28.06 -9.86 39.04
N CYS C 49 26.99 -9.97 39.81
CA CYS C 49 25.92 -8.97 39.73
C CYS C 49 26.41 -7.64 40.29
N GLY C 50 26.44 -6.62 39.45
CA GLY C 50 26.98 -5.33 39.83
C GLY C 50 26.00 -4.39 40.49
N LYS C 51 24.75 -4.40 40.05
CA LYS C 51 23.75 -3.45 40.55
C LYS C 51 23.31 -3.75 41.96
N GLY C 52 23.70 -4.90 42.52
CA GLY C 52 23.51 -5.18 43.93
C GLY C 52 22.07 -5.22 44.40
N GLY C 53 21.33 -6.27 44.04
CA GLY C 53 20.01 -6.46 44.57
C GLY C 53 18.97 -5.60 43.90
N MET C 54 19.37 -4.37 43.55
CA MET C 54 18.55 -3.47 42.75
C MET C 54 18.82 -3.62 41.26
N CYS C 55 19.21 -4.82 40.84
CA CYS C 55 19.52 -5.04 39.43
C CYS C 55 18.27 -4.84 38.59
N PRO C 56 18.37 -4.20 37.43
CA PRO C 56 17.18 -3.98 36.60
C PRO C 56 16.63 -5.25 35.97
N PHE C 57 17.34 -6.37 36.04
CA PHE C 57 16.96 -7.59 35.37
C PHE C 57 16.74 -8.68 36.40
N ARG C 58 16.11 -9.76 35.97
CA ARG C 58 15.47 -10.69 36.89
C ARG C 58 16.52 -11.58 37.55
N HIS C 59 16.54 -11.58 38.87
CA HIS C 59 17.38 -12.49 39.65
C HIS C 59 16.65 -13.79 39.92
N ILE C 60 17.42 -14.87 40.06
CA ILE C 60 16.87 -16.21 40.12
C ILE C 60 17.38 -16.96 41.34
N SER C 61 17.65 -16.23 42.42
CA SER C 61 18.40 -16.75 43.56
C SER C 61 18.00 -18.18 43.95
N GLY C 62 16.74 -18.37 44.33
CA GLY C 62 16.33 -19.62 44.92
C GLY C 62 16.04 -20.70 43.90
N GLU C 63 15.40 -21.76 44.40
CA GLU C 63 14.77 -22.80 43.59
C GLU C 63 13.30 -22.84 43.98
N LYS C 64 12.43 -23.05 43.01
CA LYS C 64 11.00 -22.99 43.26
C LYS C 64 10.35 -24.21 42.63
N THR C 65 9.13 -24.53 43.06
CA THR C 65 8.52 -25.80 42.71
C THR C 65 7.25 -25.67 41.88
N VAL C 66 6.32 -24.80 42.28
CA VAL C 66 5.01 -24.74 41.66
C VAL C 66 4.83 -23.35 41.04
N VAL C 67 3.99 -23.29 40.01
CA VAL C 67 3.76 -22.04 39.29
C VAL C 67 3.09 -21.05 40.22
N CYS C 68 3.44 -19.77 40.05
CA CYS C 68 2.87 -18.68 40.84
C CYS C 68 1.47 -18.37 40.33
N LYS C 69 0.50 -18.41 41.23
CA LYS C 69 -0.90 -18.32 40.85
C LYS C 69 -1.29 -16.93 40.39
N HIS C 70 -0.66 -15.89 40.95
CA HIS C 70 -0.96 -14.52 40.55
C HIS C 70 -0.20 -14.14 39.30
N TRP C 71 1.02 -14.67 39.14
CA TRP C 71 1.83 -14.39 37.97
C TRP C 71 1.11 -14.73 36.68
N LEU C 72 0.29 -15.80 36.69
CA LEU C 72 -0.40 -16.21 35.47
C LEU C 72 -1.36 -15.15 34.99
N ARG C 73 -1.87 -14.32 35.88
CA ARG C 73 -2.71 -13.20 35.50
C ARG C 73 -1.95 -11.91 35.35
N GLY C 74 -0.69 -11.88 35.78
CA GLY C 74 0.13 -10.69 35.68
C GLY C 74 -0.16 -9.70 36.76
N LEU C 75 -0.21 -10.18 38.00
CA LEU C 75 -0.53 -9.32 39.14
C LEU C 75 0.34 -9.63 40.35
N CYS C 76 1.49 -10.25 40.16
CA CYS C 76 2.32 -10.62 41.31
C CYS C 76 3.16 -9.43 41.70
N LYS C 77 3.18 -9.14 43.00
CA LYS C 77 3.90 -8.01 43.56
C LYS C 77 5.22 -8.39 44.17
N LYS C 78 5.39 -9.66 44.49
CA LYS C 78 6.59 -10.17 45.14
C LYS C 78 7.67 -10.56 44.13
N GLY C 79 7.72 -9.89 42.98
CA GLY C 79 8.59 -10.33 41.91
C GLY C 79 10.03 -10.43 42.35
N ASP C 80 10.72 -11.44 41.82
CA ASP C 80 12.13 -11.73 42.08
C ASP C 80 12.32 -12.22 43.51
N GLN C 81 11.27 -12.20 44.29
CA GLN C 81 11.30 -12.70 45.66
C GLN C 81 10.07 -13.53 46.01
N CYS C 82 9.16 -13.74 45.06
CA CYS C 82 7.99 -14.58 45.29
C CYS C 82 8.44 -16.00 45.56
N GLU C 83 7.62 -16.73 46.31
CA GLU C 83 7.95 -18.11 46.65
C GLU C 83 7.70 -19.07 45.51
N PHE C 84 7.01 -18.64 44.47
CA PHE C 84 6.47 -19.56 43.48
C PHE C 84 7.04 -19.26 42.10
N LEU C 85 7.17 -20.31 41.28
CA LEU C 85 7.74 -20.16 39.96
C LEU C 85 6.97 -19.16 39.12
N HIS C 86 7.71 -18.35 38.36
CA HIS C 86 7.12 -17.53 37.31
C HIS C 86 7.41 -18.14 35.95
N GLU C 87 7.34 -19.47 35.87
CA GLU C 87 7.60 -20.21 34.65
C GLU C 87 6.34 -20.92 34.21
N TYR C 88 6.16 -20.99 32.89
CA TYR C 88 4.93 -21.48 32.27
C TYR C 88 5.09 -22.97 31.97
N ASP C 89 4.98 -23.77 33.03
CA ASP C 89 5.14 -25.22 32.93
C ASP C 89 3.91 -25.89 33.56
N MET C 90 2.97 -26.29 32.71
CA MET C 90 1.67 -26.78 33.17
C MET C 90 1.75 -28.06 33.97
N THR C 91 2.93 -28.62 34.14
CA THR C 91 3.11 -29.79 34.98
C THR C 91 3.48 -29.43 36.41
N LYS C 92 3.60 -28.13 36.71
CA LYS C 92 4.00 -27.65 38.03
C LYS C 92 3.11 -26.51 38.45
N MET C 93 1.81 -26.63 38.22
CA MET C 93 0.62 -25.84 38.47
C MET C 93 -0.07 -26.32 39.74
N PRO C 94 -0.66 -25.46 40.57
CA PRO C 94 -1.26 -25.95 41.81
C PRO C 94 -2.50 -26.80 41.53
N GLU C 95 -2.94 -27.49 42.59
CA GLU C 95 -4.04 -28.43 42.47
C GLU C 95 -5.38 -27.72 42.62
N CYS C 96 -6.37 -28.22 41.91
CA CYS C 96 -7.67 -27.56 41.88
C CYS C 96 -8.33 -27.68 43.24
N TYR C 97 -8.59 -26.53 43.87
CA TYR C 97 -9.36 -26.51 45.11
C TYR C 97 -10.75 -27.09 44.88
N PHE C 98 -11.41 -26.65 43.82
CA PHE C 98 -12.79 -27.03 43.55
C PHE C 98 -12.95 -28.50 43.23
N TYR C 99 -11.89 -29.16 42.81
CA TYR C 99 -11.93 -30.60 42.58
C TYR C 99 -11.44 -31.38 43.80
N SER C 100 -10.38 -30.91 44.44
CA SER C 100 -9.81 -31.63 45.58
C SER C 100 -10.78 -31.65 46.75
N LYS C 101 -11.49 -30.55 46.98
CA LYS C 101 -12.45 -30.55 48.09
C LYS C 101 -13.75 -31.23 47.70
N PHE C 102 -14.49 -30.65 46.75
CA PHE C 102 -15.83 -31.15 46.45
C PHE C 102 -15.76 -32.41 45.60
N GLY C 103 -15.30 -32.28 44.36
CA GLY C 103 -15.22 -33.41 43.47
C GLY C 103 -15.85 -33.15 42.11
N GLU C 104 -16.04 -31.88 41.77
CA GLU C 104 -16.59 -31.53 40.46
C GLU C 104 -16.16 -30.11 40.11
N CYS C 105 -15.21 -30.00 39.19
CA CYS C 105 -14.74 -28.69 38.75
C CYS C 105 -15.72 -28.12 37.72
N SER C 106 -16.05 -26.85 37.88
CA SER C 106 -16.95 -26.21 36.92
C SER C 106 -16.22 -25.70 35.69
N ASN C 107 -14.90 -25.60 35.72
CA ASN C 107 -14.15 -25.11 34.57
C ASN C 107 -13.88 -26.27 33.62
N LYS C 108 -14.51 -26.22 32.44
CA LYS C 108 -14.20 -27.19 31.40
C LYS C 108 -12.72 -27.12 31.04
N GLU C 109 -12.21 -25.92 30.84
CA GLU C 109 -10.79 -25.68 30.59
C GLU C 109 -10.12 -25.20 31.89
N CYS C 110 -10.03 -26.12 32.84
CA CYS C 110 -9.45 -25.80 34.14
C CYS C 110 -7.95 -26.01 34.09
N PRO C 111 -7.12 -24.97 34.17
CA PRO C 111 -5.68 -25.16 34.12
C PRO C 111 -5.09 -25.77 35.36
N PHE C 112 -5.88 -26.01 36.39
CA PHE C 112 -5.33 -26.52 37.64
C PHE C 112 -5.36 -28.05 37.64
N LEU C 113 -4.33 -28.64 38.24
CA LEU C 113 -4.15 -30.09 38.23
C LEU C 113 -5.23 -30.73 39.09
N HIS C 114 -6.15 -31.45 38.45
CA HIS C 114 -7.26 -32.04 39.20
C HIS C 114 -6.80 -33.16 40.11
N ILE C 115 -6.09 -34.15 39.57
CA ILE C 115 -5.72 -35.35 40.31
C ILE C 115 -6.98 -36.05 40.82
ZN ZN E . 21.55 -9.20 38.36
ZN ZN F . 4.99 -14.58 42.18
ZN ZN G . -10.56 -27.94 38.35
#